data_4KTV
#
_entry.id   4KTV
#
_cell.length_a   72.090
_cell.length_b   116.570
_cell.length_c   299.480
_cell.angle_alpha   90.00
_cell.angle_beta   90.00
_cell.angle_gamma   90.00
#
_symmetry.space_group_name_H-M   'P 21 21 21'
#
loop_
_entity.id
_entity.type
_entity.pdbx_description
1 polymer 'S-adenosylmethionine synthase isoform type-2'
2 polymer 'Methionine adenosyltransferase 2 subunit beta'
3 non-polymer 1,2-ETHANEDIOL
4 non-polymer ADENOSINE
5 non-polymer 'PHOSPHATE ION'
6 non-polymer 'PYROPHOSPHATE 2-'
7 non-polymer 'MAGNESIUM ION'
8 water water
#
loop_
_entity_poly.entity_id
_entity_poly.type
_entity_poly.pdbx_seq_one_letter_code
_entity_poly.pdbx_strand_id
1 'polypeptide(L)'
;SMNGQLNGFHEAFIEEGTFLFTSESVGEGHPDKICDQISDAVLDAHLQQDPDAKVACETVAKTGMILLAGEITSRAAVDY
QKVVREAVKHIGYDDSSKGFDYKTCNVLVALEQQSPDIAQGVHLDRNEEDIGAGDQGLMFGYATDETEECMPLTIVLAHK
LNAKLAELRRNGTLPWLRPDSKTQVTVQYMQDRGAVLPIRVHTIVISVQHDEEVCLDEMRDALKEKVIKAVVPAKYLDED
TIYHLQPSGRFVIGGPQGDAGLTGRKIIVDTYGGWGAHGGGAFSGKDYTKVDRSAAYAARWVAKSLVKGGLCRRVLVQVS
YAIGVSHPLSISIFHYGTSQKSERELLEIVKKNFDLRPGVIVRDLDLKKPIYQRTAAYGHFGRDSFPWEVPKKLKY
;
A,B,C,D
2 'polypeptide(L)'
;GSHMMPEMPEDMEQEEVNIPNRRVLVTGATGLLGRAVHKEFQQNNWHAVGCGFRRARPKFEQVNLLDSNAVHHIIHDFQP
HVIVHCAAERRPDVVENQPDAASQLNVDASGNLAKEAAAVGAFLIYISSDYVFDGTNPPYREEDIPAPLNLYGKTKLDGE
KAVLENNLGAAVLRIPILYGEVEKLEESAVTVMFDKVQFSNKSANMDHWQQRFPTHVKDVATVCRQLAEKRMLDPSIKGT
FHWSGNEQMTKYEMACAIADAFNLPSSHLRPITDSPVLGAQRPRNAQLDCSKLETLGIGQRTPFRIGIKESLWPFLIDKR
WRQTVFH
;
E,F
#
loop_
_chem_comp.id
_chem_comp.type
_chem_comp.name
_chem_comp.formula
ADN non-polymer ADENOSINE 'C10 H13 N5 O4'
EDO non-polymer 1,2-ETHANEDIOL 'C2 H6 O2'
MG non-polymer 'MAGNESIUM ION' 'Mg 2'
PO4 non-polymer 'PHOSPHATE ION' 'O4 P -3'
POP non-polymer 'PYROPHOSPHATE 2-' 'H2 O7 P2 -2'
#
# COMPACT_ATOMS: atom_id res chain seq x y z
N GLU A 16 48.94 9.98 -27.96
CA GLU A 16 48.89 10.94 -26.83
C GLU A 16 49.20 10.25 -25.50
N GLY A 17 48.22 9.51 -24.99
CA GLY A 17 48.19 9.16 -23.57
C GLY A 17 47.34 10.17 -22.80
N THR A 18 46.33 10.72 -23.50
CA THR A 18 45.30 11.55 -22.89
C THR A 18 43.97 10.80 -22.94
N PHE A 19 43.21 10.88 -21.85
CA PHE A 19 41.93 10.21 -21.81
C PHE A 19 40.84 10.96 -21.04
N LEU A 20 39.61 10.51 -21.23
CA LEU A 20 38.50 11.03 -20.49
C LEU A 20 38.04 10.02 -19.48
N PHE A 21 37.41 10.53 -18.44
CA PHE A 21 36.77 9.73 -17.43
C PHE A 21 35.76 10.61 -16.73
N THR A 22 34.61 10.03 -16.44
CA THR A 22 33.47 10.76 -15.92
C THR A 22 33.03 10.10 -14.62
N SER A 23 32.53 10.92 -13.70
CA SER A 23 31.88 10.43 -12.48
C SER A 23 30.70 11.33 -12.15
N GLU A 24 29.79 10.85 -11.28
CA GLU A 24 28.59 11.61 -10.91
C GLU A 24 28.40 11.64 -9.40
N SER A 25 27.71 12.69 -8.92
CA SER A 25 27.09 12.66 -7.59
C SER A 25 25.68 13.24 -7.63
N VAL A 26 24.98 13.10 -6.52
CA VAL A 26 23.64 13.59 -6.39
C VAL A 26 23.56 14.43 -5.13
N GLY A 27 22.60 15.35 -5.11
CA GLY A 27 22.34 16.16 -3.93
C GLY A 27 21.58 15.41 -2.85
N GLU A 28 21.56 16.00 -1.66
CA GLU A 28 20.83 15.48 -0.49
C GLU A 28 19.38 15.15 -0.78
N GLY A 29 18.74 15.94 -1.63
CA GLY A 29 17.33 15.80 -1.92
C GLY A 29 16.92 14.68 -2.87
N HIS A 30 17.88 14.07 -3.57
CA HIS A 30 17.57 12.96 -4.50
C HIS A 30 16.91 11.77 -3.79
N PRO A 31 15.81 11.22 -4.36
CA PRO A 31 15.00 10.20 -3.66
C PRO A 31 15.77 8.96 -3.21
N ASP A 32 16.67 8.48 -4.06
CA ASP A 32 17.55 7.37 -3.71
C ASP A 32 18.48 7.76 -2.56
N LYS A 33 18.80 9.04 -2.42
CA LYS A 33 19.74 9.46 -1.39
C LYS A 33 19.02 9.89 -0.10
N ILE A 34 17.89 10.56 -0.26
CA ILE A 34 16.94 10.70 0.82
C ILE A 34 16.88 9.37 1.56
N CYS A 35 16.61 8.29 0.83
CA CYS A 35 16.51 6.98 1.47
C CYS A 35 17.77 6.62 2.27
N ASP A 36 18.94 6.78 1.64
CA ASP A 36 20.23 6.45 2.28
C ASP A 36 20.42 7.24 3.60
N GLN A 37 20.08 8.53 3.61
CA GLN A 37 20.14 9.33 4.84
C GLN A 37 19.21 8.78 5.94
N ILE A 38 17.98 8.42 5.57
CA ILE A 38 16.96 7.98 6.53
C ILE A 38 17.32 6.62 7.10
N SER A 39 17.96 5.79 6.30
CA SER A 39 18.34 4.48 6.80
C SER A 39 19.44 4.61 7.84
N ASP A 40 20.36 5.56 7.66
CA ASP A 40 21.43 5.81 8.63
C ASP A 40 21.02 6.77 9.72
N ALA A 41 19.99 7.57 9.47
CA ALA A 41 19.32 8.28 10.55
C ALA A 41 18.71 7.30 11.55
N VAL A 42 17.99 6.32 11.01
CA VAL A 42 17.41 5.29 11.83
C VAL A 42 18.49 4.46 12.55
N LEU A 43 19.65 4.28 11.93
CA LEU A 43 20.79 3.60 12.57
C LEU A 43 21.38 4.44 13.70
N ASP A 44 21.77 5.67 13.40
CA ASP A 44 22.12 6.63 14.43
C ASP A 44 21.15 6.51 15.60
N ALA A 45 19.85 6.69 15.33
CA ALA A 45 18.86 6.69 16.40
C ALA A 45 18.94 5.46 17.35
N HIS A 46 19.19 4.27 16.80
CA HIS A 46 19.24 3.03 17.61
C HIS A 46 20.52 2.91 18.44
N LEU A 47 21.66 3.27 17.87
CA LEU A 47 22.95 3.14 18.55
C LEU A 47 23.06 4.17 19.66
N GLN A 48 22.50 5.34 19.42
CA GLN A 48 22.43 6.40 20.42
C GLN A 48 21.76 5.92 21.70
N GLN A 49 21.03 4.81 21.63
CA GLN A 49 20.56 4.10 22.83
C GLN A 49 21.40 2.84 23.06
N ASP A 50 21.06 1.73 22.40
CA ASP A 50 21.87 0.49 22.48
C ASP A 50 23.01 0.58 21.46
N PRO A 51 24.29 0.69 21.93
CA PRO A 51 25.35 0.83 20.93
C PRO A 51 25.78 -0.50 20.28
N ASP A 52 25.17 -1.61 20.70
CA ASP A 52 25.34 -2.92 20.05
C ASP A 52 24.13 -3.32 19.21
N ALA A 53 23.39 -2.34 18.68
CA ALA A 53 22.21 -2.64 17.88
C ALA A 53 22.60 -3.27 16.56
N LYS A 54 21.76 -4.17 16.06
CA LYS A 54 21.98 -4.87 14.80
C LYS A 54 20.89 -4.40 13.83
N VAL A 55 21.29 -3.89 12.66
CA VAL A 55 20.35 -3.13 11.83
C VAL A 55 20.56 -3.34 10.31
N ALA A 56 19.49 -3.68 9.61
CA ALA A 56 19.47 -3.68 8.13
C ALA A 56 18.21 -2.93 7.68
N CYS A 57 18.29 -1.61 7.76
CA CYS A 57 17.13 -0.75 7.57
C CYS A 57 17.04 -0.21 6.16
N GLU A 58 16.06 -0.71 5.41
CA GLU A 58 15.78 -0.21 4.08
C GLU A 58 14.81 0.93 4.20
N THR A 59 14.79 1.78 3.18
CA THR A 59 13.87 2.88 3.12
C THR A 59 13.46 3.00 1.67
N VAL A 60 12.15 3.07 1.42
CA VAL A 60 11.62 3.34 0.10
C VAL A 60 10.95 4.68 0.18
N ALA A 61 11.26 5.56 -0.75
CA ALA A 61 10.61 6.86 -0.81
C ALA A 61 9.90 7.08 -2.13
N LYS A 62 8.62 7.43 -2.07
CA LYS A 62 7.82 7.70 -3.26
C LYS A 62 6.71 8.71 -2.89
N THR A 63 6.20 9.45 -3.87
CA THR A 63 5.19 10.52 -3.65
C THR A 63 4.44 10.40 -2.33
N GLY A 64 4.84 11.21 -1.35
CA GLY A 64 4.15 11.29 -0.07
C GLY A 64 4.36 10.13 0.88
N MET A 65 5.27 9.22 0.56
CA MET A 65 5.46 8.03 1.37
C MET A 65 6.91 7.88 1.81
N ILE A 66 7.11 7.45 3.04
CA ILE A 66 8.38 6.86 3.45
C ILE A 66 8.06 5.53 4.11
N LEU A 67 8.56 4.46 3.49
CA LEU A 67 8.39 3.12 4.00
C LEU A 67 9.73 2.63 4.55
N LEU A 68 9.72 2.21 5.82
CA LEU A 68 10.87 1.56 6.46
C LEU A 68 10.68 0.03 6.46
N ALA A 69 11.70 -0.71 6.05
CA ALA A 69 11.62 -2.18 5.97
C ALA A 69 12.88 -2.89 6.47
N GLY A 70 12.72 -4.16 6.88
CA GLY A 70 13.85 -5.05 7.15
C GLY A 70 14.18 -5.29 8.60
N GLU A 71 14.89 -6.39 8.87
CA GLU A 71 15.20 -6.82 10.25
C GLU A 71 15.98 -5.77 11.07
N ILE A 72 15.62 -5.69 12.35
CA ILE A 72 16.39 -4.98 13.38
C ILE A 72 16.44 -5.89 14.61
N THR A 73 17.52 -5.76 15.40
CA THR A 73 17.57 -6.28 16.76
C THR A 73 18.10 -5.16 17.63
N SER A 74 17.33 -4.73 18.62
CA SER A 74 17.82 -3.68 19.48
C SER A 74 17.17 -3.71 20.85
N ARG A 75 17.75 -2.93 21.73
CA ARG A 75 17.23 -2.71 23.06
C ARG A 75 16.55 -1.35 23.09
N ALA A 76 16.59 -0.65 21.95
CA ALA A 76 16.21 0.75 21.91
C ALA A 76 14.73 0.92 21.65
N ALA A 77 14.18 2.06 22.05
CA ALA A 77 12.87 2.50 21.60
C ALA A 77 13.14 3.73 20.77
N VAL A 78 12.75 3.67 19.50
CA VAL A 78 13.01 4.72 18.53
C VAL A 78 11.68 5.24 18.02
N ASP A 79 11.45 6.54 18.09
CA ASP A 79 10.22 7.10 17.58
C ASP A 79 10.46 7.38 16.14
N TYR A 80 10.25 6.38 15.31
CA TYR A 80 10.55 6.50 13.90
C TYR A 80 9.91 7.75 13.30
N GLN A 81 8.72 8.10 13.74
CA GLN A 81 8.09 9.30 13.21
C GLN A 81 9.02 10.50 13.34
N LYS A 82 9.57 10.69 14.54
CA LYS A 82 10.54 11.74 14.85
C LYS A 82 11.78 11.65 13.93
N VAL A 83 12.33 10.44 13.79
CA VAL A 83 13.55 10.23 13.04
C VAL A 83 13.33 10.57 11.57
N VAL A 84 12.37 9.87 10.96
CA VAL A 84 12.01 10.06 9.55
C VAL A 84 11.84 11.55 9.26
N ARG A 85 10.88 12.18 9.95
CA ARG A 85 10.54 13.56 9.68
C ARG A 85 11.68 14.53 9.95
N GLU A 86 12.49 14.29 10.99
CA GLU A 86 13.62 15.20 11.28
C GLU A 86 14.68 15.19 10.16
N ALA A 87 14.90 14.03 9.54
CA ALA A 87 15.73 13.94 8.34
C ALA A 87 15.09 14.69 7.16
N VAL A 88 13.84 14.40 6.85
CA VAL A 88 13.18 15.07 5.72
C VAL A 88 13.18 16.58 5.92
N LYS A 89 12.88 17.03 7.15
CA LYS A 89 12.92 18.46 7.48
C LYS A 89 14.28 19.02 7.16
N HIS A 90 15.32 18.36 7.67
CA HIS A 90 16.69 18.74 7.42
C HIS A 90 17.00 18.83 5.93
N ILE A 91 16.67 17.79 5.19
CA ILE A 91 16.95 17.75 3.75
C ILE A 91 16.27 18.91 3.03
N GLY A 92 15.15 19.36 3.59
CA GLY A 92 14.51 20.62 3.19
C GLY A 92 13.20 20.50 2.41
N TYR A 93 12.45 19.42 2.65
CA TYR A 93 11.15 19.20 2.02
C TYR A 93 10.03 19.46 3.02
N ASP A 94 9.54 20.70 3.03
CA ASP A 94 8.64 21.18 4.11
C ASP A 94 7.30 21.75 3.64
N ASP A 95 7.06 21.81 2.33
CA ASP A 95 5.78 22.31 1.82
C ASP A 95 5.33 21.56 0.59
N SER A 96 4.02 21.41 0.42
CA SER A 96 3.46 20.63 -0.69
C SER A 96 3.96 21.13 -2.03
N SER A 97 4.31 22.41 -2.12
CA SER A 97 4.78 23.01 -3.37
C SER A 97 6.10 22.39 -3.89
N LYS A 98 6.96 21.91 -2.99
CA LYS A 98 8.22 21.28 -3.40
C LYS A 98 8.02 19.81 -3.78
N GLY A 99 6.84 19.26 -3.49
CA GLY A 99 6.52 17.89 -3.82
C GLY A 99 6.53 17.00 -2.60
N PHE A 100 6.91 17.58 -1.46
CA PHE A 100 7.10 16.79 -0.25
C PHE A 100 7.15 17.64 1.00
N ASP A 101 6.72 17.05 2.11
CA ASP A 101 6.61 17.75 3.37
C ASP A 101 6.69 16.76 4.53
N TYR A 102 7.67 16.95 5.41
CA TYR A 102 7.82 16.13 6.59
C TYR A 102 6.64 16.29 7.57
N LYS A 103 5.89 17.39 7.44
CA LYS A 103 4.70 17.59 8.27
C LYS A 103 3.50 16.69 7.87
N THR A 104 3.40 16.30 6.60
CA THR A 104 2.28 15.52 6.07
C THR A 104 2.63 14.10 5.57
N CYS A 105 3.85 13.95 5.05
CA CYS A 105 4.27 12.68 4.46
C CYS A 105 3.88 11.49 5.34
N ASN A 106 3.40 10.43 4.68
CA ASN A 106 2.97 9.20 5.34
C ASN A 106 4.20 8.39 5.69
N VAL A 107 4.22 7.84 6.90
CA VAL A 107 5.36 7.06 7.36
C VAL A 107 4.89 5.67 7.73
N LEU A 108 5.01 4.74 6.80
CA LEU A 108 4.70 3.34 7.09
C LEU A 108 5.97 2.73 7.61
N VAL A 109 5.79 1.67 8.40
CA VAL A 109 6.89 1.01 9.06
C VAL A 109 6.65 -0.48 9.10
N ALA A 110 7.61 -1.25 8.61
CA ALA A 110 7.44 -2.69 8.45
C ALA A 110 8.66 -3.44 8.98
N LEU A 111 9.37 -2.83 9.95
CA LEU A 111 10.62 -3.40 10.46
C LEU A 111 10.36 -4.60 11.40
N GLU A 112 11.23 -5.59 11.34
CA GLU A 112 11.04 -6.80 12.12
C GLU A 112 12.07 -6.93 13.24
N GLN A 113 11.89 -6.03 14.21
CA GLN A 113 12.69 -5.91 15.41
C GLN A 113 12.70 -7.17 16.30
N GLN A 114 13.70 -7.27 17.16
CA GLN A 114 13.74 -8.28 18.22
C GLN A 114 14.50 -7.71 19.40
N SER A 115 14.59 -8.46 20.49
CA SER A 115 15.11 -7.90 21.74
C SER A 115 15.88 -8.97 22.53
N PRO A 116 17.22 -8.93 22.47
CA PRO A 116 18.01 -10.07 22.92
C PRO A 116 18.07 -10.18 24.45
N GLN A 136 33.36 -14.02 4.22
CA GLN A 136 32.48 -14.56 3.20
C GLN A 136 32.98 -14.14 1.81
N GLY A 137 33.33 -12.87 1.67
CA GLY A 137 33.72 -12.30 0.38
C GLY A 137 34.79 -11.23 0.45
N LEU A 138 34.63 -10.19 -0.36
CA LEU A 138 35.75 -9.39 -0.87
C LEU A 138 35.50 -7.87 -0.84
N MET A 139 36.44 -7.13 -0.26
CA MET A 139 36.35 -5.66 -0.10
C MET A 139 37.47 -4.92 -0.80
N PHE A 140 37.17 -3.72 -1.30
CA PHE A 140 38.14 -2.91 -2.01
C PHE A 140 38.32 -1.53 -1.40
N GLY A 141 39.58 -1.11 -1.34
CA GLY A 141 39.94 0.24 -0.96
C GLY A 141 40.73 0.87 -2.10
N TYR A 142 40.64 2.20 -2.21
CA TYR A 142 41.35 2.94 -3.24
C TYR A 142 41.78 4.23 -2.64
N ALA A 143 42.89 4.74 -3.16
CA ALA A 143 43.34 6.10 -2.91
C ALA A 143 44.17 6.55 -4.09
N THR A 144 44.22 7.86 -4.32
CA THR A 144 45.01 8.45 -5.41
C THR A 144 45.67 9.74 -4.99
N ASP A 145 46.79 10.04 -5.62
CA ASP A 145 47.59 11.24 -5.32
C ASP A 145 47.08 12.51 -5.99
N GLU A 146 45.96 12.46 -6.68
CA GLU A 146 45.56 13.55 -7.58
C GLU A 146 44.81 14.70 -6.89
N THR A 147 44.47 14.52 -5.60
CA THR A 147 43.79 15.54 -4.77
C THR A 147 44.13 15.45 -3.29
N GLU A 148 43.97 16.58 -2.60
CA GLU A 148 44.24 16.72 -1.15
C GLU A 148 43.54 15.63 -0.33
N GLU A 149 42.45 15.09 -0.87
CA GLU A 149 41.62 14.12 -0.16
C GLU A 149 41.84 12.70 -0.66
N CYS A 150 42.82 12.53 -1.55
CA CYS A 150 43.16 11.25 -2.17
C CYS A 150 41.99 10.59 -2.86
N MET A 151 41.20 11.38 -3.58
CA MET A 151 40.06 10.85 -4.33
C MET A 151 40.09 11.21 -5.82
N PRO A 152 39.60 10.30 -6.65
CA PRO A 152 39.59 10.63 -8.07
C PRO A 152 38.92 11.96 -8.28
N LEU A 153 39.62 12.92 -8.87
CA LEU A 153 39.06 14.26 -9.07
C LEU A 153 37.61 14.24 -9.61
N THR A 154 37.31 13.34 -10.55
CA THR A 154 35.97 13.30 -11.15
C THR A 154 34.87 13.39 -10.11
N ILE A 155 34.91 12.55 -9.07
CA ILE A 155 33.82 12.53 -8.08
C ILE A 155 33.97 13.59 -7.00
N VAL A 156 35.19 14.02 -6.71
CA VAL A 156 35.40 15.07 -5.74
C VAL A 156 34.58 16.29 -6.15
N LEU A 157 34.88 16.84 -7.33
CA LEU A 157 34.13 18.00 -7.85
C LEU A 157 32.61 17.76 -7.92
N ALA A 158 32.21 16.56 -8.35
CA ALA A 158 30.80 16.18 -8.43
C ALA A 158 30.07 16.31 -7.08
N HIS A 159 30.70 15.80 -6.02
CA HIS A 159 30.21 15.99 -4.65
C HIS A 159 30.17 17.47 -4.27
N LYS A 160 31.26 18.19 -4.49
CA LYS A 160 31.37 19.58 -4.05
C LYS A 160 30.31 20.48 -4.66
N LEU A 161 29.89 20.15 -5.88
CA LEU A 161 28.87 20.92 -6.57
C LEU A 161 27.52 20.74 -5.86
N ASN A 162 27.16 19.49 -5.58
CA ASN A 162 25.91 19.23 -4.85
C ASN A 162 25.90 19.86 -3.45
N ALA A 163 27.01 19.77 -2.74
CA ALA A 163 27.14 20.34 -1.40
C ALA A 163 27.13 21.85 -1.44
N LYS A 164 27.76 22.40 -2.47
CA LYS A 164 27.73 23.85 -2.71
C LYS A 164 26.32 24.35 -2.98
N LEU A 165 25.58 23.67 -3.84
CA LEU A 165 24.18 24.00 -4.07
C LEU A 165 23.40 24.06 -2.76
N ALA A 166 23.45 22.96 -2.01
CA ALA A 166 22.76 22.82 -0.73
C ALA A 166 23.11 23.95 0.20
N GLU A 167 24.39 24.25 0.30
CA GLU A 167 24.87 25.40 1.06
C GLU A 167 24.17 26.72 0.64
N LEU A 168 24.22 27.03 -0.66
CA LEU A 168 23.59 28.23 -1.22
C LEU A 168 22.09 28.25 -1.03
N ARG A 169 21.46 27.08 -1.14
CA ARG A 169 20.03 26.92 -0.85
C ARG A 169 19.78 27.34 0.59
N ARG A 170 20.63 26.86 1.50
CA ARG A 170 20.43 27.04 2.95
C ARG A 170 20.84 28.41 3.48
N ASN A 171 21.68 29.16 2.75
CA ASN A 171 21.87 30.60 3.02
C ASN A 171 20.65 31.34 2.69
N GLY A 172 20.00 30.92 1.60
CA GLY A 172 19.08 31.75 0.87
C GLY A 172 19.88 32.75 0.07
N THR A 173 20.97 32.27 -0.53
CA THR A 173 21.74 33.07 -1.46
C THR A 173 21.14 32.83 -2.82
N LEU A 174 20.90 31.55 -3.09
CA LEU A 174 20.04 31.10 -4.16
C LEU A 174 18.79 30.49 -3.51
N PRO A 175 17.77 31.35 -3.25
CA PRO A 175 16.57 30.93 -2.53
C PRO A 175 15.60 30.16 -3.42
N TRP A 176 15.84 30.21 -4.74
CA TRP A 176 15.02 29.51 -5.71
C TRP A 176 15.48 28.07 -5.87
N LEU A 177 16.46 27.64 -5.07
CA LEU A 177 16.94 26.27 -5.13
C LEU A 177 15.95 25.35 -4.46
N ARG A 178 15.99 24.07 -4.82
CA ARG A 178 15.26 23.05 -4.08
C ARG A 178 16.15 21.81 -3.83
N PRO A 179 15.67 20.87 -3.01
CA PRO A 179 16.62 19.90 -2.46
C PRO A 179 17.25 18.95 -3.47
N ASP A 180 16.42 18.35 -4.33
CA ASP A 180 16.87 17.37 -5.35
C ASP A 180 17.76 18.02 -6.41
N SER A 181 18.92 17.42 -6.65
CA SER A 181 19.83 17.90 -7.70
C SER A 181 20.70 16.76 -8.18
N LYS A 182 21.50 17.00 -9.21
CA LYS A 182 22.42 15.99 -9.72
C LYS A 182 23.58 16.62 -10.48
N THR A 183 24.76 15.98 -10.41
CA THR A 183 25.96 16.51 -11.02
C THR A 183 26.86 15.43 -11.58
N GLN A 184 27.50 15.75 -12.70
CA GLN A 184 28.40 14.83 -13.36
C GLN A 184 29.60 15.60 -13.91
N VAL A 185 30.80 15.09 -13.67
CA VAL A 185 32.02 15.80 -14.07
C VAL A 185 32.95 14.89 -14.82
N THR A 186 33.21 15.27 -16.06
CA THR A 186 34.12 14.56 -16.96
C THR A 186 35.47 15.27 -16.95
N VAL A 187 36.50 14.58 -16.45
CA VAL A 187 37.82 15.16 -16.39
C VAL A 187 38.63 14.59 -17.55
N GLN A 188 39.53 15.43 -18.06
CA GLN A 188 40.51 15.01 -19.04
C GLN A 188 41.82 14.73 -18.34
N TYR A 189 42.22 13.47 -18.30
CA TYR A 189 43.39 13.03 -17.59
C TYR A 189 44.53 12.76 -18.53
N MET A 190 45.73 12.69 -17.97
CA MET A 190 46.86 12.15 -18.67
C MET A 190 47.36 10.99 -17.86
N GLN A 191 47.72 9.90 -18.55
CA GLN A 191 48.38 8.78 -17.90
C GLN A 191 49.82 9.25 -17.61
N ASP A 192 50.35 8.95 -16.43
CA ASP A 192 51.75 9.27 -16.10
C ASP A 192 52.35 8.26 -15.12
N ARG A 193 53.17 7.35 -15.64
CA ARG A 193 53.94 6.40 -14.81
C ARG A 193 53.05 5.72 -13.76
N GLY A 194 51.93 5.17 -14.22
CA GLY A 194 50.99 4.47 -13.36
C GLY A 194 49.97 5.33 -12.64
N ALA A 195 50.26 6.63 -12.49
CA ALA A 195 49.37 7.55 -11.78
C ALA A 195 48.50 8.28 -12.80
N VAL A 196 47.53 9.06 -12.34
CA VAL A 196 46.76 9.87 -13.28
C VAL A 196 46.83 11.35 -12.94
N LEU A 197 47.06 12.17 -13.96
CA LEU A 197 47.26 13.62 -13.84
C LEU A 197 46.02 14.33 -14.37
N PRO A 198 45.26 15.01 -13.50
CA PRO A 198 44.11 15.76 -14.03
C PRO A 198 44.59 17.01 -14.74
N ILE A 199 44.25 17.15 -16.01
CA ILE A 199 44.68 18.29 -16.81
C ILE A 199 43.62 19.39 -16.94
N ARG A 200 42.39 18.99 -17.19
CA ARG A 200 41.30 19.97 -17.19
C ARG A 200 39.95 19.32 -16.95
N VAL A 201 39.00 20.17 -16.59
CA VAL A 201 37.62 19.80 -16.60
C VAL A 201 37.18 19.99 -18.04
N HIS A 202 36.48 18.98 -18.56
CA HIS A 202 36.11 18.86 -19.98
C HIS A 202 34.62 19.05 -20.18
N THR A 203 33.82 18.44 -19.31
CA THR A 203 32.36 18.58 -19.34
C THR A 203 31.78 18.51 -17.92
N ILE A 204 30.90 19.45 -17.60
CA ILE A 204 30.19 19.46 -16.32
C ILE A 204 28.70 19.48 -16.59
N VAL A 205 27.96 18.68 -15.85
CA VAL A 205 26.51 18.67 -15.94
C VAL A 205 25.92 18.94 -14.57
N ILE A 206 24.94 19.84 -14.51
CA ILE A 206 24.17 20.09 -13.28
C ILE A 206 22.70 20.16 -13.59
N SER A 207 21.88 19.37 -12.91
CA SER A 207 20.45 19.58 -12.96
C SER A 207 19.93 19.67 -11.54
N VAL A 208 19.26 20.75 -11.20
CA VAL A 208 18.71 20.93 -9.85
C VAL A 208 17.25 21.38 -9.87
N GLN A 209 16.47 20.82 -8.94
CA GLN A 209 15.07 21.16 -8.80
C GLN A 209 14.97 22.62 -8.41
N HIS A 210 14.06 23.35 -9.05
CA HIS A 210 13.90 24.80 -8.78
C HIS A 210 12.44 25.19 -8.58
N ASP A 211 12.19 26.47 -8.30
CA ASP A 211 10.82 26.97 -8.18
C ASP A 211 10.28 27.40 -9.54
N GLU A 212 9.00 27.75 -9.57
CA GLU A 212 8.33 28.12 -10.81
C GLU A 212 8.45 29.62 -11.10
N GLU A 213 9.04 30.38 -10.19
CA GLU A 213 9.28 31.80 -10.43
C GLU A 213 10.50 31.97 -11.35
N VAL A 214 11.70 31.74 -10.80
CA VAL A 214 12.98 32.07 -11.48
C VAL A 214 13.15 31.61 -12.95
N CYS A 215 13.57 32.55 -13.79
CA CYS A 215 13.73 32.31 -15.24
C CYS A 215 14.98 31.49 -15.54
N LEU A 216 15.03 30.94 -16.74
CA LEU A 216 16.00 29.91 -17.06
C LEU A 216 17.43 30.42 -17.13
N ASP A 217 17.59 31.65 -17.64
CA ASP A 217 18.91 32.23 -17.80
C ASP A 217 19.54 32.56 -16.46
N GLU A 218 18.76 33.16 -15.57
CA GLU A 218 19.22 33.48 -14.22
C GLU A 218 19.81 32.25 -13.52
N MET A 219 19.18 31.08 -13.72
CA MET A 219 19.63 29.83 -13.09
C MET A 219 20.94 29.33 -13.69
N ARG A 220 21.03 29.31 -15.02
CA ARG A 220 22.23 28.81 -15.67
C ARG A 220 23.40 29.77 -15.54
N ASP A 221 23.09 31.05 -15.36
CA ASP A 221 24.11 32.08 -15.12
C ASP A 221 24.59 32.03 -13.66
N ALA A 222 23.74 31.51 -12.79
CA ALA A 222 24.06 31.35 -11.37
C ALA A 222 24.82 30.07 -11.10
N LEU A 223 24.42 29.01 -11.79
CA LEU A 223 25.09 27.71 -11.68
C LEU A 223 26.55 27.80 -12.13
N LYS A 224 26.80 28.58 -13.17
CA LYS A 224 28.16 28.78 -13.63
C LYS A 224 28.97 29.61 -12.61
N GLU A 225 28.59 30.86 -12.34
CA GLU A 225 29.45 31.75 -11.51
C GLU A 225 29.42 31.44 -10.01
N LYS A 226 28.27 31.52 -9.36
CA LYS A 226 28.18 31.30 -7.89
C LYS A 226 28.42 29.85 -7.43
N VAL A 227 28.20 28.88 -8.31
CA VAL A 227 28.43 27.46 -7.99
C VAL A 227 29.75 26.98 -8.63
N ILE A 228 29.74 26.64 -9.91
CA ILE A 228 30.87 25.94 -10.52
C ILE A 228 32.19 26.68 -10.33
N LYS A 229 32.18 28.00 -10.49
CA LYS A 229 33.41 28.79 -10.40
C LYS A 229 33.89 28.93 -8.97
N ALA A 230 32.98 28.80 -8.01
CA ALA A 230 33.32 28.72 -6.59
C ALA A 230 33.96 27.39 -6.21
N VAL A 231 33.56 26.33 -6.91
CA VAL A 231 33.97 24.98 -6.55
C VAL A 231 35.26 24.56 -7.25
N VAL A 232 35.39 24.89 -8.53
CA VAL A 232 36.47 24.35 -9.36
C VAL A 232 37.68 25.28 -9.49
N PRO A 233 38.88 24.75 -9.23
CA PRO A 233 40.12 25.48 -9.45
C PRO A 233 40.18 26.06 -10.85
N ALA A 234 40.48 27.35 -10.91
CA ALA A 234 40.39 28.10 -12.16
C ALA A 234 41.29 27.54 -13.23
N LYS A 235 42.35 26.85 -12.82
CA LYS A 235 43.29 26.24 -13.76
C LYS A 235 42.65 25.12 -14.56
N TYR A 236 41.69 24.42 -13.97
CA TYR A 236 41.05 23.29 -14.63
C TYR A 236 39.93 23.76 -15.53
N LEU A 237 39.50 25.01 -15.36
CA LEU A 237 38.48 25.59 -16.22
C LEU A 237 39.10 26.45 -17.31
N ASP A 238 38.51 26.39 -18.49
CA ASP A 238 38.88 27.26 -19.58
C ASP A 238 37.64 27.46 -20.44
N GLU A 239 37.83 28.05 -21.62
CA GLU A 239 36.69 28.44 -22.45
C GLU A 239 36.20 27.32 -23.39
N ASP A 240 36.80 26.14 -23.34
CA ASP A 240 36.29 24.96 -24.06
C ASP A 240 35.52 24.00 -23.16
N THR A 241 35.60 24.21 -21.86
CA THR A 241 34.94 23.36 -20.91
C THR A 241 33.44 23.39 -21.20
N ILE A 242 32.87 22.23 -21.50
CA ILE A 242 31.48 22.12 -21.99
C ILE A 242 30.47 22.10 -20.83
N TYR A 243 29.51 23.03 -20.86
CA TYR A 243 28.55 23.19 -19.77
C TYR A 243 27.16 22.71 -20.16
N HIS A 244 26.61 21.77 -19.40
CA HIS A 244 25.22 21.37 -19.54
C HIS A 244 24.49 21.78 -18.25
N LEU A 245 24.02 23.03 -18.22
CA LEU A 245 23.35 23.57 -17.03
C LEU A 245 21.83 23.60 -17.21
N GLN A 246 21.15 22.72 -16.46
CA GLN A 246 19.74 22.39 -16.62
C GLN A 246 19.44 21.91 -18.02
N PRO A 247 20.19 20.89 -18.49
CA PRO A 247 19.98 20.35 -19.83
C PRO A 247 18.64 19.66 -19.97
N SER A 248 18.01 19.36 -18.83
CA SER A 248 16.63 18.87 -18.76
C SER A 248 15.60 19.90 -19.20
N GLY A 249 15.97 21.18 -19.08
CA GLY A 249 15.16 22.29 -19.56
C GLY A 249 14.33 22.93 -18.48
N ARG A 250 13.84 22.13 -17.56
CA ARG A 250 12.93 22.60 -16.54
C ARG A 250 12.82 21.47 -15.53
N PHE A 251 13.07 21.80 -14.26
CA PHE A 251 13.19 20.80 -13.20
C PHE A 251 12.46 21.36 -11.97
N VAL A 252 11.14 21.33 -12.02
CA VAL A 252 10.28 21.72 -10.88
C VAL A 252 9.77 20.50 -10.13
N ILE A 253 9.19 19.54 -10.86
CA ILE A 253 8.82 18.27 -10.26
C ILE A 253 10.06 17.42 -10.04
N GLY A 254 10.26 17.06 -8.78
CA GLY A 254 11.33 16.18 -8.35
C GLY A 254 11.18 15.77 -6.91
N GLY A 255 12.21 15.12 -6.40
CA GLY A 255 12.17 14.54 -5.08
C GLY A 255 11.44 13.23 -5.23
N PRO A 256 10.95 12.67 -4.11
CA PRO A 256 10.30 11.36 -4.14
C PRO A 256 9.12 11.35 -5.08
N GLN A 257 8.69 12.54 -5.50
CA GLN A 257 7.64 12.67 -6.49
C GLN A 257 8.09 12.25 -7.88
N GLY A 258 9.13 12.90 -8.39
CA GLY A 258 9.62 12.68 -9.75
C GLY A 258 10.10 11.25 -10.05
N ASP A 259 10.58 10.57 -9.02
CA ASP A 259 11.00 9.17 -9.16
C ASP A 259 10.87 8.48 -7.81
N ALA A 260 10.77 7.16 -7.83
CA ALA A 260 10.83 6.35 -6.62
C ALA A 260 12.25 6.41 -6.12
N GLY A 261 12.40 6.34 -4.80
CA GLY A 261 13.72 6.38 -4.18
C GLY A 261 13.92 5.13 -3.36
N LEU A 262 15.15 4.60 -3.35
CA LEU A 262 15.47 3.44 -2.50
C LEU A 262 16.87 3.46 -1.89
N THR A 263 16.96 2.89 -0.68
CA THR A 263 18.21 2.81 0.08
C THR A 263 19.21 1.99 -0.69
N GLY A 264 20.46 2.43 -0.69
CA GLY A 264 21.54 1.70 -1.35
C GLY A 264 21.34 1.55 -2.84
N ARG A 265 21.06 2.65 -3.52
CA ARG A 265 20.97 2.65 -4.98
C ARG A 265 21.97 3.60 -5.59
N LYS A 266 22.91 4.11 -4.80
CA LYS A 266 23.92 5.02 -5.35
C LYS A 266 25.31 4.71 -4.75
N ILE A 267 25.77 3.49 -4.99
CA ILE A 267 26.91 2.95 -4.26
C ILE A 267 28.23 3.40 -4.86
N ILE A 268 28.20 3.76 -6.13
CA ILE A 268 29.39 4.23 -6.82
C ILE A 268 29.56 5.74 -6.57
N VAL A 269 28.45 6.43 -6.37
CA VAL A 269 28.49 7.78 -5.82
C VAL A 269 28.93 7.76 -4.37
N ASP A 270 28.51 6.72 -3.64
CA ASP A 270 28.93 6.55 -2.25
C ASP A 270 30.40 6.14 -2.11
N THR A 271 30.99 5.57 -3.15
CA THR A 271 32.38 5.13 -3.07
C THR A 271 33.26 5.91 -4.07
N TYR A 272 33.88 5.22 -5.04
CA TYR A 272 34.96 5.82 -5.83
C TYR A 272 34.61 6.23 -7.27
N GLY A 273 33.35 6.54 -7.53
CA GLY A 273 32.92 7.20 -8.78
C GLY A 273 33.23 6.52 -10.10
N GLY A 274 33.44 5.21 -10.07
CA GLY A 274 33.80 4.45 -11.25
C GLY A 274 35.24 3.99 -11.18
N TRP A 275 36.05 4.74 -10.44
CA TRP A 275 37.44 4.36 -10.19
C TRP A 275 37.53 3.21 -9.17
N GLY A 276 38.72 2.61 -9.10
CA GLY A 276 38.92 1.48 -8.20
C GLY A 276 38.03 0.31 -8.56
N ALA A 277 37.37 -0.26 -7.56
CA ALA A 277 36.56 -1.48 -7.73
C ALA A 277 35.50 -1.54 -6.64
N HIS A 278 34.60 -2.51 -6.74
CA HIS A 278 33.48 -2.59 -5.82
C HIS A 278 32.85 -3.97 -5.90
N GLY A 279 32.96 -4.74 -4.82
CA GLY A 279 32.34 -6.07 -4.72
C GLY A 279 30.81 -6.02 -4.74
N GLY A 280 30.26 -5.03 -4.06
CA GLY A 280 28.87 -4.66 -4.20
C GLY A 280 28.14 -4.41 -2.91
N GLY A 281 28.84 -3.97 -1.87
CA GLY A 281 28.19 -3.60 -0.61
C GLY A 281 27.51 -2.22 -0.54
N ALA A 282 26.18 -2.23 -0.33
CA ALA A 282 25.43 -1.02 0.04
C ALA A 282 25.80 -0.68 1.46
N PHE A 283 26.19 0.56 1.71
CA PHE A 283 26.65 0.95 3.06
C PHE A 283 25.49 1.26 4.02
N SER A 284 24.60 2.17 3.62
CA SER A 284 23.66 2.80 4.54
C SER A 284 22.60 1.89 5.14
N GLY A 285 22.32 2.10 6.43
CA GLY A 285 21.34 1.33 7.20
C GLY A 285 21.90 0.05 7.80
N LYS A 286 23.18 -0.21 7.54
CA LYS A 286 23.88 -1.34 8.12
C LYS A 286 24.71 -0.85 9.31
N ASP A 287 24.80 -1.70 10.32
CA ASP A 287 25.63 -1.44 11.49
C ASP A 287 27.07 -1.95 11.26
N TYR A 288 27.98 -1.50 12.13
CA TYR A 288 29.38 -1.92 12.14
C TYR A 288 29.68 -3.44 12.04
N THR A 289 28.71 -4.29 12.39
CA THR A 289 28.90 -5.75 12.28
C THR A 289 28.77 -6.26 10.85
N LYS A 290 28.50 -5.37 9.91
CA LYS A 290 28.50 -5.74 8.49
C LYS A 290 29.87 -5.44 7.87
N VAL A 291 30.62 -6.49 7.54
CA VAL A 291 31.92 -6.35 6.85
C VAL A 291 31.84 -5.50 5.58
N ASP A 292 30.77 -5.67 4.80
CA ASP A 292 30.46 -4.83 3.65
C ASP A 292 30.77 -3.34 3.89
N ARG A 293 30.52 -2.90 5.11
CA ARG A 293 30.67 -1.50 5.47
C ARG A 293 31.95 -1.20 6.25
N SER A 294 32.21 -1.99 7.29
CA SER A 294 33.37 -1.76 8.16
C SER A 294 34.68 -2.05 7.43
N ALA A 295 34.77 -3.23 6.82
CA ALA A 295 35.99 -3.63 6.11
C ALA A 295 36.25 -2.74 4.90
N ALA A 296 35.17 -2.24 4.30
CA ALA A 296 35.25 -1.25 3.23
C ALA A 296 35.92 0.02 3.71
N TYR A 297 35.52 0.48 4.90
CA TYR A 297 36.05 1.72 5.47
C TYR A 297 37.53 1.58 5.81
N ALA A 298 37.90 0.41 6.32
CA ALA A 298 39.29 0.16 6.69
C ALA A 298 40.14 0.05 5.45
N ALA A 299 39.62 -0.68 4.46
CA ALA A 299 40.29 -0.81 3.18
C ALA A 299 40.64 0.57 2.61
N ARG A 300 39.77 1.55 2.85
CA ARG A 300 40.02 2.91 2.43
C ARG A 300 41.09 3.52 3.30
N TRP A 301 40.86 3.40 4.60
CA TRP A 301 41.83 3.86 5.60
C TRP A 301 43.25 3.43 5.22
N VAL A 302 43.42 2.13 4.95
CA VAL A 302 44.70 1.58 4.55
C VAL A 302 45.20 2.28 3.31
N ALA A 303 44.45 2.13 2.20
CA ALA A 303 44.89 2.65 0.92
C ALA A 303 45.27 4.12 1.01
N LYS A 304 44.47 4.90 1.73
CA LYS A 304 44.80 6.30 1.91
C LYS A 304 46.08 6.46 2.71
N SER A 305 46.21 5.73 3.82
CA SER A 305 47.44 5.78 4.63
C SER A 305 48.65 5.52 3.74
N LEU A 306 48.56 4.50 2.90
CA LEU A 306 49.69 4.12 2.06
C LEU A 306 50.15 5.24 1.16
N VAL A 307 49.20 5.84 0.46
CA VAL A 307 49.48 6.96 -0.44
C VAL A 307 49.87 8.20 0.35
N LYS A 308 49.13 8.53 1.41
CA LYS A 308 49.46 9.68 2.26
C LYS A 308 50.80 9.49 2.93
N GLY A 309 51.19 8.22 3.13
CA GLY A 309 52.46 7.88 3.76
C GLY A 309 53.65 7.92 2.83
N GLY A 310 53.46 8.33 1.58
CA GLY A 310 54.56 8.53 0.64
C GLY A 310 55.07 7.27 -0.06
N LEU A 311 54.31 6.18 0.01
CA LEU A 311 54.72 4.90 -0.57
C LEU A 311 54.11 4.59 -1.94
N CYS A 312 53.00 5.24 -2.27
CA CYS A 312 52.33 5.03 -3.54
C CYS A 312 51.79 6.35 -4.00
N ARG A 313 51.64 6.50 -5.31
CA ARG A 313 50.89 7.62 -5.88
C ARG A 313 49.42 7.20 -6.00
N ARG A 314 49.22 5.92 -6.25
CA ARG A 314 47.91 5.38 -6.45
C ARG A 314 47.91 3.95 -5.92
N VAL A 315 46.79 3.50 -5.38
CA VAL A 315 46.69 2.12 -4.95
C VAL A 315 45.25 1.64 -4.85
N LEU A 316 45.06 0.37 -5.20
CA LEU A 316 43.86 -0.36 -4.86
C LEU A 316 44.27 -1.43 -3.87
N VAL A 317 43.48 -1.59 -2.82
CA VAL A 317 43.73 -2.60 -1.77
C VAL A 317 42.58 -3.61 -1.73
N GLN A 318 42.86 -4.89 -1.96
CA GLN A 318 41.80 -5.91 -2.09
C GLN A 318 41.83 -6.99 -0.98
N VAL A 319 41.03 -6.77 0.08
CA VAL A 319 40.95 -7.67 1.24
C VAL A 319 39.81 -8.69 1.12
N SER A 320 40.15 -9.97 1.06
CA SER A 320 39.16 -11.05 0.92
C SER A 320 39.02 -11.84 2.21
N TYR A 321 37.90 -11.65 2.91
CA TYR A 321 37.61 -12.44 4.11
C TYR A 321 37.01 -13.78 3.68
N ALA A 322 37.47 -14.85 4.32
CA ALA A 322 36.91 -16.19 4.11
C ALA A 322 36.23 -16.65 5.42
N ILE A 323 35.41 -17.70 5.33
CA ILE A 323 34.59 -18.13 6.46
C ILE A 323 35.45 -18.99 7.41
N GLY A 324 35.38 -18.66 8.70
CA GLY A 324 36.22 -19.30 9.72
C GLY A 324 37.60 -18.67 9.91
N VAL A 325 37.74 -17.37 9.58
CA VAL A 325 39.01 -16.62 9.79
C VAL A 325 38.78 -15.19 10.34
N SER A 326 39.16 -14.96 11.60
CA SER A 326 39.17 -13.63 12.20
C SER A 326 39.91 -12.66 11.26
N HIS A 327 41.10 -13.09 10.85
CA HIS A 327 41.98 -12.31 9.98
C HIS A 327 41.54 -12.39 8.51
N PRO A 328 41.83 -11.34 7.71
CA PRO A 328 41.58 -11.44 6.27
C PRO A 328 42.41 -12.55 5.70
N LEU A 329 41.80 -13.46 4.94
CA LEU A 329 42.54 -14.60 4.40
C LEU A 329 43.63 -14.12 3.43
N SER A 330 43.26 -13.30 2.45
CA SER A 330 44.24 -12.72 1.53
C SER A 330 44.17 -11.21 1.53
N ILE A 331 45.26 -10.59 1.07
CA ILE A 331 45.26 -9.16 0.77
C ILE A 331 46.11 -8.99 -0.48
N SER A 332 45.57 -8.34 -1.50
CA SER A 332 46.33 -7.95 -2.68
C SER A 332 46.43 -6.43 -2.74
N ILE A 333 47.58 -5.93 -3.18
CA ILE A 333 47.79 -4.50 -3.27
C ILE A 333 48.24 -4.14 -4.68
N PHE A 334 47.35 -3.50 -5.44
CA PHE A 334 47.67 -3.07 -6.80
C PHE A 334 48.10 -1.61 -6.74
N HIS A 335 49.40 -1.38 -6.81
CA HIS A 335 49.95 -0.03 -6.69
C HIS A 335 50.24 0.61 -8.05
N TYR A 336 49.56 0.11 -9.09
CA TYR A 336 49.76 0.52 -10.48
C TYR A 336 51.23 0.85 -10.85
N GLY A 337 52.19 0.20 -10.18
CA GLY A 337 53.62 0.44 -10.39
C GLY A 337 54.11 1.83 -10.01
N THR A 338 53.40 2.49 -9.09
CA THR A 338 53.73 3.85 -8.65
C THR A 338 54.50 3.84 -7.33
N SER A 339 54.93 2.65 -6.90
CA SER A 339 55.65 2.49 -5.65
C SER A 339 57.07 2.04 -5.90
N GLN A 340 58.00 2.62 -5.16
CA GLN A 340 59.38 2.18 -5.22
C GLN A 340 59.53 0.84 -4.55
N LYS A 341 58.47 0.36 -3.92
CA LYS A 341 58.47 -0.94 -3.24
C LYS A 341 57.62 -2.01 -3.94
N SER A 342 57.94 -3.28 -3.68
CA SER A 342 57.16 -4.38 -4.23
C SER A 342 55.82 -4.49 -3.52
N GLU A 343 54.93 -5.34 -4.06
CA GLU A 343 53.65 -5.62 -3.41
C GLU A 343 53.93 -6.26 -2.05
N ARG A 344 54.84 -7.24 -2.03
CA ARG A 344 55.20 -7.91 -0.80
C ARG A 344 55.73 -6.90 0.23
N GLU A 345 56.62 -6.03 -0.22
CA GLU A 345 57.13 -4.96 0.64
C GLU A 345 55.97 -4.12 1.16
N LEU A 346 55.10 -3.66 0.26
CA LEU A 346 53.97 -2.85 0.65
C LEU A 346 53.03 -3.59 1.59
N LEU A 347 52.75 -4.85 1.28
CA LEU A 347 51.87 -5.66 2.12
C LEU A 347 52.41 -5.74 3.55
N GLU A 348 53.69 -6.11 3.69
CA GLU A 348 54.30 -6.24 5.00
C GLU A 348 54.09 -5.00 5.86
N ILE A 349 54.35 -3.82 5.29
CA ILE A 349 54.04 -2.56 5.96
C ILE A 349 52.64 -2.58 6.56
N VAL A 350 51.67 -3.05 5.79
CA VAL A 350 50.29 -3.10 6.23
C VAL A 350 50.12 -4.07 7.40
N LYS A 351 50.68 -5.27 7.29
CA LYS A 351 50.50 -6.27 8.34
C LYS A 351 51.03 -5.76 9.68
N LYS A 352 52.09 -4.95 9.65
CA LYS A 352 52.66 -4.45 10.90
C LYS A 352 52.24 -3.04 11.24
N ASN A 353 51.24 -2.52 10.54
CA ASN A 353 50.64 -1.28 10.94
C ASN A 353 49.16 -1.42 11.27
N PHE A 354 48.48 -2.34 10.58
CA PHE A 354 47.02 -2.47 10.67
C PHE A 354 46.56 -3.82 11.22
N ASP A 355 45.57 -3.78 12.12
CA ASP A 355 44.76 -4.97 12.49
C ASP A 355 43.41 -4.90 11.77
N LEU A 356 43.24 -5.72 10.73
CA LEU A 356 42.01 -5.77 9.95
C LEU A 356 41.14 -6.97 10.29
N ARG A 357 41.12 -7.34 11.58
CA ARG A 357 40.16 -8.31 12.08
C ARG A 357 38.91 -7.50 12.38
N PRO A 358 37.77 -7.89 11.82
CA PRO A 358 36.54 -7.08 11.88
C PRO A 358 36.29 -6.47 13.26
N GLY A 359 36.50 -7.26 14.31
CA GLY A 359 36.32 -6.79 15.69
C GLY A 359 37.19 -5.61 16.08
N VAL A 360 38.42 -5.63 15.59
CA VAL A 360 39.38 -4.59 15.91
C VAL A 360 39.07 -3.32 15.11
N ILE A 361 38.60 -3.51 13.88
CA ILE A 361 38.29 -2.38 12.99
C ILE A 361 37.22 -1.47 13.57
N VAL A 362 36.20 -2.06 14.20
CA VAL A 362 35.10 -1.29 14.81
C VAL A 362 35.59 -0.50 16.03
N ARG A 363 36.60 -1.07 16.69
CA ARG A 363 37.24 -0.45 17.85
C ARG A 363 38.17 0.69 17.43
N ASP A 364 39.02 0.43 16.44
CA ASP A 364 40.00 1.41 15.96
C ASP A 364 39.36 2.62 15.29
N LEU A 365 38.19 2.40 14.67
CA LEU A 365 37.55 3.45 13.87
C LEU A 365 36.33 4.05 14.57
N ASP A 366 36.06 3.59 15.80
CA ASP A 366 35.00 4.18 16.62
C ASP A 366 33.71 4.07 15.82
N LEU A 367 33.28 2.84 15.59
CA LEU A 367 32.12 2.58 14.74
C LEU A 367 30.91 2.21 15.58
N LYS A 368 30.74 2.87 16.73
CA LYS A 368 29.50 2.76 17.46
C LYS A 368 28.89 4.12 17.72
N LYS A 369 29.55 5.18 17.25
CA LYS A 369 28.99 6.53 17.39
C LYS A 369 27.80 6.67 16.44
N PRO A 370 26.76 7.36 16.91
CA PRO A 370 25.73 7.84 16.00
C PRO A 370 26.26 8.91 15.05
N ILE A 371 27.04 8.46 14.08
CA ILE A 371 27.64 9.31 13.06
C ILE A 371 26.99 9.11 11.68
N TYR A 372 26.66 7.86 11.39
CA TYR A 372 26.51 7.39 10.02
C TYR A 372 25.65 8.27 9.10
N GLN A 373 24.63 8.93 9.65
CA GLN A 373 23.79 9.79 8.81
C GLN A 373 24.67 10.80 8.06
N ARG A 374 25.73 11.27 8.70
CA ARG A 374 26.61 12.24 8.07
C ARG A 374 27.34 11.67 6.83
N THR A 375 27.51 10.34 6.76
CA THR A 375 28.16 9.70 5.62
C THR A 375 27.26 9.63 4.38
N ALA A 376 25.96 9.59 4.60
CA ALA A 376 25.04 9.20 3.55
C ALA A 376 24.70 10.34 2.59
N ALA A 377 25.70 11.11 2.19
CA ALA A 377 25.50 12.28 1.33
C ALA A 377 26.83 12.93 1.03
N TYR A 378 27.15 13.04 -0.25
CA TYR A 378 28.44 13.57 -0.68
C TYR A 378 29.58 12.57 -0.44
N GLY A 379 29.23 11.29 -0.32
CA GLY A 379 30.20 10.20 -0.32
C GLY A 379 30.92 9.91 0.99
N HIS A 380 31.25 8.64 1.19
CA HIS A 380 31.85 8.15 2.42
C HIS A 380 33.37 8.35 2.48
N PHE A 381 33.98 8.51 1.32
CA PHE A 381 35.41 8.62 1.24
C PHE A 381 35.79 10.02 0.76
N GLY A 382 36.96 10.50 1.20
CA GLY A 382 37.44 11.86 0.94
C GLY A 382 37.03 12.98 1.91
N ARG A 383 36.60 12.62 3.13
CA ARG A 383 36.04 13.61 4.07
C ARG A 383 36.73 13.57 5.41
N ASP A 384 37.10 14.75 5.92
CA ASP A 384 38.05 14.84 7.02
C ASP A 384 37.49 14.54 8.40
N SER A 385 36.20 14.85 8.60
CA SER A 385 35.57 14.53 9.86
C SER A 385 35.69 13.04 10.19
N PHE A 386 35.76 12.19 9.17
CA PHE A 386 35.67 10.75 9.40
C PHE A 386 36.98 10.15 9.89
N PRO A 387 36.89 9.09 10.73
CA PRO A 387 38.04 8.33 11.20
C PRO A 387 38.87 7.70 10.08
N TRP A 388 38.21 6.85 9.28
CA TRP A 388 38.88 6.08 8.22
C TRP A 388 39.57 6.97 7.23
N GLU A 389 39.36 8.29 7.34
CA GLU A 389 40.03 9.25 6.45
C GLU A 389 41.27 9.89 7.09
N VAL A 390 41.57 9.50 8.32
CA VAL A 390 42.72 10.02 9.05
C VAL A 390 43.83 8.99 8.92
N PRO A 391 44.92 9.35 8.20
CA PRO A 391 45.92 8.32 7.89
C PRO A 391 46.65 7.86 9.13
N LYS A 392 46.85 6.56 9.29
CA LYS A 392 47.75 6.11 10.34
C LYS A 392 49.15 6.36 9.84
N LYS A 393 49.95 7.06 10.64
CA LYS A 393 51.35 7.25 10.35
C LYS A 393 52.02 5.89 10.47
N LEU A 394 52.86 5.54 9.50
CA LEU A 394 53.38 4.18 9.36
C LEU A 394 54.84 3.96 9.81
N LYS A 395 55.01 3.24 10.92
CA LYS A 395 56.29 2.65 11.25
C LYS A 395 56.49 1.43 10.36
N TYR A 396 57.64 1.36 9.71
CA TYR A 396 58.01 0.17 8.94
C TYR A 396 59.51 -0.06 8.91
N GLU B 16 55.25 -14.30 -7.73
CA GLU B 16 54.60 -14.41 -9.08
C GLU B 16 53.67 -13.19 -9.27
N GLY B 17 52.72 -13.26 -10.20
CA GLY B 17 51.63 -12.29 -10.27
C GLY B 17 50.30 -12.89 -9.84
N THR B 18 50.34 -13.80 -8.86
CA THR B 18 49.19 -14.63 -8.48
C THR B 18 48.26 -13.89 -7.54
N PHE B 19 47.04 -13.63 -7.97
CA PHE B 19 46.05 -13.02 -7.07
C PHE B 19 44.81 -13.91 -6.96
N LEU B 20 44.05 -13.72 -5.89
CA LEU B 20 42.77 -14.41 -5.72
C LEU B 20 41.69 -13.43 -6.09
N PHE B 21 40.53 -13.96 -6.44
CA PHE B 21 39.40 -13.12 -6.78
C PHE B 21 38.13 -13.92 -6.65
N THR B 22 37.08 -13.25 -6.20
CA THR B 22 35.82 -13.89 -5.88
C THR B 22 34.68 -13.09 -6.49
N SER B 23 33.68 -13.79 -7.00
CA SER B 23 32.48 -13.15 -7.50
C SER B 23 31.32 -13.98 -7.04
N GLU B 24 30.14 -13.38 -6.93
CA GLU B 24 28.98 -14.13 -6.48
C GLU B 24 27.78 -13.98 -7.39
N SER B 25 26.88 -14.97 -7.31
CA SER B 25 25.56 -14.90 -7.94
C SER B 25 24.48 -15.26 -6.93
N VAL B 26 23.23 -15.00 -7.29
CA VAL B 26 22.09 -15.43 -6.48
C VAL B 26 20.96 -15.99 -7.32
N GLY B 27 20.15 -16.81 -6.65
CA GLY B 27 19.05 -17.53 -7.25
C GLY B 27 17.84 -16.64 -7.44
N GLU B 28 16.93 -17.12 -8.28
CA GLU B 28 15.75 -16.37 -8.68
C GLU B 28 15.05 -15.89 -7.42
N GLY B 29 14.98 -16.79 -6.42
CA GLY B 29 14.24 -16.57 -5.17
C GLY B 29 15.00 -15.94 -4.02
N HIS B 30 16.06 -15.21 -4.32
CA HIS B 30 16.70 -14.30 -3.37
C HIS B 30 15.98 -12.94 -3.48
N PRO B 31 15.64 -12.31 -2.35
CA PRO B 31 14.80 -11.12 -2.38
C PRO B 31 15.23 -10.08 -3.38
N ASP B 32 16.49 -9.63 -3.29
CA ASP B 32 16.98 -8.58 -4.18
C ASP B 32 16.91 -8.96 -5.67
N LYS B 33 16.70 -10.25 -5.96
CA LYS B 33 16.55 -10.77 -7.33
C LYS B 33 15.10 -11.13 -7.66
N ILE B 34 14.24 -11.16 -6.65
CA ILE B 34 12.80 -11.32 -6.87
C ILE B 34 12.30 -10.01 -7.39
N CYS B 35 12.84 -8.92 -6.85
CA CYS B 35 12.43 -7.57 -7.24
C CYS B 35 12.94 -7.23 -8.65
N ASP B 36 14.25 -7.45 -8.88
CA ASP B 36 14.87 -7.28 -10.20
C ASP B 36 14.03 -8.01 -11.27
N GLN B 37 13.38 -9.11 -10.87
CA GLN B 37 12.64 -9.96 -11.80
C GLN B 37 11.16 -9.60 -11.93
N ILE B 38 10.51 -9.30 -10.82
CA ILE B 38 9.15 -8.77 -10.86
C ILE B 38 9.11 -7.45 -11.66
N SER B 39 10.07 -6.57 -11.38
CA SER B 39 10.17 -5.31 -12.09
C SER B 39 10.25 -5.50 -13.60
N ASP B 40 11.10 -6.43 -14.03
CA ASP B 40 11.25 -6.77 -15.44
C ASP B 40 10.04 -7.50 -16.00
N ALA B 41 9.23 -8.10 -15.12
CA ALA B 41 7.96 -8.68 -15.56
C ALA B 41 6.95 -7.57 -15.91
N VAL B 42 6.81 -6.61 -15.01
CA VAL B 42 5.93 -5.48 -15.23
C VAL B 42 6.41 -4.71 -16.46
N LEU B 43 7.72 -4.61 -16.66
CA LEU B 43 8.23 -3.99 -17.86
C LEU B 43 7.74 -4.74 -19.07
N ASP B 44 8.09 -6.03 -19.13
CA ASP B 44 7.68 -6.89 -20.24
C ASP B 44 6.18 -6.77 -20.48
N ALA B 45 5.39 -6.87 -19.41
CA ALA B 45 3.95 -6.74 -19.52
C ALA B 45 3.62 -5.54 -20.40
N HIS B 46 4.02 -4.35 -19.95
CA HIS B 46 3.69 -3.10 -20.64
C HIS B 46 4.16 -3.07 -22.12
N LEU B 47 5.37 -3.55 -22.36
CA LEU B 47 5.92 -3.55 -23.72
C LEU B 47 5.11 -4.39 -24.72
N GLN B 48 4.40 -5.42 -24.25
CA GLN B 48 3.55 -6.22 -25.13
C GLN B 48 2.45 -5.39 -25.81
N GLN B 49 1.56 -4.81 -25.02
CA GLN B 49 0.51 -3.97 -25.56
C GLN B 49 1.05 -2.62 -26.08
N ASP B 50 2.28 -2.25 -25.71
CA ASP B 50 2.79 -0.93 -26.08
C ASP B 50 4.32 -0.88 -26.02
N PRO B 51 4.99 -1.14 -27.15
CA PRO B 51 6.46 -1.10 -27.22
C PRO B 51 7.10 0.25 -26.84
N ASP B 52 6.33 1.33 -26.92
CA ASP B 52 6.83 2.66 -26.54
C ASP B 52 6.50 3.08 -25.12
N ALA B 53 6.17 2.08 -24.28
CA ALA B 53 5.94 2.32 -22.87
C ALA B 53 7.22 2.85 -22.27
N LYS B 54 7.06 3.75 -21.29
CA LYS B 54 8.18 4.22 -20.49
C LYS B 54 7.97 3.65 -19.09
N VAL B 55 8.97 2.96 -18.57
CA VAL B 55 8.80 2.23 -17.32
C VAL B 55 10.02 2.30 -16.41
N ALA B 56 9.79 2.80 -15.19
CA ALA B 56 10.77 2.70 -14.12
C ALA B 56 10.03 2.14 -12.91
N CYS B 57 10.07 0.82 -12.77
CA CYS B 57 9.30 0.13 -11.74
C CYS B 57 10.21 -0.49 -10.68
N GLU B 58 10.27 0.15 -9.52
CA GLU B 58 11.10 -0.35 -8.45
C GLU B 58 10.22 -1.19 -7.54
N THR B 59 10.77 -2.28 -7.02
CA THR B 59 9.95 -3.28 -6.33
C THR B 59 10.55 -3.65 -4.97
N VAL B 60 9.67 -3.97 -4.03
CA VAL B 60 10.02 -4.23 -2.64
C VAL B 60 9.41 -5.55 -2.18
N ALA B 61 10.20 -6.34 -1.46
CA ALA B 61 9.74 -7.61 -0.92
C ALA B 61 10.10 -7.77 0.57
N LYS B 62 9.10 -7.71 1.41
CA LYS B 62 9.23 -7.81 2.86
C LYS B 62 8.52 -9.13 3.18
N THR B 63 8.44 -9.51 4.44
CA THR B 63 7.87 -10.78 4.88
C THR B 63 6.63 -11.28 4.14
N GLY B 64 5.63 -10.42 3.97
CA GLY B 64 4.39 -10.90 3.36
C GLY B 64 4.04 -10.18 2.09
N MET B 65 4.96 -9.34 1.63
CA MET B 65 4.62 -8.20 0.81
C MET B 65 5.47 -8.11 -0.45
N ILE B 66 4.83 -7.75 -1.55
CA ILE B 66 5.52 -7.26 -2.73
C ILE B 66 4.88 -5.95 -3.04
N LEU B 67 5.61 -4.86 -2.85
CA LEU B 67 5.04 -3.54 -3.15
C LEU B 67 5.72 -3.00 -4.38
N LEU B 68 4.91 -2.54 -5.33
CA LEU B 68 5.45 -1.87 -6.51
C LEU B 68 5.40 -0.36 -6.28
N ALA B 69 6.43 0.32 -6.79
CA ALA B 69 6.53 1.79 -6.73
C ALA B 69 7.32 2.27 -7.94
N GLY B 70 6.91 3.42 -8.46
CA GLY B 70 7.53 3.94 -9.67
C GLY B 70 6.56 4.72 -10.52
N GLU B 71 6.93 4.90 -11.78
CA GLU B 71 6.15 5.70 -12.70
C GLU B 71 6.17 5.08 -14.07
N ILE B 72 5.01 5.15 -14.73
CA ILE B 72 4.81 4.49 -15.99
C ILE B 72 3.92 5.32 -16.91
N THR B 73 4.38 5.46 -18.15
CA THR B 73 3.59 5.96 -19.26
C THR B 73 3.50 4.84 -20.29
N SER B 74 2.29 4.41 -20.56
CA SER B 74 2.07 3.24 -21.39
C SER B 74 0.60 3.20 -21.73
N ARG B 75 0.26 3.06 -23.01
CA ARG B 75 -1.15 2.99 -23.37
C ARG B 75 -1.75 1.74 -22.76
N ALA B 76 -0.97 0.65 -22.78
CA ALA B 76 -1.36 -0.63 -22.20
C ALA B 76 -2.01 -0.52 -20.83
N ALA B 77 -3.03 -1.35 -20.60
CA ALA B 77 -3.52 -1.61 -19.26
C ALA B 77 -2.96 -2.97 -18.90
N VAL B 78 -2.54 -3.12 -17.64
CA VAL B 78 -1.91 -4.33 -17.12
C VAL B 78 -2.54 -4.75 -15.79
N ASP B 79 -2.79 -6.04 -15.63
CA ASP B 79 -3.26 -6.57 -14.35
C ASP B 79 -2.06 -6.82 -13.43
N TYR B 80 -1.72 -5.84 -12.60
CA TYR B 80 -0.50 -5.93 -11.78
C TYR B 80 -0.56 -7.10 -10.81
N GLN B 81 -1.74 -7.36 -10.26
CA GLN B 81 -1.93 -8.45 -9.32
C GLN B 81 -1.50 -9.75 -9.96
N LYS B 82 -1.89 -9.95 -11.22
CA LYS B 82 -1.61 -11.19 -11.92
C LYS B 82 -0.14 -11.36 -12.32
N VAL B 83 0.46 -10.28 -12.79
CA VAL B 83 1.84 -10.27 -13.31
C VAL B 83 2.80 -10.56 -12.17
N VAL B 84 2.56 -9.92 -11.04
CA VAL B 84 3.36 -10.12 -9.82
C VAL B 84 3.24 -11.55 -9.33
N ARG B 85 2.00 -11.99 -9.15
CA ARG B 85 1.76 -13.31 -8.61
C ARG B 85 2.16 -14.43 -9.58
N GLU B 86 2.10 -14.18 -10.89
CA GLU B 86 2.49 -15.20 -11.86
C GLU B 86 3.99 -15.39 -11.83
N ALA B 87 4.72 -14.28 -11.73
CA ALA B 87 6.19 -14.33 -11.61
C ALA B 87 6.68 -14.92 -10.27
N VAL B 88 6.04 -14.55 -9.16
CA VAL B 88 6.37 -15.15 -7.86
C VAL B 88 6.15 -16.67 -7.92
N LYS B 89 5.09 -17.08 -8.61
CA LYS B 89 4.80 -18.50 -8.82
C LYS B 89 5.90 -19.11 -9.67
N HIS B 90 6.18 -18.49 -10.82
CA HIS B 90 7.27 -18.96 -11.65
C HIS B 90 8.57 -19.13 -10.83
N ILE B 91 8.84 -18.17 -9.96
CA ILE B 91 10.01 -18.24 -9.11
C ILE B 91 9.96 -19.48 -8.20
N GLY B 92 8.76 -19.88 -7.78
CA GLY B 92 8.58 -21.13 -7.06
C GLY B 92 8.10 -21.03 -5.62
N TYR B 93 7.60 -19.85 -5.22
CA TYR B 93 7.08 -19.66 -3.86
C TYR B 93 5.58 -19.79 -3.89
N ASP B 94 5.06 -20.83 -3.21
CA ASP B 94 3.67 -21.24 -3.32
C ASP B 94 3.08 -21.83 -2.04
N ASP B 95 3.77 -21.72 -0.92
CA ASP B 95 3.23 -22.27 0.30
C ASP B 95 3.87 -21.64 1.54
N SER B 96 3.17 -21.71 2.68
CA SER B 96 3.73 -21.33 3.98
C SER B 96 4.84 -22.29 4.41
N SER B 97 4.85 -23.48 3.82
CA SER B 97 5.99 -24.38 3.92
C SER B 97 7.27 -23.60 3.59
N LYS B 98 7.29 -23.00 2.40
CA LYS B 98 8.37 -22.12 1.95
C LYS B 98 8.14 -20.73 2.54
N GLY B 99 9.00 -19.77 2.26
CA GLY B 99 8.83 -18.42 2.83
C GLY B 99 7.54 -17.66 2.48
N PHE B 100 6.90 -18.02 1.37
CA PHE B 100 6.11 -17.04 0.62
C PHE B 100 5.23 -17.78 -0.35
N ASP B 101 4.18 -17.12 -0.81
CA ASP B 101 3.15 -17.79 -1.59
C ASP B 101 2.35 -16.77 -2.41
N TYR B 102 2.50 -16.82 -3.73
CA TYR B 102 1.82 -15.89 -4.62
C TYR B 102 0.30 -15.85 -4.39
N LYS B 103 -0.28 -17.00 -4.06
CA LYS B 103 -1.72 -17.12 -3.80
C LYS B 103 -2.23 -16.19 -2.68
N THR B 104 -1.43 -15.98 -1.64
CA THR B 104 -1.91 -15.36 -0.40
C THR B 104 -1.12 -14.14 0.11
N CYS B 105 -0.14 -13.69 -0.67
CA CYS B 105 0.74 -12.59 -0.28
C CYS B 105 0.09 -11.24 -0.51
N ASN B 106 0.56 -10.26 0.24
CA ASN B 106 0.20 -8.85 0.07
C ASN B 106 0.86 -8.26 -1.18
N VAL B 107 0.06 -7.68 -2.06
CA VAL B 107 0.61 -6.94 -3.19
C VAL B 107 0.04 -5.54 -3.16
N LEU B 108 0.88 -4.56 -2.80
CA LEU B 108 0.53 -3.15 -2.84
C LEU B 108 1.10 -2.51 -4.09
N VAL B 109 0.32 -1.63 -4.70
CA VAL B 109 0.79 -0.93 -5.88
C VAL B 109 0.83 0.56 -5.59
N ALA B 110 1.89 1.21 -6.04
CA ALA B 110 2.05 2.65 -5.90
C ALA B 110 2.68 3.22 -7.19
N LEU B 111 2.09 2.87 -8.33
CA LEU B 111 2.57 3.33 -9.63
C LEU B 111 1.75 4.51 -10.11
N GLU B 112 2.44 5.60 -10.45
CA GLU B 112 1.81 6.82 -10.92
C GLU B 112 2.06 6.95 -12.41
N GLN B 113 1.44 7.96 -13.02
CA GLN B 113 1.89 8.46 -14.32
C GLN B 113 3.25 9.14 -14.13
N GLN B 114 3.99 9.31 -15.23
CA GLN B 114 5.39 9.75 -15.14
C GLN B 114 5.50 11.27 -15.07
N SER B 115 6.67 11.75 -14.63
CA SER B 115 6.92 13.20 -14.43
C SER B 115 6.84 13.96 -15.77
N PRO B 116 5.98 15.01 -15.86
CA PRO B 116 5.91 15.86 -17.07
C PRO B 116 7.24 16.50 -17.50
N ASP B 117 8.08 16.90 -16.53
CA ASP B 117 9.36 17.59 -16.79
C ASP B 117 10.44 16.72 -17.45
N ILE B 118 10.31 15.40 -17.31
CA ILE B 118 11.18 14.44 -18.02
C ILE B 118 10.66 14.28 -19.46
N ALA B 119 9.33 14.11 -19.60
CA ALA B 119 8.68 13.87 -20.90
C ALA B 119 9.02 14.92 -21.96
N GLN B 120 8.74 16.18 -21.67
CA GLN B 120 9.07 17.30 -22.57
C GLN B 120 10.56 17.36 -22.97
N GLY B 121 11.45 16.92 -22.08
CA GLY B 121 12.91 17.00 -22.32
C GLY B 121 13.64 15.67 -22.33
N VAL B 122 12.98 14.62 -22.84
CA VAL B 122 13.60 13.30 -23.04
C VAL B 122 13.04 12.55 -24.27
N HIS B 123 11.71 12.45 -24.40
CA HIS B 123 11.09 11.63 -25.48
C HIS B 123 9.96 12.25 -26.37
N LEU B 124 9.47 13.45 -26.05
CA LEU B 124 8.39 14.11 -26.84
C LEU B 124 8.90 14.84 -28.11
N ASP B 125 8.07 14.91 -29.14
CA ASP B 125 8.28 15.74 -30.37
C ASP B 125 9.67 15.64 -31.04
N ARG B 126 10.23 14.44 -31.12
CA ARG B 126 11.61 14.26 -31.59
C ARG B 126 11.80 13.07 -32.51
N ASN B 127 12.53 13.26 -33.62
CA ASN B 127 12.90 12.17 -34.53
C ASN B 127 13.69 11.12 -33.74
N GLU B 128 13.21 9.88 -33.78
CA GLU B 128 13.59 8.86 -32.79
C GLU B 128 15.09 8.65 -32.60
N GLU B 129 15.87 8.66 -33.67
CA GLU B 129 17.33 8.50 -33.56
C GLU B 129 17.97 9.64 -32.73
N ASP B 130 17.26 10.75 -32.58
CA ASP B 130 17.71 11.87 -31.76
C ASP B 130 16.85 12.11 -30.50
N ILE B 131 16.34 11.05 -29.87
CA ILE B 131 15.79 11.22 -28.53
C ILE B 131 17.00 11.35 -27.61
N GLY B 132 16.83 12.17 -26.57
CA GLY B 132 17.88 12.44 -25.60
C GLY B 132 17.95 11.38 -24.53
N ALA B 133 19.05 11.38 -23.81
CA ALA B 133 19.21 10.42 -22.73
C ALA B 133 18.04 10.53 -21.76
N GLY B 134 17.59 9.37 -21.27
CA GLY B 134 16.55 9.32 -20.25
C GLY B 134 16.99 9.99 -18.96
N ASP B 135 18.22 9.70 -18.56
CA ASP B 135 18.87 10.37 -17.44
C ASP B 135 20.29 10.78 -17.80
N GLN B 136 21.07 11.22 -16.82
CA GLN B 136 22.49 11.42 -17.01
C GLN B 136 23.16 10.16 -16.49
N GLY B 137 24.49 10.16 -16.42
CA GLY B 137 25.21 9.11 -15.71
C GLY B 137 26.30 8.44 -16.53
N LEU B 138 26.92 7.43 -15.92
CA LEU B 138 28.07 6.75 -16.51
C LEU B 138 27.89 5.25 -16.49
N MET B 139 28.20 4.62 -17.61
CA MET B 139 28.06 3.19 -17.77
C MET B 139 29.37 2.60 -18.29
N PHE B 140 29.73 1.44 -17.76
CA PHE B 140 30.90 0.73 -18.22
C PHE B 140 30.47 -0.52 -18.98
N GLY B 141 31.42 -1.13 -19.67
CA GLY B 141 31.19 -2.39 -20.33
C GLY B 141 32.54 -3.00 -20.61
N TYR B 142 32.67 -4.29 -20.32
CA TYR B 142 33.97 -4.92 -20.16
C TYR B 142 33.99 -6.27 -20.90
N ALA B 143 35.17 -6.74 -21.28
CA ALA B 143 35.29 -8.07 -21.88
C ALA B 143 36.69 -8.68 -21.66
N THR B 144 36.72 -10.01 -21.56
CA THR B 144 37.95 -10.77 -21.27
C THR B 144 38.07 -12.08 -22.07
N ASP B 145 39.23 -12.32 -22.68
CA ASP B 145 39.43 -13.53 -23.48
C ASP B 145 39.53 -14.79 -22.63
N GLU B 146 39.43 -14.64 -21.30
CA GLU B 146 39.63 -15.76 -20.36
C GLU B 146 38.59 -16.86 -20.49
N THR B 147 37.45 -16.58 -21.08
CA THR B 147 36.47 -17.63 -21.35
C THR B 147 35.89 -17.46 -22.74
N GLU B 148 35.21 -18.50 -23.22
CA GLU B 148 34.52 -18.48 -24.52
C GLU B 148 33.50 -17.36 -24.57
N GLU B 149 32.79 -17.17 -23.47
CA GLU B 149 31.72 -16.16 -23.40
C GLU B 149 32.26 -14.73 -23.16
N CYS B 150 33.58 -14.56 -23.16
CA CYS B 150 34.20 -13.28 -22.86
C CYS B 150 33.71 -12.65 -21.58
N MET B 151 33.60 -13.47 -20.53
CA MET B 151 33.32 -12.99 -19.16
C MET B 151 34.26 -13.60 -18.12
N PRO B 152 34.38 -12.97 -16.95
CA PRO B 152 35.27 -13.52 -15.92
C PRO B 152 34.81 -14.87 -15.38
N LEU B 153 35.71 -15.86 -15.39
CA LEU B 153 35.38 -17.23 -14.96
C LEU B 153 34.58 -17.24 -13.64
N THR B 154 35.08 -16.46 -12.68
CA THR B 154 34.46 -16.30 -11.37
C THR B 154 32.95 -16.12 -11.45
N ILE B 155 32.55 -15.09 -12.17
CA ILE B 155 31.12 -14.74 -12.30
C ILE B 155 30.38 -15.65 -13.25
N VAL B 156 31.07 -16.32 -14.17
CA VAL B 156 30.39 -17.22 -15.09
C VAL B 156 30.02 -18.50 -14.35
N LEU B 157 31.01 -19.10 -13.70
CA LEU B 157 30.78 -20.25 -12.86
C LEU B 157 29.74 -19.97 -11.77
N ALA B 158 29.83 -18.80 -11.12
CA ALA B 158 28.93 -18.43 -10.04
C ALA B 158 27.47 -18.46 -10.48
N HIS B 159 27.20 -17.88 -11.65
CA HIS B 159 25.83 -17.80 -12.17
C HIS B 159 25.30 -19.19 -12.52
N LYS B 160 26.12 -19.97 -13.22
CA LYS B 160 25.70 -21.29 -13.70
C LYS B 160 25.44 -22.30 -12.58
N LEU B 161 25.98 -22.03 -11.40
CA LEU B 161 25.67 -22.87 -10.23
C LEU B 161 24.21 -22.64 -9.83
N ASN B 162 23.83 -21.39 -9.64
CA ASN B 162 22.43 -21.08 -9.37
C ASN B 162 21.50 -21.44 -10.52
N ALA B 163 22.01 -21.47 -11.73
CA ALA B 163 21.25 -21.94 -12.89
C ALA B 163 21.08 -23.45 -12.79
N LYS B 164 22.17 -24.16 -12.51
CA LYS B 164 22.09 -25.60 -12.39
C LYS B 164 21.14 -25.93 -11.27
N LEU B 165 21.29 -25.28 -10.13
CA LEU B 165 20.39 -25.50 -9.01
C LEU B 165 18.92 -25.41 -9.41
N ALA B 166 18.53 -24.31 -10.04
CA ALA B 166 17.14 -24.08 -10.41
C ALA B 166 16.62 -25.09 -11.43
N GLU B 167 17.46 -25.42 -12.42
CA GLU B 167 17.14 -26.41 -13.45
C GLU B 167 16.78 -27.77 -12.85
N LEU B 168 17.61 -28.20 -11.89
CA LEU B 168 17.42 -29.46 -11.16
C LEU B 168 16.24 -29.40 -10.20
N ARG B 169 15.95 -28.22 -9.65
CA ARG B 169 14.76 -28.00 -8.83
C ARG B 169 13.53 -28.24 -9.68
N ARG B 170 13.47 -27.52 -10.79
CA ARG B 170 12.32 -27.51 -11.67
C ARG B 170 12.07 -28.88 -12.31
N ASN B 171 13.06 -29.45 -12.99
CA ASN B 171 12.91 -30.79 -13.64
C ASN B 171 12.72 -31.97 -12.65
N GLY B 172 12.98 -31.70 -11.38
CA GLY B 172 12.53 -32.57 -10.29
C GLY B 172 13.57 -33.49 -9.71
N THR B 173 14.69 -33.70 -10.41
CA THR B 173 15.73 -34.61 -9.91
C THR B 173 16.25 -34.23 -8.51
N LEU B 174 16.18 -32.95 -8.18
CA LEU B 174 16.37 -32.46 -6.82
C LEU B 174 15.10 -31.72 -6.39
N PRO B 175 14.07 -32.46 -5.96
CA PRO B 175 12.79 -31.82 -5.62
C PRO B 175 12.85 -31.09 -4.28
N TRP B 176 13.77 -31.49 -3.42
CA TRP B 176 13.93 -30.85 -2.11
C TRP B 176 14.60 -29.47 -2.19
N LEU B 177 14.95 -29.04 -3.39
CA LEU B 177 15.48 -27.70 -3.58
C LEU B 177 14.38 -26.67 -3.51
N ARG B 178 14.76 -25.45 -3.12
CA ARG B 178 13.85 -24.34 -2.96
C ARG B 178 14.58 -23.09 -3.45
N PRO B 179 13.84 -22.12 -3.99
CA PRO B 179 14.39 -21.11 -4.94
C PRO B 179 15.49 -20.11 -4.50
N ASP B 180 15.62 -19.82 -3.20
CA ASP B 180 16.65 -18.91 -2.68
C ASP B 180 17.99 -19.62 -2.71
N SER B 181 19.04 -18.98 -3.22
CA SER B 181 20.38 -19.53 -3.13
C SER B 181 21.44 -18.44 -3.29
N LYS B 182 22.67 -18.75 -2.90
CA LYS B 182 23.80 -17.84 -3.02
C LYS B 182 25.03 -18.67 -3.37
N THR B 183 25.88 -18.18 -4.27
CA THR B 183 27.10 -18.90 -4.65
C THR B 183 28.32 -17.98 -4.81
N GLN B 184 29.34 -18.16 -3.98
CA GLN B 184 30.60 -17.43 -4.11
C GLN B 184 31.64 -18.34 -4.73
N VAL B 185 32.33 -17.86 -5.76
CA VAL B 185 33.39 -18.62 -6.45
C VAL B 185 34.74 -17.86 -6.53
N THR B 186 35.71 -18.34 -5.76
CA THR B 186 37.03 -17.74 -5.68
C THR B 186 38.00 -18.48 -6.56
N VAL B 187 38.76 -17.74 -7.36
CA VAL B 187 39.66 -18.34 -8.31
C VAL B 187 41.03 -17.73 -8.15
N GLN B 188 42.06 -18.56 -8.29
CA GLN B 188 43.44 -18.11 -8.25
C GLN B 188 43.87 -17.73 -9.66
N TYR B 189 44.10 -16.45 -9.88
CA TYR B 189 44.38 -15.92 -11.21
C TYR B 189 45.87 -15.58 -11.35
N MET B 190 46.31 -15.38 -12.59
CA MET B 190 47.69 -15.03 -12.89
C MET B 190 47.70 -13.97 -13.97
N GLN B 191 48.58 -12.97 -13.86
CA GLN B 191 48.68 -11.93 -14.89
C GLN B 191 49.39 -12.47 -16.12
N ASP B 192 49.12 -11.87 -17.28
CA ASP B 192 49.76 -12.30 -18.52
C ASP B 192 49.69 -11.23 -19.61
N ARG B 193 50.68 -10.34 -19.61
CA ARG B 193 50.75 -9.25 -20.58
C ARG B 193 49.44 -8.45 -20.59
N GLY B 194 48.94 -8.17 -19.39
CA GLY B 194 47.72 -7.39 -19.19
C GLY B 194 46.46 -8.20 -19.00
N ALA B 195 46.40 -9.35 -19.65
CA ALA B 195 45.28 -10.26 -19.45
C ALA B 195 45.50 -11.06 -18.19
N VAL B 196 44.44 -11.75 -17.80
CA VAL B 196 44.40 -12.51 -16.57
C VAL B 196 44.09 -13.94 -16.95
N LEU B 197 44.74 -14.89 -16.29
CA LEU B 197 44.61 -16.32 -16.62
C LEU B 197 44.11 -17.13 -15.43
N PRO B 198 42.90 -17.72 -15.57
CA PRO B 198 42.40 -18.48 -14.46
C PRO B 198 43.21 -19.78 -14.35
N ILE B 199 43.54 -20.18 -13.14
CA ILE B 199 44.40 -21.34 -12.91
C ILE B 199 43.60 -22.46 -12.29
N ARG B 200 42.99 -22.16 -11.15
CA ARG B 200 42.23 -23.13 -10.41
C ARG B 200 41.24 -22.46 -9.47
N VAL B 201 40.06 -23.07 -9.37
CA VAL B 201 39.03 -22.69 -8.42
C VAL B 201 39.50 -22.92 -6.99
N HIS B 202 39.72 -21.82 -6.25
CA HIS B 202 40.32 -21.88 -4.91
C HIS B 202 39.32 -22.25 -3.82
N THR B 203 38.14 -21.64 -3.86
CA THR B 203 37.05 -21.93 -2.92
C THR B 203 35.70 -21.79 -3.61
N ILE B 204 34.77 -22.72 -3.32
CA ILE B 204 33.36 -22.59 -3.73
C ILE B 204 32.50 -22.54 -2.48
N VAL B 205 31.51 -21.65 -2.46
CA VAL B 205 30.51 -21.69 -1.41
C VAL B 205 29.13 -21.82 -2.04
N ILE B 206 28.28 -22.63 -1.40
CA ILE B 206 26.86 -22.73 -1.76
C ILE B 206 26.02 -22.87 -0.50
N SER B 207 25.20 -21.87 -0.23
CA SER B 207 24.08 -22.02 0.65
C SER B 207 22.91 -21.97 -0.28
N VAL B 208 21.93 -22.85 -0.04
CA VAL B 208 20.69 -22.87 -0.83
C VAL B 208 19.56 -23.42 0.05
N GLN B 209 18.38 -22.78 -0.02
CA GLN B 209 17.20 -23.15 0.77
C GLN B 209 16.72 -24.55 0.42
N HIS B 210 16.40 -25.36 1.44
CA HIS B 210 16.06 -26.76 1.25
C HIS B 210 14.75 -27.17 1.93
N ASP B 211 14.35 -28.41 1.67
CA ASP B 211 13.14 -29.00 2.26
C ASP B 211 13.42 -29.45 3.69
N GLU B 212 12.37 -29.82 4.41
CA GLU B 212 12.53 -30.36 5.76
C GLU B 212 13.11 -31.79 5.73
N GLU B 213 12.45 -32.66 4.98
CA GLU B 213 12.87 -34.07 4.85
C GLU B 213 14.37 -34.27 4.63
N VAL B 214 14.89 -33.84 3.47
CA VAL B 214 16.27 -34.16 3.06
C VAL B 214 17.33 -33.73 4.10
N CYS B 215 18.24 -34.65 4.43
CA CYS B 215 19.21 -34.37 5.48
C CYS B 215 20.47 -33.76 4.88
N LEU B 216 21.26 -33.18 5.78
CA LEU B 216 22.37 -32.26 5.46
C LEU B 216 23.51 -32.89 4.63
N ASP B 217 23.73 -34.18 4.83
CA ASP B 217 24.88 -34.89 4.26
C ASP B 217 24.58 -35.49 2.88
N GLU B 218 23.30 -35.71 2.57
CA GLU B 218 22.89 -36.04 1.21
C GLU B 218 22.96 -34.79 0.34
N MET B 219 22.75 -33.61 0.96
CA MET B 219 22.73 -32.31 0.26
C MET B 219 24.10 -31.87 -0.26
N ARG B 220 25.14 -32.07 0.55
CA ARG B 220 26.50 -31.73 0.15
C ARG B 220 27.00 -32.74 -0.88
N ASP B 221 26.82 -34.02 -0.56
CA ASP B 221 27.06 -35.10 -1.51
C ASP B 221 26.40 -34.77 -2.85
N ALA B 222 25.17 -34.24 -2.80
CA ALA B 222 24.42 -33.85 -3.99
C ALA B 222 25.01 -32.63 -4.71
N LEU B 223 25.10 -31.50 -3.99
CA LEU B 223 25.69 -30.25 -4.50
C LEU B 223 26.97 -30.48 -5.27
N LYS B 224 27.82 -31.33 -4.69
CA LYS B 224 29.14 -31.57 -5.23
C LYS B 224 29.16 -32.43 -6.51
N GLU B 225 28.36 -33.51 -6.57
CA GLU B 225 28.40 -34.42 -7.74
C GLU B 225 27.33 -34.11 -8.79
N LYS B 226 26.17 -33.63 -8.35
CA LYS B 226 25.08 -33.29 -9.27
C LYS B 226 25.21 -31.88 -9.85
N VAL B 227 25.70 -30.93 -9.04
CA VAL B 227 25.73 -29.51 -9.41
C VAL B 227 27.12 -28.99 -9.77
N ILE B 228 28.06 -29.08 -8.82
CA ILE B 228 29.39 -28.51 -9.02
C ILE B 228 30.13 -29.16 -10.18
N LYS B 229 30.18 -30.48 -10.18
CA LYS B 229 30.97 -31.26 -11.14
C LYS B 229 30.45 -31.06 -12.57
N ALA B 230 29.12 -30.96 -12.68
CA ALA B 230 28.46 -30.68 -13.95
C ALA B 230 28.89 -29.33 -14.49
N VAL B 231 28.91 -28.31 -13.63
CA VAL B 231 29.12 -26.93 -14.06
C VAL B 231 30.61 -26.59 -14.30
N VAL B 232 31.47 -26.97 -13.36
CA VAL B 232 32.89 -26.56 -13.37
C VAL B 232 33.79 -27.59 -14.09
N PRO B 233 34.51 -27.14 -15.15
CA PRO B 233 35.45 -28.05 -15.81
C PRO B 233 36.52 -28.55 -14.84
N ALA B 234 36.67 -29.87 -14.76
CA ALA B 234 37.57 -30.50 -13.80
C ALA B 234 39.00 -29.96 -13.86
N LYS B 235 39.34 -29.26 -14.94
CA LYS B 235 40.68 -28.64 -15.05
C LYS B 235 40.94 -27.68 -13.89
N TYR B 236 39.92 -26.93 -13.48
CA TYR B 236 40.06 -25.92 -12.43
C TYR B 236 39.94 -26.47 -11.00
N LEU B 237 39.57 -27.74 -10.88
CA LEU B 237 39.43 -28.35 -9.57
C LEU B 237 40.64 -29.24 -9.28
N ASP B 238 41.04 -29.29 -8.02
CA ASP B 238 42.04 -30.24 -7.55
C ASP B 238 41.68 -30.63 -6.10
N GLU B 239 42.63 -31.18 -5.34
CA GLU B 239 42.32 -31.70 -4.01
C GLU B 239 42.09 -30.55 -3.04
N ASP B 240 42.91 -29.50 -3.20
CA ASP B 240 42.95 -28.36 -2.29
C ASP B 240 41.79 -27.40 -2.47
N THR B 241 41.12 -27.53 -3.61
CA THR B 241 39.91 -26.78 -3.84
C THR B 241 38.98 -26.98 -2.65
N ILE B 242 38.53 -25.87 -2.06
CA ILE B 242 37.80 -25.90 -0.81
C ILE B 242 36.30 -25.74 -1.06
N TYR B 243 35.48 -26.50 -0.32
CA TYR B 243 34.04 -26.54 -0.54
C TYR B 243 33.26 -26.30 0.76
N HIS B 244 32.44 -25.25 0.77
CA HIS B 244 31.60 -24.92 1.91
C HIS B 244 30.14 -25.04 1.48
N LEU B 245 29.69 -26.29 1.37
CA LEU B 245 28.36 -26.60 0.87
C LEU B 245 27.36 -26.71 2.00
N GLN B 246 26.42 -25.77 2.04
CA GLN B 246 25.48 -25.62 3.15
C GLN B 246 26.18 -25.38 4.49
N PRO B 247 27.02 -24.33 4.56
CA PRO B 247 27.80 -24.09 5.79
C PRO B 247 26.99 -23.39 6.88
N SER B 248 25.80 -22.92 6.51
CA SER B 248 24.80 -22.42 7.46
C SER B 248 24.10 -23.59 8.18
N GLY B 249 23.77 -24.64 7.42
CA GLY B 249 23.01 -25.77 7.95
C GLY B 249 21.52 -25.53 7.85
N ARG B 250 20.95 -24.88 8.88
CA ARG B 250 19.50 -24.65 8.99
C ARG B 250 19.01 -23.52 8.04
N PHE B 251 19.12 -23.78 6.74
CA PHE B 251 18.64 -22.86 5.69
C PHE B 251 17.45 -23.47 4.92
N VAL B 252 16.29 -23.45 5.58
CA VAL B 252 14.99 -23.86 4.98
C VAL B 252 13.99 -22.69 5.10
N ILE B 253 14.02 -22.02 6.24
CA ILE B 253 13.44 -20.69 6.43
C ILE B 253 14.19 -19.72 5.48
N GLY B 254 13.64 -19.50 4.29
CA GLY B 254 14.36 -18.73 3.25
C GLY B 254 13.46 -17.99 2.26
N GLY B 255 13.93 -16.83 1.78
CA GLY B 255 13.15 -15.98 0.89
C GLY B 255 12.86 -14.60 1.48
N PRO B 256 11.84 -13.91 0.95
CA PRO B 256 11.37 -12.60 1.45
C PRO B 256 10.95 -12.56 2.93
N GLN B 257 10.69 -13.73 3.52
CA GLN B 257 10.28 -13.80 4.91
C GLN B 257 11.49 -13.52 5.82
N GLY B 258 11.29 -12.67 6.82
CA GLY B 258 12.39 -12.17 7.64
C GLY B 258 13.16 -11.01 6.99
N ASP B 259 13.09 -10.94 5.67
CA ASP B 259 14.06 -10.15 4.89
C ASP B 259 13.50 -8.86 4.29
N ALA B 260 14.31 -8.26 3.42
CA ALA B 260 13.98 -7.00 2.78
C ALA B 260 14.61 -6.93 1.39
N GLY B 261 13.80 -7.11 0.36
CA GLY B 261 14.27 -7.03 -1.01
C GLY B 261 14.11 -5.66 -1.60
N LEU B 262 14.99 -5.32 -2.53
CA LEU B 262 14.84 -4.14 -3.37
C LEU B 262 15.37 -4.41 -4.80
N THR B 263 14.76 -3.77 -5.79
CA THR B 263 15.26 -3.85 -7.16
C THR B 263 16.52 -3.02 -7.31
N GLY B 264 17.60 -3.66 -7.73
CA GLY B 264 18.82 -2.94 -8.07
C GLY B 264 19.85 -2.89 -6.97
N ARG B 265 19.66 -3.74 -5.96
CA ARG B 265 20.67 -3.93 -4.91
C ARG B 265 21.60 -5.11 -5.20
N LYS B 266 21.55 -5.62 -6.43
CA LYS B 266 22.47 -6.67 -6.85
C LYS B 266 23.06 -6.33 -8.22
N ILE B 267 23.68 -5.15 -8.29
CA ILE B 267 24.19 -4.64 -9.58
C ILE B 267 25.54 -5.20 -9.98
N ILE B 268 26.33 -5.66 -9.02
CA ILE B 268 27.64 -6.24 -9.33
C ILE B 268 27.51 -7.71 -9.70
N VAL B 269 26.46 -8.35 -9.19
CA VAL B 269 26.05 -9.65 -9.63
C VAL B 269 25.39 -9.58 -11.03
N ASP B 270 24.50 -8.59 -11.21
CA ASP B 270 23.82 -8.34 -12.51
C ASP B 270 24.79 -8.18 -13.67
N THR B 271 26.04 -7.80 -13.38
CA THR B 271 27.04 -7.48 -14.41
C THR B 271 28.32 -8.36 -14.37
N TYR B 272 29.44 -7.82 -13.87
CA TYR B 272 30.75 -8.44 -14.10
C TYR B 272 31.35 -9.09 -12.87
N GLY B 273 30.52 -9.41 -11.88
CA GLY B 273 30.98 -10.06 -10.66
C GLY B 273 32.11 -9.32 -9.99
N GLY B 274 32.23 -8.02 -10.30
CA GLY B 274 33.21 -7.13 -9.66
C GLY B 274 34.46 -6.84 -10.47
N TRP B 275 34.42 -7.18 -11.74
CA TRP B 275 35.56 -6.93 -12.62
C TRP B 275 35.34 -5.61 -13.41
N GLY B 276 36.42 -5.14 -14.04
CA GLY B 276 36.36 -3.99 -14.91
C GLY B 276 35.97 -2.74 -14.17
N ALA B 277 34.67 -2.46 -14.15
CA ALA B 277 34.11 -1.33 -13.40
C ALA B 277 32.61 -1.27 -13.57
N HIS B 278 32.00 -0.37 -12.82
CA HIS B 278 30.56 -0.18 -12.88
C HIS B 278 30.30 1.27 -12.50
N GLY B 279 29.33 1.90 -13.16
CA GLY B 279 29.14 3.34 -13.06
C GLY B 279 27.96 3.73 -12.22
N GLY B 280 27.27 2.73 -11.65
CA GLY B 280 26.20 2.94 -10.65
C GLY B 280 24.85 2.31 -11.00
N GLY B 281 24.41 2.54 -12.23
CA GLY B 281 23.05 2.22 -12.70
C GLY B 281 22.53 0.79 -12.59
N ALA B 282 21.33 0.69 -12.00
CA ALA B 282 20.60 -0.57 -11.91
C ALA B 282 19.87 -0.79 -13.22
N PHE B 283 19.68 -2.05 -13.59
CA PHE B 283 19.07 -2.38 -14.88
C PHE B 283 17.57 -2.62 -14.79
N SER B 284 17.14 -3.45 -13.85
CA SER B 284 15.78 -4.01 -13.93
C SER B 284 14.64 -2.98 -13.71
N GLY B 285 13.55 -3.21 -14.43
CA GLY B 285 12.36 -2.36 -14.33
C GLY B 285 12.43 -1.12 -15.20
N LYS B 286 13.44 -1.04 -16.07
CA LYS B 286 13.67 0.14 -16.89
C LYS B 286 13.69 -0.19 -18.39
N ASP B 287 13.24 0.76 -19.19
CA ASP B 287 13.12 0.59 -20.63
C ASP B 287 14.36 1.11 -21.38
N TYR B 288 14.29 1.08 -22.71
CA TYR B 288 15.40 1.49 -23.56
C TYR B 288 15.83 2.97 -23.43
N THR B 289 14.94 3.84 -22.94
CA THR B 289 15.26 5.28 -22.78
C THR B 289 16.12 5.54 -21.54
N LYS B 290 16.12 4.59 -20.61
CA LYS B 290 16.98 4.65 -19.42
C LYS B 290 18.35 4.10 -19.78
N VAL B 291 19.31 5.01 -19.91
CA VAL B 291 20.63 4.66 -20.41
C VAL B 291 21.43 3.90 -19.39
N ASP B 292 20.91 3.83 -18.17
CA ASP B 292 21.44 2.92 -17.17
C ASP B 292 21.44 1.50 -17.71
N ARG B 293 20.40 1.16 -18.48
CA ARG B 293 20.25 -0.18 -19.09
C ARG B 293 20.75 -0.22 -20.54
N SER B 294 20.22 0.67 -21.37
CA SER B 294 20.48 0.60 -22.80
C SER B 294 21.96 0.77 -23.13
N ALA B 295 22.53 1.88 -22.73
CA ALA B 295 23.95 2.12 -22.98
C ALA B 295 24.90 1.16 -22.24
N ALA B 296 24.38 0.42 -21.27
CA ALA B 296 25.18 -0.56 -20.53
C ALA B 296 25.25 -1.89 -21.29
N TYR B 297 24.15 -2.23 -21.95
CA TYR B 297 24.14 -3.32 -22.93
C TYR B 297 24.98 -2.96 -24.17
N ALA B 298 24.97 -1.69 -24.55
CA ALA B 298 25.72 -1.24 -25.70
C ALA B 298 27.23 -1.28 -25.45
N ALA B 299 27.65 -0.77 -24.29
CA ALA B 299 29.07 -0.73 -23.93
C ALA B 299 29.63 -2.15 -23.79
N ARG B 300 28.76 -3.09 -23.44
CA ARG B 300 29.13 -4.51 -23.38
C ARG B 300 29.27 -5.03 -24.79
N TRP B 301 28.31 -4.67 -25.64
CA TRP B 301 28.33 -4.99 -27.07
C TRP B 301 29.68 -4.55 -27.65
N VAL B 302 30.07 -3.31 -27.35
CA VAL B 302 31.33 -2.76 -27.86
C VAL B 302 32.50 -3.62 -27.42
N ALA B 303 32.69 -3.71 -26.10
CA ALA B 303 33.84 -4.39 -25.54
C ALA B 303 33.90 -5.87 -25.91
N LYS B 304 32.76 -6.51 -26.15
CA LYS B 304 32.80 -7.88 -26.64
C LYS B 304 33.25 -7.88 -28.10
N SER B 305 32.64 -7.02 -28.90
CA SER B 305 32.94 -6.97 -30.33
C SER B 305 34.42 -6.75 -30.59
N LEU B 306 35.07 -5.92 -29.75
CA LEU B 306 36.50 -5.60 -29.89
C LEU B 306 37.35 -6.85 -29.60
N VAL B 307 37.00 -7.58 -28.54
CA VAL B 307 37.78 -8.74 -28.12
C VAL B 307 37.61 -9.90 -29.10
N LYS B 308 36.37 -10.20 -29.46
CA LYS B 308 36.05 -11.25 -30.44
C LYS B 308 36.65 -10.94 -31.80
N GLY B 309 36.67 -9.65 -32.15
CA GLY B 309 37.34 -9.19 -33.36
C GLY B 309 38.87 -9.12 -33.25
N GLY B 310 39.41 -9.60 -32.13
CA GLY B 310 40.85 -9.80 -31.97
C GLY B 310 41.70 -8.56 -31.72
N LEU B 311 41.04 -7.42 -31.55
CA LEU B 311 41.75 -6.15 -31.35
C LEU B 311 42.45 -6.06 -30.00
N CYS B 312 41.90 -6.73 -28.99
CA CYS B 312 42.54 -6.89 -27.69
C CYS B 312 42.15 -8.22 -27.07
N ARG B 313 42.88 -8.62 -26.03
CA ARG B 313 42.49 -9.72 -25.18
C ARG B 313 41.61 -9.22 -24.05
N ARG B 314 41.79 -7.97 -23.63
CA ARG B 314 41.00 -7.46 -22.52
C ARG B 314 40.75 -5.96 -22.66
N VAL B 315 39.52 -5.55 -22.41
CA VAL B 315 39.11 -4.16 -22.57
C VAL B 315 37.93 -3.79 -21.64
N LEU B 316 37.97 -2.54 -21.18
CA LEU B 316 36.93 -1.92 -20.41
C LEU B 316 36.57 -0.64 -21.12
N VAL B 317 35.28 -0.40 -21.25
CA VAL B 317 34.79 0.78 -21.95
C VAL B 317 33.90 1.58 -21.02
N GLN B 318 34.09 2.89 -21.01
CA GLN B 318 33.16 3.77 -20.32
C GLN B 318 32.50 4.75 -21.29
N VAL B 319 31.20 4.97 -21.09
CA VAL B 319 30.45 6.04 -21.74
C VAL B 319 29.72 6.85 -20.68
N SER B 320 29.35 8.08 -21.02
CA SER B 320 28.46 8.85 -20.17
C SER B 320 27.46 9.66 -21.00
N TYR B 321 26.32 9.98 -20.39
CA TYR B 321 25.25 10.75 -21.03
C TYR B 321 24.79 11.86 -20.12
N ALA B 322 24.15 12.87 -20.71
CA ALA B 322 23.45 13.91 -19.97
C ALA B 322 21.99 13.81 -20.31
N ILE B 323 21.13 14.10 -19.37
CA ILE B 323 19.70 14.01 -19.63
C ILE B 323 19.32 14.98 -20.75
N GLY B 324 18.50 14.50 -21.68
CA GLY B 324 18.06 15.29 -22.83
C GLY B 324 19.18 15.67 -23.78
N VAL B 325 20.16 14.78 -23.94
CA VAL B 325 21.28 14.99 -24.87
C VAL B 325 21.63 13.63 -25.53
N SER B 326 21.45 13.56 -26.85
CA SER B 326 21.52 12.29 -27.60
C SER B 326 22.93 11.67 -27.69
N HIS B 327 23.94 12.49 -28.01
CA HIS B 327 25.32 12.01 -28.09
C HIS B 327 25.92 11.80 -26.70
N PRO B 328 26.74 10.75 -26.54
CA PRO B 328 27.51 10.59 -25.32
C PRO B 328 28.44 11.78 -25.08
N LEU B 329 28.65 12.10 -23.81
CA LEU B 329 29.55 13.18 -23.40
C LEU B 329 31.02 12.76 -23.41
N SER B 330 31.28 11.45 -23.37
CA SER B 330 32.63 10.92 -23.33
C SER B 330 32.61 9.39 -23.52
N ILE B 331 33.34 8.91 -24.54
CA ILE B 331 33.70 7.50 -24.64
C ILE B 331 35.15 7.37 -24.16
N SER B 332 35.45 6.24 -23.53
CA SER B 332 36.78 6.01 -23.00
C SER B 332 37.12 4.54 -23.14
N ILE B 333 38.33 4.25 -23.62
CA ILE B 333 38.78 2.88 -23.84
C ILE B 333 40.06 2.63 -23.07
N PHE B 334 39.99 1.67 -22.15
CA PHE B 334 41.16 1.16 -21.47
C PHE B 334 41.30 -0.27 -21.94
N HIS B 335 42.47 -0.64 -22.45
CA HIS B 335 42.70 -2.00 -22.94
C HIS B 335 43.79 -2.71 -22.16
N TYR B 336 43.99 -2.30 -20.91
CA TYR B 336 44.91 -2.98 -19.99
C TYR B 336 46.26 -3.40 -20.63
N GLY B 337 46.71 -2.68 -21.66
CA GLY B 337 47.93 -3.04 -22.42
C GLY B 337 47.92 -4.35 -23.21
N THR B 338 46.72 -4.81 -23.57
CA THR B 338 46.56 -6.11 -24.22
C THR B 338 46.39 -6.03 -25.72
N SER B 339 46.38 -4.81 -26.28
CA SER B 339 46.27 -4.61 -27.72
C SER B 339 47.58 -4.06 -28.25
N GLN B 340 47.91 -4.39 -29.49
CA GLN B 340 49.02 -3.74 -30.19
C GLN B 340 48.66 -2.31 -30.55
N LYS B 341 47.40 -2.13 -30.94
CA LYS B 341 46.86 -0.81 -31.16
C LYS B 341 46.82 -0.05 -29.84
N SER B 342 47.15 1.24 -29.87
CA SER B 342 47.01 2.12 -28.71
C SER B 342 45.54 2.29 -28.34
N GLU B 343 45.30 2.91 -27.18
CA GLU B 343 43.94 3.15 -26.69
C GLU B 343 43.15 4.15 -27.53
N ARG B 344 43.83 5.10 -28.19
CA ARG B 344 43.13 6.01 -29.09
C ARG B 344 42.76 5.29 -30.36
N GLU B 345 43.64 4.41 -30.80
CA GLU B 345 43.38 3.67 -32.03
C GLU B 345 42.09 2.83 -31.91
N LEU B 346 41.89 2.17 -30.78
CA LEU B 346 40.63 1.45 -30.51
C LEU B 346 39.44 2.41 -30.39
N LEU B 347 39.65 3.55 -29.72
CA LEU B 347 38.58 4.53 -29.54
C LEU B 347 38.10 5.05 -30.88
N GLU B 348 39.03 5.28 -31.81
CA GLU B 348 38.71 5.82 -33.13
C GLU B 348 37.95 4.79 -33.97
N ILE B 349 38.35 3.52 -33.86
CA ILE B 349 37.63 2.41 -34.48
C ILE B 349 36.20 2.36 -33.99
N VAL B 350 36.00 2.67 -32.71
CA VAL B 350 34.67 2.59 -32.10
C VAL B 350 33.75 3.72 -32.62
N LYS B 351 34.32 4.88 -32.92
CA LYS B 351 33.56 5.98 -33.50
C LYS B 351 32.99 5.63 -34.87
N LYS B 352 33.84 4.99 -35.69
CA LYS B 352 33.48 4.55 -37.03
C LYS B 352 32.39 3.48 -37.05
N ASN B 353 32.39 2.59 -36.06
CA ASN B 353 31.57 1.39 -36.07
C ASN B 353 30.38 1.39 -35.12
N PHE B 354 30.21 2.46 -34.33
CA PHE B 354 29.09 2.52 -33.39
C PHE B 354 28.49 3.92 -33.30
N ASP B 355 27.17 3.96 -33.35
CA ASP B 355 26.40 5.17 -33.04
C ASP B 355 25.72 4.85 -31.71
N LEU B 356 26.20 5.48 -30.63
CA LEU B 356 25.83 5.11 -29.27
C LEU B 356 24.81 6.05 -28.62
N ARG B 357 23.97 6.68 -29.45
CA ARG B 357 22.82 7.45 -28.98
C ARG B 357 21.71 6.48 -28.63
N PRO B 358 20.81 6.87 -27.73
CA PRO B 358 19.90 5.84 -27.23
C PRO B 358 18.88 5.41 -28.28
N GLY B 359 18.69 6.25 -29.30
CA GLY B 359 17.71 5.98 -30.37
C GLY B 359 18.22 5.03 -31.45
N VAL B 360 19.55 4.89 -31.54
CA VAL B 360 20.15 3.94 -32.46
C VAL B 360 20.37 2.63 -31.75
N ILE B 361 20.72 2.67 -30.48
CA ILE B 361 20.96 1.45 -29.71
C ILE B 361 19.71 0.59 -29.63
N VAL B 362 18.55 1.22 -29.51
CA VAL B 362 17.29 0.48 -29.43
C VAL B 362 17.08 -0.39 -30.69
N ARG B 363 17.31 0.19 -31.86
CA ARG B 363 17.25 -0.57 -33.12
C ARG B 363 18.29 -1.70 -33.08
N ASP B 364 19.57 -1.32 -33.10
CA ASP B 364 20.69 -2.26 -33.16
C ASP B 364 20.47 -3.47 -32.23
N LEU B 365 19.87 -3.26 -31.05
CA LEU B 365 19.66 -4.35 -30.05
C LEU B 365 18.18 -4.76 -29.75
N ASP B 366 17.22 -4.15 -30.44
CA ASP B 366 15.80 -4.60 -30.40
C ASP B 366 15.21 -4.50 -28.99
N LEU B 367 15.41 -3.35 -28.36
CA LEU B 367 15.15 -3.21 -26.92
C LEU B 367 13.69 -2.90 -26.58
N LYS B 368 12.81 -3.08 -27.55
CA LYS B 368 11.37 -2.93 -27.34
C LYS B 368 10.65 -4.27 -27.27
N LYS B 369 11.36 -5.34 -27.58
CA LYS B 369 10.77 -6.67 -27.45
C LYS B 369 10.74 -7.01 -25.96
N PRO B 370 9.63 -7.60 -25.48
CA PRO B 370 9.47 -7.96 -24.07
C PRO B 370 10.23 -9.24 -23.66
N ILE B 371 11.53 -9.09 -23.48
CA ILE B 371 12.42 -10.23 -23.19
C ILE B 371 13.19 -10.07 -21.89
N TYR B 372 12.87 -9.05 -21.11
CA TYR B 372 13.72 -8.65 -19.99
C TYR B 372 13.69 -9.62 -18.79
N GLN B 373 12.61 -10.35 -18.64
CA GLN B 373 12.49 -11.25 -17.52
C GLN B 373 13.55 -12.37 -17.56
N ARG B 374 14.12 -12.69 -18.73
CA ARG B 374 15.28 -13.60 -18.84
C ARG B 374 16.53 -13.03 -18.16
N THR B 375 16.71 -11.70 -18.29
CA THR B 375 17.92 -11.01 -17.85
C THR B 375 17.92 -10.74 -16.36
N ALA B 376 16.73 -10.77 -15.76
CA ALA B 376 16.55 -10.56 -14.32
C ALA B 376 17.44 -11.40 -13.40
N ALA B 377 17.81 -12.61 -13.81
CA ALA B 377 18.65 -13.46 -12.98
C ALA B 377 19.72 -14.15 -13.81
N TYR B 378 20.79 -14.57 -13.12
CA TYR B 378 21.94 -15.24 -13.75
C TYR B 378 22.75 -14.29 -14.61
N GLY B 379 22.51 -12.99 -14.52
CA GLY B 379 23.36 -12.01 -15.18
C GLY B 379 22.87 -11.56 -16.54
N HIS B 380 23.25 -10.35 -16.92
CA HIS B 380 22.79 -9.76 -18.15
C HIS B 380 23.76 -9.97 -19.29
N PHE B 381 24.99 -10.34 -18.93
CA PHE B 381 26.10 -10.39 -19.87
C PHE B 381 26.74 -11.77 -19.97
N GLY B 382 27.14 -12.14 -21.18
CA GLY B 382 27.81 -13.41 -21.43
C GLY B 382 26.84 -14.54 -21.59
N ARG B 383 25.80 -14.31 -22.38
CA ARG B 383 24.75 -15.31 -22.64
C ARG B 383 24.35 -15.33 -24.10
N ASP B 384 23.99 -16.51 -24.58
CA ASP B 384 23.92 -16.79 -26.02
C ASP B 384 22.95 -15.89 -26.81
N SER B 385 21.69 -15.90 -26.42
CA SER B 385 20.66 -15.26 -27.23
C SER B 385 20.76 -13.75 -27.26
N PHE B 386 21.13 -13.15 -26.13
CA PHE B 386 21.05 -11.69 -25.98
C PHE B 386 21.73 -10.89 -27.12
N PRO B 387 20.98 -9.96 -27.76
CA PRO B 387 21.46 -9.13 -28.88
C PRO B 387 22.85 -8.54 -28.70
N TRP B 388 23.14 -8.10 -27.48
CA TRP B 388 24.37 -7.38 -27.19
C TRP B 388 25.58 -8.31 -27.13
N GLU B 389 25.31 -9.61 -27.08
CA GLU B 389 26.34 -10.63 -27.01
C GLU B 389 26.79 -11.14 -28.36
N VAL B 390 26.14 -10.65 -29.43
CA VAL B 390 26.50 -11.04 -30.79
C VAL B 390 27.46 -9.97 -31.28
N PRO B 391 28.75 -10.33 -31.45
CA PRO B 391 29.74 -9.31 -31.79
C PRO B 391 29.53 -8.73 -33.18
N LYS B 392 29.78 -7.43 -33.33
CA LYS B 392 29.75 -6.81 -34.64
C LYS B 392 31.05 -7.08 -35.41
N LYS B 393 30.91 -7.43 -36.69
CA LYS B 393 32.07 -7.49 -37.57
C LYS B 393 32.50 -6.02 -37.75
N LEU B 394 33.75 -5.73 -37.39
CA LEU B 394 34.26 -4.36 -37.32
C LEU B 394 35.05 -3.98 -38.57
N LYS B 395 34.89 -2.75 -39.04
CA LYS B 395 35.55 -2.31 -40.28
C LYS B 395 36.56 -1.18 -40.06
N TYR B 396 37.81 -1.59 -39.87
CA TYR B 396 38.92 -0.69 -39.64
C TYR B 396 40.00 -0.91 -40.72
N GLU C 16 -51.14 -13.98 12.63
CA GLU C 16 -51.96 -13.53 13.81
C GLU C 16 -51.59 -12.06 14.07
N GLY C 17 -51.39 -11.67 15.32
CA GLY C 17 -50.68 -10.43 15.62
C GLY C 17 -49.18 -10.68 15.75
N THR C 18 -48.63 -11.53 14.88
CA THR C 18 -47.21 -11.92 14.96
C THR C 18 -46.35 -11.26 13.87
N PHE C 19 -45.04 -11.33 14.06
CA PHE C 19 -44.09 -10.75 13.13
C PHE C 19 -42.76 -11.52 13.11
N LEU C 20 -41.91 -11.20 12.14
CA LEU C 20 -40.57 -11.75 12.06
C LEU C 20 -39.49 -10.69 12.38
N PHE C 21 -38.34 -11.16 12.83
CA PHE C 21 -37.22 -10.26 13.06
C PHE C 21 -35.90 -10.98 12.90
N THR C 22 -35.12 -10.56 11.92
CA THR C 22 -33.84 -11.17 11.63
C THR C 22 -32.71 -10.42 12.35
N SER C 23 -31.78 -11.18 12.95
CA SER C 23 -30.49 -10.64 13.41
C SER C 23 -29.38 -11.48 12.81
N GLU C 24 -28.16 -10.92 12.76
CA GLU C 24 -27.01 -11.66 12.25
C GLU C 24 -25.86 -11.64 13.24
N SER C 25 -24.86 -12.48 12.97
CA SER C 25 -23.59 -12.50 13.69
C SER C 25 -22.49 -13.18 12.84
N VAL C 26 -21.24 -12.85 13.17
CA VAL C 26 -20.08 -13.29 12.41
C VAL C 26 -19.04 -13.90 13.36
N GLY C 27 -18.33 -14.90 12.86
CA GLY C 27 -17.29 -15.59 13.63
C GLY C 27 -16.01 -14.77 13.75
N GLU C 28 -15.08 -15.27 14.56
CA GLU C 28 -13.82 -14.58 14.84
C GLU C 28 -13.03 -14.34 13.58
N GLY C 29 -13.05 -15.32 12.68
CA GLY C 29 -12.27 -15.24 11.46
C GLY C 29 -12.77 -14.25 10.43
N HIS C 30 -14.03 -13.84 10.54
CA HIS C 30 -14.58 -12.86 9.62
C HIS C 30 -13.70 -11.60 9.63
N PRO C 31 -13.16 -11.22 8.45
CA PRO C 31 -12.10 -10.20 8.41
C PRO C 31 -12.43 -8.85 9.04
N ASP C 32 -13.68 -8.42 8.99
CA ASP C 32 -14.08 -7.19 9.67
C ASP C 32 -13.91 -7.38 11.18
N LYS C 33 -14.14 -8.61 11.67
CA LYS C 33 -14.05 -8.90 13.11
C LYS C 33 -12.62 -9.22 13.55
N ILE C 34 -11.85 -9.87 12.66
CA ILE C 34 -10.42 -9.97 12.82
C ILE C 34 -9.85 -8.62 13.29
N CYS C 35 -10.21 -7.58 12.55
CA CYS C 35 -9.70 -6.24 12.78
C CYS C 35 -10.15 -5.68 14.12
N ASP C 36 -11.45 -5.82 14.41
CA ASP C 36 -12.02 -5.43 15.70
C ASP C 36 -11.18 -6.02 16.84
N GLN C 37 -10.84 -7.31 16.76
CA GLN C 37 -10.05 -7.98 17.80
C GLN C 37 -8.64 -7.45 17.91
N ILE C 38 -7.98 -7.32 16.77
CA ILE C 38 -6.59 -6.87 16.75
C ILE C 38 -6.50 -5.47 17.31
N SER C 39 -7.54 -4.67 17.06
CA SER C 39 -7.59 -3.32 17.56
C SER C 39 -7.66 -3.30 19.09
N ASP C 40 -8.48 -4.16 19.68
CA ASP C 40 -8.59 -4.24 21.14
C ASP C 40 -7.37 -4.93 21.74
N ALA C 41 -6.78 -5.83 20.98
CA ALA C 41 -5.53 -6.47 21.37
C ALA C 41 -4.46 -5.41 21.63
N VAL C 42 -4.27 -4.52 20.66
CA VAL C 42 -3.34 -3.37 20.79
C VAL C 42 -3.68 -2.51 22.01
N LEU C 43 -4.97 -2.23 22.21
CA LEU C 43 -5.42 -1.48 23.39
C LEU C 43 -5.06 -2.19 24.71
N ASP C 44 -5.25 -3.50 24.78
CA ASP C 44 -4.80 -4.31 25.92
C ASP C 44 -3.29 -4.24 26.16
N ALA C 45 -2.50 -4.38 25.10
CA ALA C 45 -1.05 -4.36 25.20
C ALA C 45 -0.62 -3.10 25.94
N HIS C 46 -1.25 -1.97 25.61
CA HIS C 46 -0.90 -0.70 26.25
C HIS C 46 -1.38 -0.58 27.69
N LEU C 47 -2.59 -1.03 27.96
CA LEU C 47 -3.19 -0.87 29.30
C LEU C 47 -2.43 -1.60 30.39
N GLN C 48 -1.84 -2.75 30.05
CA GLN C 48 -1.01 -3.50 30.99
C GLN C 48 0.21 -2.71 31.42
N GLN C 49 0.73 -1.87 30.54
CA GLN C 49 1.90 -1.06 30.84
C GLN C 49 1.51 0.34 31.31
N ASP C 50 0.50 0.91 30.69
CA ASP C 50 0.01 2.24 31.04
C ASP C 50 -1.52 2.20 31.10
N PRO C 51 -2.07 2.14 32.33
CA PRO C 51 -3.52 2.17 32.44
C PRO C 51 -4.15 3.49 31.94
N ASP C 52 -3.42 4.59 31.99
CA ASP C 52 -3.90 5.88 31.48
C ASP C 52 -3.64 6.12 29.99
N ALA C 53 -3.15 5.08 29.30
CA ALA C 53 -2.87 5.16 27.87
C ALA C 53 -4.13 5.47 27.10
N LYS C 54 -4.00 6.35 26.11
CA LYS C 54 -5.13 6.80 25.33
C LYS C 54 -4.94 6.37 23.88
N VAL C 55 -5.90 5.57 23.41
CA VAL C 55 -5.76 4.72 22.23
C VAL C 55 -6.94 4.83 21.27
N ALA C 56 -6.64 4.93 19.99
CA ALA C 56 -7.64 4.82 18.92
C ALA C 56 -6.99 4.14 17.73
N CYS C 57 -7.19 2.82 17.62
CA CYS C 57 -6.47 1.98 16.65
C CYS C 57 -7.36 1.26 15.62
N GLU C 58 -7.33 1.75 14.37
CA GLU C 58 -8.01 1.10 13.24
C GLU C 58 -7.14 -0.02 12.66
N THR C 59 -7.75 -1.16 12.38
CA THR C 59 -7.04 -2.30 11.82
C THR C 59 -7.68 -2.66 10.48
N VAL C 60 -6.83 -2.86 9.49
CA VAL C 60 -7.28 -3.12 8.14
C VAL C 60 -6.67 -4.42 7.69
N ALA C 61 -7.50 -5.32 7.16
CA ALA C 61 -7.06 -6.65 6.76
C ALA C 61 -7.42 -7.02 5.32
N LYS C 62 -6.43 -7.50 4.58
CA LYS C 62 -6.58 -7.90 3.20
C LYS C 62 -5.49 -8.92 2.89
N THR C 63 -5.76 -9.76 1.90
CA THR C 63 -4.82 -10.73 1.34
C THR C 63 -3.38 -10.51 1.76
N GLY C 64 -3.01 -11.15 2.87
CA GLY C 64 -1.63 -11.14 3.36
C GLY C 64 -1.10 -9.91 4.09
N MET C 65 -1.98 -8.96 4.41
CA MET C 65 -1.58 -7.67 5.01
C MET C 65 -2.44 -7.34 6.22
N ILE C 66 -1.78 -7.00 7.33
CA ILE C 66 -2.44 -6.33 8.46
C ILE C 66 -1.86 -4.95 8.58
N LEU C 67 -2.72 -3.95 8.48
CA LEU C 67 -2.28 -2.58 8.59
C LEU C 67 -2.88 -1.99 9.86
N LEU C 68 -2.07 -1.23 10.61
CA LEU C 68 -2.56 -0.50 11.80
C LEU C 68 -2.48 1.00 11.55
N ALA C 69 -3.47 1.74 12.04
CA ALA C 69 -3.60 3.16 11.75
C ALA C 69 -4.08 3.98 12.95
N GLY C 70 -3.65 5.24 13.01
CA GLY C 70 -4.26 6.21 13.92
C GLY C 70 -3.49 6.47 15.19
N GLU C 71 -3.93 7.49 15.93
CA GLU C 71 -3.15 8.07 17.03
C GLU C 71 -3.23 7.29 18.36
N ILE C 72 -2.06 7.16 19.02
CA ILE C 72 -1.92 6.67 20.41
C ILE C 72 -1.11 7.67 21.25
N THR C 73 -1.38 7.72 22.55
CA THR C 73 -0.53 8.43 23.52
C THR C 73 -0.29 7.56 24.75
N SER C 74 0.97 7.16 24.96
CA SER C 74 1.27 6.14 25.97
C SER C 74 2.72 6.10 26.47
N ARG C 75 2.91 5.41 27.58
CA ARG C 75 4.25 5.11 28.11
C ARG C 75 4.70 3.75 27.57
N ALA C 76 3.81 2.76 27.63
CA ALA C 76 4.04 1.42 27.08
C ALA C 76 4.74 1.42 25.73
N ALA C 77 5.72 0.54 25.59
CA ALA C 77 6.28 0.21 24.29
C ALA C 77 5.78 -1.20 23.97
N VAL C 78 5.29 -1.39 22.76
CA VAL C 78 4.50 -2.56 22.38
C VAL C 78 5.01 -3.19 21.08
N ASP C 79 5.22 -4.50 21.13
CA ASP C 79 5.71 -5.24 19.98
C ASP C 79 4.52 -5.58 19.07
N TYR C 80 4.19 -4.62 18.19
CA TYR C 80 3.03 -4.74 17.30
C TYR C 80 3.09 -5.99 16.43
N GLN C 81 4.30 -6.33 16.00
CA GLN C 81 4.55 -7.63 15.38
C GLN C 81 3.97 -8.77 16.22
N LYS C 82 4.29 -8.76 17.51
CA LYS C 82 3.90 -9.85 18.40
C LYS C 82 2.37 -9.87 18.57
N VAL C 83 1.81 -8.75 19.03
CA VAL C 83 0.36 -8.60 19.22
C VAL C 83 -0.46 -9.08 18.02
N VAL C 84 -0.15 -8.52 16.86
CA VAL C 84 -0.88 -8.78 15.64
C VAL C 84 -0.74 -10.23 15.22
N ARG C 85 0.40 -10.85 15.50
CA ARG C 85 0.59 -12.23 15.06
C ARG C 85 -0.01 -13.23 16.03
N GLU C 86 0.15 -13.01 17.33
CA GLU C 86 -0.40 -13.96 18.31
C GLU C 86 -1.93 -13.94 18.33
N ALA C 87 -2.52 -12.78 18.03
CA ALA C 87 -3.96 -12.69 17.77
C ALA C 87 -4.35 -13.45 16.51
N VAL C 88 -3.65 -13.24 15.40
CA VAL C 88 -4.03 -13.90 14.14
C VAL C 88 -3.86 -15.42 14.23
N LYS C 89 -3.02 -15.88 15.16
CA LYS C 89 -2.86 -17.31 15.41
C LYS C 89 -4.02 -17.86 16.23
N HIS C 90 -4.34 -17.14 17.32
CA HIS C 90 -5.44 -17.52 18.22
C HIS C 90 -6.78 -17.63 17.49
N ILE C 91 -6.94 -16.80 16.46
CA ILE C 91 -8.11 -16.85 15.60
C ILE C 91 -8.08 -18.12 14.76
N GLY C 92 -6.89 -18.60 14.42
CA GLY C 92 -6.72 -19.88 13.72
C GLY C 92 -6.33 -19.79 12.26
N TYR C 93 -5.70 -18.70 11.87
CA TYR C 93 -5.17 -18.60 10.52
C TYR C 93 -3.70 -18.99 10.58
N ASP C 94 -3.44 -20.27 10.27
CA ASP C 94 -2.13 -20.87 10.51
C ASP C 94 -1.38 -21.35 9.26
N ASP C 95 -2.06 -21.55 8.14
CA ASP C 95 -1.42 -21.99 6.89
C ASP C 95 -1.91 -21.16 5.72
N SER C 96 -1.05 -20.99 4.72
CA SER C 96 -1.45 -20.30 3.51
C SER C 96 -2.46 -21.12 2.72
N SER C 97 -2.72 -22.36 3.15
CA SER C 97 -3.84 -23.15 2.59
C SER C 97 -5.21 -22.57 2.89
N LYS C 98 -5.26 -21.62 3.82
CA LYS C 98 -6.49 -21.07 4.32
C LYS C 98 -6.74 -19.62 3.89
N GLY C 99 -5.73 -19.01 3.26
CA GLY C 99 -5.80 -17.62 2.79
C GLY C 99 -4.96 -16.65 3.62
N PHE C 100 -4.63 -17.06 4.82
CA PHE C 100 -3.96 -16.17 5.74
C PHE C 100 -3.15 -16.97 6.77
N ASP C 101 -2.04 -16.40 7.21
CA ASP C 101 -1.13 -17.09 8.10
C ASP C 101 -0.40 -16.10 8.99
N TYR C 102 -0.47 -16.28 10.31
CA TYR C 102 0.19 -15.36 11.25
C TYR C 102 1.69 -15.34 11.05
N LYS C 103 2.21 -16.38 10.43
CA LYS C 103 3.64 -16.54 10.23
C LYS C 103 4.13 -15.74 9.01
N THR C 104 3.35 -15.74 7.93
CA THR C 104 3.80 -15.18 6.64
C THR C 104 3.26 -13.79 6.29
N CYS C 105 2.19 -13.35 6.97
CA CYS C 105 1.51 -12.12 6.62
C CYS C 105 2.37 -10.88 6.87
N ASN C 106 2.18 -9.87 6.02
CA ASN C 106 2.79 -8.56 6.19
C ASN C 106 2.10 -7.89 7.36
N VAL C 107 2.86 -7.12 8.13
CA VAL C 107 2.31 -6.27 9.17
C VAL C 107 2.88 -4.89 8.92
N LEU C 108 2.02 -3.98 8.50
CA LEU C 108 2.43 -2.58 8.37
C LEU C 108 1.92 -1.79 9.55
N VAL C 109 2.76 -0.91 10.08
CA VAL C 109 2.32 -0.04 11.14
C VAL C 109 2.45 1.42 10.71
N ALA C 110 1.42 2.19 11.04
CA ALA C 110 1.36 3.60 10.71
C ALA C 110 0.66 4.36 11.82
N LEU C 111 0.97 3.97 13.06
CA LEU C 111 0.42 4.65 14.23
C LEU C 111 1.22 5.93 14.46
N GLU C 112 0.57 6.90 15.08
CA GLU C 112 1.16 8.21 15.31
C GLU C 112 1.19 8.41 16.83
N GLN C 113 2.30 7.96 17.43
CA GLN C 113 2.43 7.79 18.87
C GLN C 113 3.34 8.82 19.57
N GLN C 114 2.81 9.43 20.64
CA GLN C 114 3.56 10.38 21.48
C GLN C 114 3.54 9.91 22.97
N SER C 115 3.93 10.78 23.91
CA SER C 115 3.75 10.52 25.35
C SER C 115 3.74 11.82 26.15
N GLN C 136 -20.81 16.42 22.32
CA GLN C 136 -21.88 15.91 23.18
C GLN C 136 -21.77 14.39 23.41
N GLY C 137 -22.68 13.62 22.80
CA GLY C 137 -22.88 12.20 23.10
C GLY C 137 -24.37 11.85 23.10
N LEU C 138 -24.71 10.74 22.46
CA LEU C 138 -26.03 10.08 22.63
C LEU C 138 -25.86 8.56 22.49
N MET C 139 -26.12 7.84 23.57
CA MET C 139 -25.92 6.40 23.64
C MET C 139 -27.18 5.69 24.11
N PHE C 140 -27.30 4.43 23.74
CA PHE C 140 -28.43 3.62 24.15
C PHE C 140 -27.97 2.35 24.84
N GLY C 141 -28.84 1.90 25.74
CA GLY C 141 -28.73 0.60 26.35
C GLY C 141 -30.11 -0.01 26.23
N TYR C 142 -30.13 -1.31 26.00
CA TYR C 142 -31.37 -2.02 25.77
C TYR C 142 -31.24 -3.32 26.51
N ALA C 143 -32.34 -3.77 27.07
CA ALA C 143 -32.37 -5.09 27.67
C ALA C 143 -33.75 -5.66 27.41
N THR C 144 -33.90 -6.96 27.62
CA THR C 144 -35.14 -7.64 27.28
C THR C 144 -35.19 -8.98 27.99
N ASP C 145 -36.38 -9.36 28.45
CA ASP C 145 -36.55 -10.60 29.23
C ASP C 145 -36.71 -11.87 28.37
N GLU C 146 -36.78 -11.70 27.05
CA GLU C 146 -37.02 -12.81 26.11
C GLU C 146 -35.99 -13.97 26.17
N THR C 147 -34.81 -13.72 26.74
CA THR C 147 -33.79 -14.75 26.98
C THR C 147 -33.17 -14.62 28.36
N GLU C 148 -32.38 -15.62 28.72
CA GLU C 148 -31.71 -15.67 30.00
C GLU C 148 -30.71 -14.50 30.10
N GLU C 149 -29.94 -14.29 29.05
CA GLU C 149 -28.90 -13.26 29.06
C GLU C 149 -29.46 -11.82 28.96
N CYS C 150 -30.78 -11.69 28.86
CA CYS C 150 -31.41 -10.38 28.74
C CYS C 150 -31.11 -9.69 27.40
N MET C 151 -30.87 -10.51 26.37
CA MET C 151 -30.67 -10.04 24.99
C MET C 151 -31.78 -10.59 24.09
N PRO C 152 -31.93 -10.02 22.89
CA PRO C 152 -32.95 -10.52 21.98
C PRO C 152 -32.58 -11.89 21.47
N LEU C 153 -33.54 -12.81 21.43
CA LEU C 153 -33.21 -14.20 21.12
C LEU C 153 -32.39 -14.28 19.86
N THR C 154 -32.89 -13.59 18.82
CA THR C 154 -32.34 -13.64 17.47
C THR C 154 -30.83 -13.55 17.46
N ILE C 155 -30.29 -12.53 18.10
CA ILE C 155 -28.84 -12.28 18.04
C ILE C 155 -28.02 -13.26 18.91
N VAL C 156 -28.62 -13.72 20.00
CA VAL C 156 -27.91 -14.65 20.89
C VAL C 156 -27.77 -16.01 20.23
N LEU C 157 -28.78 -16.44 19.50
CA LEU C 157 -28.66 -17.65 18.69
C LEU C 157 -27.67 -17.47 17.53
N ALA C 158 -27.62 -16.27 16.96
CA ALA C 158 -26.68 -15.99 15.90
C ALA C 158 -25.28 -16.09 16.49
N HIS C 159 -25.06 -15.35 17.55
CA HIS C 159 -23.79 -15.38 18.24
C HIS C 159 -23.40 -16.82 18.58
N LYS C 160 -24.29 -17.54 19.26
CA LYS C 160 -23.95 -18.85 19.81
C LYS C 160 -23.70 -19.92 18.74
N LEU C 161 -24.38 -19.82 17.60
CA LEU C 161 -24.09 -20.70 16.45
C LEU C 161 -22.62 -20.58 16.00
N ASN C 162 -22.10 -19.35 15.94
CA ASN C 162 -20.70 -19.11 15.56
C ASN C 162 -19.74 -19.58 16.64
N ALA C 163 -20.02 -19.23 17.90
CA ALA C 163 -19.20 -19.67 19.02
C ALA C 163 -19.07 -21.18 19.01
N LYS C 164 -20.17 -21.87 18.68
CA LYS C 164 -20.21 -23.34 18.62
C LYS C 164 -19.42 -23.92 17.44
N LEU C 165 -19.26 -23.15 16.37
CA LEU C 165 -18.36 -23.57 15.29
C LEU C 165 -16.90 -23.43 15.73
N ALA C 166 -16.57 -22.30 16.35
CA ALA C 166 -15.22 -22.04 16.85
C ALA C 166 -14.77 -23.17 17.76
N GLU C 167 -15.68 -23.58 18.64
CA GLU C 167 -15.54 -24.76 19.52
C GLU C 167 -15.23 -26.04 18.71
N LEU C 168 -16.10 -26.39 17.78
CA LEU C 168 -15.95 -27.61 17.00
C LEU C 168 -14.79 -27.56 15.98
N ARG C 169 -14.26 -26.38 15.69
CA ARG C 169 -13.02 -26.29 14.93
C ARG C 169 -11.83 -26.49 15.90
N ARG C 170 -11.86 -25.82 17.03
CA ARG C 170 -10.75 -25.88 17.98
C ARG C 170 -10.56 -27.24 18.67
N ASN C 171 -11.64 -27.86 19.11
CA ASN C 171 -11.52 -29.18 19.73
C ASN C 171 -11.05 -30.28 18.71
N GLY C 172 -11.50 -30.18 17.47
CA GLY C 172 -11.14 -31.14 16.43
C GLY C 172 -12.34 -31.74 15.72
N THR C 173 -13.45 -31.90 16.42
CA THR C 173 -14.62 -32.70 15.95
C THR C 173 -15.15 -32.37 14.54
N LEU C 174 -14.97 -31.15 14.07
CA LEU C 174 -15.20 -30.83 12.66
C LEU C 174 -13.94 -30.21 12.09
N PRO C 175 -13.05 -31.04 11.50
CA PRO C 175 -11.72 -30.57 11.09
C PRO C 175 -11.73 -29.78 9.78
N TRP C 176 -12.81 -29.88 9.01
CA TRP C 176 -12.94 -29.26 7.69
C TRP C 176 -13.38 -27.80 7.75
N LEU C 177 -13.75 -27.33 8.95
CA LEU C 177 -14.08 -25.93 9.16
C LEU C 177 -12.83 -25.07 9.05
N ARG C 178 -13.01 -23.81 8.68
CA ARG C 178 -11.98 -22.80 8.81
C ARG C 178 -12.57 -21.59 9.54
N PRO C 179 -11.74 -20.59 9.90
CA PRO C 179 -12.17 -19.59 10.88
C PRO C 179 -13.26 -18.58 10.46
N ASP C 180 -13.48 -18.39 9.16
CA ASP C 180 -14.44 -17.38 8.65
C ASP C 180 -15.90 -17.90 8.66
N SER C 181 -16.79 -17.23 9.39
CA SER C 181 -18.19 -17.66 9.47
C SER C 181 -19.18 -16.50 9.57
N LYS C 182 -20.46 -16.80 9.36
CA LYS C 182 -21.55 -15.82 9.45
C LYS C 182 -22.86 -16.56 9.70
N THR C 183 -23.59 -16.17 10.74
CA THR C 183 -24.88 -16.76 11.03
C THR C 183 -25.98 -15.71 10.98
N GLN C 184 -27.17 -16.12 10.56
CA GLN C 184 -28.34 -15.26 10.60
C GLN C 184 -29.52 -16.09 11.11
N VAL C 185 -30.29 -15.50 12.02
CA VAL C 185 -31.32 -16.22 12.76
C VAL C 185 -32.61 -15.40 12.85
N THR C 186 -33.53 -15.68 11.92
CA THR C 186 -34.81 -15.01 11.86
C THR C 186 -35.81 -15.69 12.78
N VAL C 187 -36.39 -14.93 13.70
CA VAL C 187 -37.29 -15.51 14.68
C VAL C 187 -38.69 -14.94 14.50
N GLN C 188 -39.67 -15.83 14.69
CA GLN C 188 -41.08 -15.45 14.74
C GLN C 188 -41.48 -15.07 16.16
N TYR C 189 -42.14 -13.91 16.27
CA TYR C 189 -42.38 -13.25 17.55
C TYR C 189 -43.85 -12.97 17.75
N MET C 190 -44.17 -12.58 18.99
CA MET C 190 -45.54 -12.39 19.42
C MET C 190 -45.65 -11.13 20.28
N GLN C 191 -45.90 -9.98 19.66
CA GLN C 191 -46.07 -8.74 20.44
C GLN C 191 -47.20 -8.94 21.45
N ASP C 192 -47.04 -8.32 22.63
CA ASP C 192 -47.84 -8.69 23.79
C ASP C 192 -47.56 -7.76 24.96
N ARG C 193 -48.56 -6.93 25.31
CA ARG C 193 -48.49 -6.02 26.47
C ARG C 193 -47.11 -5.36 26.62
N GLY C 194 -46.51 -4.97 25.48
CA GLY C 194 -45.20 -4.31 25.49
C GLY C 194 -44.04 -5.17 25.06
N ALA C 195 -43.88 -6.32 25.73
CA ALA C 195 -42.73 -7.23 25.51
C ALA C 195 -42.96 -8.17 24.35
N VAL C 196 -41.91 -8.86 23.94
CA VAL C 196 -41.96 -9.73 22.76
C VAL C 196 -41.58 -11.18 23.08
N LEU C 197 -42.47 -12.10 22.71
CA LEU C 197 -42.31 -13.51 23.02
C LEU C 197 -41.81 -14.26 21.80
N PRO C 198 -40.65 -14.92 21.92
CA PRO C 198 -40.22 -15.76 20.83
C PRO C 198 -41.08 -17.01 20.75
N ILE C 199 -41.90 -17.08 19.70
CA ILE C 199 -42.65 -18.29 19.39
C ILE C 199 -41.69 -19.33 18.86
N ARG C 200 -41.12 -19.09 17.68
CA ARG C 200 -40.37 -20.11 16.96
C ARG C 200 -39.29 -19.56 16.02
N VAL C 201 -38.35 -20.43 15.65
CA VAL C 201 -37.24 -20.08 14.77
C VAL C 201 -37.66 -20.27 13.33
N HIS C 202 -37.85 -19.16 12.61
CA HIS C 202 -38.38 -19.21 11.23
C HIS C 202 -37.30 -19.68 10.24
N THR C 203 -36.26 -18.87 10.05
CA THR C 203 -35.21 -19.12 9.04
C THR C 203 -33.83 -19.13 9.71
N ILE C 204 -32.94 -20.02 9.26
CA ILE C 204 -31.55 -20.04 9.75
C ILE C 204 -30.55 -20.06 8.61
N VAL C 205 -29.68 -19.05 8.57
CA VAL C 205 -28.56 -19.01 7.65
C VAL C 205 -27.29 -19.34 8.44
N ILE C 206 -26.50 -20.27 7.91
CA ILE C 206 -25.09 -20.40 8.30
C ILE C 206 -24.29 -20.52 7.01
N SER C 207 -23.27 -19.66 6.87
CA SER C 207 -22.25 -19.79 5.83
C SER C 207 -20.93 -19.83 6.59
N VAL C 208 -20.12 -20.86 6.36
CA VAL C 208 -18.84 -21.03 7.08
C VAL C 208 -17.73 -21.65 6.20
N GLN C 209 -16.58 -20.98 6.16
CA GLN C 209 -15.47 -21.34 5.27
C GLN C 209 -14.93 -22.75 5.48
N HIS C 210 -14.83 -23.52 4.39
CA HIS C 210 -14.46 -24.94 4.45
C HIS C 210 -13.33 -25.33 3.51
N ASP C 211 -12.81 -26.54 3.69
CA ASP C 211 -11.76 -27.06 2.80
C ASP C 211 -12.38 -27.77 1.60
N GLU C 212 -11.55 -28.07 0.61
CA GLU C 212 -12.04 -28.59 -0.66
C GLU C 212 -12.05 -30.13 -0.73
N GLU C 213 -11.79 -30.77 0.41
CA GLU C 213 -11.88 -32.22 0.52
C GLU C 213 -13.34 -32.63 0.73
N VAL C 214 -13.97 -32.04 1.74
CA VAL C 214 -15.36 -32.40 2.13
C VAL C 214 -16.41 -32.02 1.08
N CYS C 215 -17.35 -32.91 0.83
CA CYS C 215 -18.44 -32.68 -0.12
C CYS C 215 -19.47 -31.73 0.49
N LEU C 216 -20.24 -31.07 -0.35
CA LEU C 216 -21.28 -30.10 0.06
C LEU C 216 -22.33 -30.65 1.07
N ASP C 217 -22.58 -31.95 1.03
CA ASP C 217 -23.61 -32.61 1.85
C ASP C 217 -23.22 -32.75 3.32
N GLU C 218 -22.15 -33.50 3.54
CA GLU C 218 -21.62 -33.77 4.87
C GLU C 218 -21.66 -32.50 5.74
N MET C 219 -21.40 -31.34 5.12
CA MET C 219 -21.41 -30.05 5.82
C MET C 219 -22.81 -29.71 6.31
N ARG C 220 -23.71 -29.46 5.36
CA ARG C 220 -25.08 -29.08 5.68
C ARG C 220 -25.73 -30.01 6.71
N ASP C 221 -25.48 -31.30 6.52
CA ASP C 221 -25.93 -32.32 7.44
C ASP C 221 -25.36 -32.05 8.85
N ALA C 222 -24.07 -31.76 8.91
CA ALA C 222 -23.38 -31.52 10.17
C ALA C 222 -23.79 -30.19 10.79
N LEU C 223 -24.08 -29.22 9.94
CA LEU C 223 -24.50 -27.91 10.41
C LEU C 223 -25.81 -28.04 11.15
N LYS C 224 -26.71 -28.86 10.60
CA LYS C 224 -27.98 -29.20 11.26
C LYS C 224 -27.82 -29.92 12.61
N GLU C 225 -27.01 -30.98 12.64
CA GLU C 225 -26.94 -31.90 13.79
C GLU C 225 -25.88 -31.56 14.83
N LYS C 226 -24.71 -31.14 14.39
CA LYS C 226 -23.59 -30.85 15.29
C LYS C 226 -23.69 -29.46 15.89
N VAL C 227 -24.22 -28.53 15.09
CA VAL C 227 -24.17 -27.11 15.38
C VAL C 227 -25.53 -26.56 15.76
N ILE C 228 -26.45 -26.49 14.81
CA ILE C 228 -27.76 -25.91 15.08
C ILE C 228 -28.45 -26.66 16.20
N LYS C 229 -28.53 -27.98 16.07
CA LYS C 229 -29.12 -28.85 17.09
C LYS C 229 -28.56 -28.58 18.48
N ALA C 230 -27.25 -28.36 18.56
CA ALA C 230 -26.59 -28.11 19.82
C ALA C 230 -26.88 -26.73 20.41
N VAL C 231 -27.31 -25.77 19.57
CA VAL C 231 -27.44 -24.37 20.01
C VAL C 231 -28.91 -23.98 20.24
N VAL C 232 -29.70 -24.04 19.18
CA VAL C 232 -31.09 -23.62 19.17
C VAL C 232 -31.97 -24.62 19.94
N PRO C 233 -32.56 -24.20 21.08
CA PRO C 233 -33.38 -25.09 21.94
C PRO C 233 -34.46 -25.87 21.19
N ALA C 234 -34.47 -27.19 21.34
CA ALA C 234 -35.40 -28.13 20.66
C ALA C 234 -36.82 -27.59 20.45
N LYS C 235 -37.32 -26.86 21.46
CA LYS C 235 -38.67 -26.27 21.46
C LYS C 235 -38.98 -25.24 20.36
N TYR C 236 -37.98 -24.61 19.77
CA TYR C 236 -38.19 -23.61 18.72
C TYR C 236 -38.20 -24.16 17.27
N LEU C 237 -37.58 -25.32 17.08
CA LEU C 237 -37.44 -25.93 15.77
C LEU C 237 -38.62 -26.84 15.48
N ASP C 238 -38.80 -27.17 14.20
CA ASP C 238 -39.90 -28.01 13.75
C ASP C 238 -39.70 -28.37 12.28
N GLU C 239 -40.67 -29.07 11.69
CA GLU C 239 -40.67 -29.30 10.24
C GLU C 239 -40.64 -27.97 9.46
N ASP C 240 -41.34 -26.97 9.97
CA ASP C 240 -41.58 -25.73 9.21
C ASP C 240 -40.35 -24.81 9.12
N THR C 241 -39.45 -24.89 10.10
CA THR C 241 -38.20 -24.13 10.11
C THR C 241 -37.41 -24.28 8.79
N ILE C 242 -36.79 -23.18 8.35
CA ILE C 242 -35.99 -23.14 7.10
C ILE C 242 -34.48 -23.10 7.41
N TYR C 243 -33.72 -23.86 6.62
CA TYR C 243 -32.28 -23.93 6.78
C TYR C 243 -31.65 -23.44 5.49
N HIS C 244 -30.81 -22.42 5.61
CA HIS C 244 -29.97 -21.95 4.51
C HIS C 244 -28.54 -22.16 4.93
N LEU C 245 -28.02 -23.33 4.58
CA LEU C 245 -26.72 -23.78 5.04
C LEU C 245 -25.78 -23.90 3.86
N GLN C 246 -24.71 -23.11 3.89
CA GLN C 246 -23.80 -22.99 2.76
C GLN C 246 -24.57 -22.69 1.48
N PRO C 247 -25.46 -21.69 1.52
CA PRO C 247 -26.29 -21.41 0.35
C PRO C 247 -25.51 -20.85 -0.83
N SER C 248 -24.20 -20.65 -0.64
CA SER C 248 -23.29 -20.13 -1.66
C SER C 248 -22.69 -21.23 -2.55
N GLY C 249 -23.00 -22.49 -2.20
CA GLY C 249 -22.32 -23.65 -2.77
C GLY C 249 -20.97 -23.81 -2.10
N ARG C 250 -19.93 -23.39 -2.82
CA ARG C 250 -18.55 -23.37 -2.31
C ARG C 250 -18.27 -22.13 -1.47
N PHE C 251 -17.44 -22.33 -0.44
CA PHE C 251 -16.95 -21.28 0.43
C PHE C 251 -15.58 -21.77 0.89
N VAL C 252 -14.62 -21.82 -0.04
CA VAL C 252 -13.23 -22.24 0.27
C VAL C 252 -12.34 -21.03 0.43
N ILE C 253 -12.55 -20.02 -0.41
CA ILE C 253 -11.83 -18.77 -0.29
C ILE C 253 -12.58 -17.88 0.70
N GLY C 254 -11.85 -17.45 1.73
CA GLY C 254 -12.41 -16.61 2.78
C GLY C 254 -11.36 -15.89 3.62
N GLY C 255 -11.84 -15.17 4.62
CA GLY C 255 -10.96 -14.31 5.40
C GLY C 255 -10.55 -13.13 4.54
N PRO C 256 -9.52 -12.37 4.98
CA PRO C 256 -9.05 -11.21 4.22
C PRO C 256 -9.02 -11.42 2.71
N GLN C 257 -8.68 -12.63 2.27
CA GLN C 257 -8.61 -12.95 0.86
C GLN C 257 -9.95 -12.75 0.08
N GLY C 258 -11.07 -13.13 0.69
CA GLY C 258 -12.38 -13.05 0.02
C GLY C 258 -12.97 -11.67 0.07
N ASP C 259 -12.78 -11.01 1.21
CA ASP C 259 -13.34 -9.69 1.48
C ASP C 259 -12.39 -8.91 2.40
N ALA C 260 -12.14 -7.63 2.09
CA ALA C 260 -11.32 -6.79 2.95
C ALA C 260 -11.99 -6.61 4.31
N GLY C 261 -11.21 -6.26 5.31
CA GLY C 261 -11.69 -6.20 6.69
C GLY C 261 -11.27 -4.93 7.40
N LEU C 262 -12.23 -4.25 8.01
CA LEU C 262 -11.94 -2.98 8.68
C LEU C 262 -12.56 -2.95 10.08
N THR C 263 -11.86 -2.30 11.00
CA THR C 263 -12.32 -2.18 12.38
C THR C 263 -13.61 -1.39 12.44
N GLY C 264 -14.54 -1.82 13.27
CA GLY C 264 -15.78 -1.09 13.51
C GLY C 264 -16.80 -1.18 12.38
N ARG C 265 -16.86 -2.33 11.72
CA ARG C 265 -17.82 -2.54 10.63
C ARG C 265 -18.93 -3.52 10.97
N LYS C 266 -19.01 -3.86 12.27
CA LYS C 266 -20.05 -4.73 12.81
C LYS C 266 -20.68 -4.14 14.10
N ILE C 267 -20.97 -2.84 14.10
CA ILE C 267 -21.48 -2.20 15.31
C ILE C 267 -22.79 -2.83 15.77
N ILE C 268 -23.60 -3.35 14.85
CA ILE C 268 -24.91 -3.88 15.22
C ILE C 268 -24.79 -5.33 15.67
N VAL C 269 -23.89 -6.08 15.03
CA VAL C 269 -23.45 -7.36 15.56
C VAL C 269 -22.87 -7.18 16.97
N ASP C 270 -22.03 -6.16 17.15
CA ASP C 270 -21.44 -5.88 18.47
C ASP C 270 -22.47 -5.58 19.56
N THR C 271 -23.64 -5.04 19.19
CA THR C 271 -24.66 -4.66 20.20
C THR C 271 -25.99 -5.41 20.07
N TYR C 272 -27.08 -4.70 19.81
CA TYR C 272 -28.40 -5.30 19.85
C TYR C 272 -28.89 -5.62 18.43
N GLY C 273 -28.09 -6.39 17.69
CA GLY C 273 -28.41 -6.95 16.37
C GLY C 273 -29.78 -6.69 15.77
N GLY C 274 -30.07 -5.43 15.47
CA GLY C 274 -31.31 -5.03 14.81
C GLY C 274 -32.27 -4.35 15.76
N TRP C 275 -32.21 -4.78 17.03
CA TRP C 275 -33.07 -4.26 18.08
C TRP C 275 -32.45 -3.01 18.70
N GLY C 276 -33.19 -2.44 19.64
CA GLY C 276 -32.67 -1.34 20.42
C GLY C 276 -32.54 -0.10 19.60
N ALA C 277 -31.33 0.46 19.60
CA ALA C 277 -31.04 1.75 18.97
C ALA C 277 -29.55 1.97 19.06
N HIS C 278 -28.99 2.77 18.15
CA HIS C 278 -27.54 2.95 18.13
C HIS C 278 -27.16 4.37 17.81
N GLY C 279 -26.15 4.86 18.51
CA GLY C 279 -25.59 6.19 18.24
C GLY C 279 -24.71 6.25 17.01
N GLY C 280 -23.73 5.35 16.96
CA GLY C 280 -22.77 5.32 15.83
C GLY C 280 -21.38 4.91 16.29
N GLY C 281 -21.12 5.09 17.58
CA GLY C 281 -19.85 4.71 18.17
C GLY C 281 -19.50 3.25 17.91
N ALA C 282 -18.46 3.07 17.11
CA ALA C 282 -17.79 1.79 17.04
C ALA C 282 -16.92 1.73 18.30
N PHE C 283 -16.84 0.55 18.92
CA PHE C 283 -16.10 0.37 20.18
C PHE C 283 -14.63 -0.02 20.01
N SER C 284 -14.39 -1.20 19.43
CA SER C 284 -13.10 -1.86 19.51
C SER C 284 -12.01 -0.94 19.03
N GLY C 285 -10.86 -0.95 19.70
CA GLY C 285 -9.76 -0.06 19.34
C GLY C 285 -9.75 1.24 20.14
N LYS C 286 -10.93 1.71 20.54
CA LYS C 286 -11.01 2.85 21.43
C LYS C 286 -10.79 2.40 22.88
N ASP C 287 -10.28 3.29 23.72
CA ASP C 287 -10.16 3.03 25.14
C ASP C 287 -11.27 3.73 25.91
N TYR C 288 -11.25 3.57 27.22
CA TYR C 288 -12.32 4.04 28.12
C TYR C 288 -12.54 5.58 28.19
N THR C 289 -11.62 6.37 27.64
CA THR C 289 -11.82 7.83 27.64
C THR C 289 -12.80 8.30 26.55
N LYS C 290 -13.18 7.40 25.64
CA LYS C 290 -14.22 7.68 24.65
C LYS C 290 -15.52 7.16 25.24
N VAL C 291 -16.46 8.04 25.55
CA VAL C 291 -17.71 7.60 26.17
C VAL C 291 -18.55 6.71 25.24
N ASP C 292 -18.36 6.86 23.92
CA ASP C 292 -19.01 6.00 22.91
C ASP C 292 -18.92 4.53 23.26
N ARG C 293 -17.79 4.16 23.84
CA ARG C 293 -17.55 2.83 24.35
C ARG C 293 -17.98 2.69 25.81
N SER C 294 -17.47 3.56 26.68
CA SER C 294 -17.67 3.43 28.11
C SER C 294 -19.13 3.54 28.48
N ALA C 295 -19.74 4.65 28.10
CA ALA C 295 -21.17 4.89 28.40
C ALA C 295 -22.13 3.84 27.79
N ALA C 296 -21.76 3.28 26.64
CA ALA C 296 -22.54 2.20 26.04
C ALA C 296 -22.68 1.02 27.01
N TYR C 297 -21.60 0.77 27.75
CA TYR C 297 -21.58 -0.30 28.74
C TYR C 297 -22.37 0.14 29.95
N ALA C 298 -22.24 1.42 30.31
CA ALA C 298 -22.99 1.98 31.44
C ALA C 298 -24.48 1.92 31.13
N ALA C 299 -24.86 2.42 29.97
CA ALA C 299 -26.25 2.43 29.55
C ALA C 299 -26.82 1.02 29.45
N ARG C 300 -25.99 0.04 29.11
CA ARG C 300 -26.45 -1.35 29.02
C ARG C 300 -26.58 -1.91 30.43
N TRP C 301 -25.58 -1.66 31.25
CA TRP C 301 -25.61 -2.05 32.65
C TRP C 301 -26.94 -1.57 33.24
N VAL C 302 -27.18 -0.26 33.14
CA VAL C 302 -28.41 0.34 33.67
C VAL C 302 -29.66 -0.42 33.21
N ALA C 303 -29.72 -0.79 31.94
CA ALA C 303 -30.87 -1.52 31.41
C ALA C 303 -30.98 -2.89 32.06
N LYS C 304 -29.92 -3.68 31.97
CA LYS C 304 -29.93 -5.07 32.44
C LYS C 304 -30.21 -5.14 33.94
N SER C 305 -29.90 -4.05 34.66
CA SER C 305 -30.32 -3.91 36.04
C SER C 305 -31.85 -3.95 36.10
N LEU C 306 -32.47 -3.05 35.37
CA LEU C 306 -33.93 -2.87 35.43
C LEU C 306 -34.73 -4.10 35.04
N VAL C 307 -34.35 -4.83 34.00
CA VAL C 307 -35.12 -6.01 33.62
C VAL C 307 -34.99 -7.09 34.68
N LYS C 308 -33.76 -7.39 35.08
CA LYS C 308 -33.52 -8.42 36.09
C LYS C 308 -34.12 -8.05 37.46
N GLY C 309 -34.16 -6.76 37.75
CA GLY C 309 -34.69 -6.26 39.01
C GLY C 309 -36.20 -6.15 39.04
N GLY C 310 -36.87 -6.61 37.98
CA GLY C 310 -38.34 -6.68 37.93
C GLY C 310 -39.05 -5.39 37.56
N LEU C 311 -38.33 -4.28 37.47
CA LEU C 311 -38.94 -2.98 37.21
C LEU C 311 -39.51 -2.81 35.79
N CYS C 312 -39.14 -3.68 34.85
CA CYS C 312 -39.76 -3.72 33.52
C CYS C 312 -39.23 -4.86 32.65
N ARG C 313 -40.11 -5.44 31.84
CA ARG C 313 -39.80 -6.62 31.02
C ARG C 313 -38.83 -6.30 29.87
N ARG C 314 -39.07 -5.17 29.21
CA ARG C 314 -38.25 -4.70 28.10
C ARG C 314 -37.89 -3.24 28.39
N VAL C 315 -36.72 -2.78 27.97
CA VAL C 315 -36.36 -1.37 28.19
C VAL C 315 -35.26 -0.80 27.30
N LEU C 316 -35.43 0.47 26.93
CA LEU C 316 -34.42 1.24 26.20
C LEU C 316 -34.00 2.47 27.00
N VAL C 317 -32.70 2.60 27.26
CA VAL C 317 -32.21 3.74 28.03
C VAL C 317 -31.47 4.75 27.16
N GLN C 318 -32.12 5.87 26.88
CA GLN C 318 -31.51 6.97 26.15
C GLN C 318 -30.75 7.87 27.13
N VAL C 319 -29.47 8.11 26.86
CA VAL C 319 -28.61 8.87 27.75
C VAL C 319 -27.96 10.02 27.00
N SER C 320 -28.53 11.22 27.10
CA SER C 320 -28.05 12.39 26.34
C SER C 320 -26.96 13.19 27.09
N TYR C 321 -25.70 13.05 26.65
CA TYR C 321 -24.56 13.78 27.25
C TYR C 321 -24.37 15.13 26.56
N ALA C 322 -23.93 16.12 27.34
CA ALA C 322 -23.87 17.51 26.87
C ALA C 322 -22.46 18.09 26.94
N ILE C 323 -22.21 19.13 26.13
CA ILE C 323 -20.94 19.88 26.12
C ILE C 323 -20.95 20.99 27.20
N GLY C 324 -20.20 20.78 28.27
CA GLY C 324 -20.22 21.66 29.43
C GLY C 324 -20.82 21.00 30.67
N VAL C 325 -21.41 19.83 30.49
CA VAL C 325 -22.03 19.06 31.59
C VAL C 325 -21.45 17.64 31.65
N SER C 326 -20.70 17.35 32.72
CA SER C 326 -20.10 16.02 32.94
C SER C 326 -21.17 14.97 33.26
N HIS C 327 -22.28 15.39 33.90
CA HIS C 327 -23.47 14.55 34.03
C HIS C 327 -24.30 14.55 32.73
N PRO C 328 -25.10 13.48 32.53
CA PRO C 328 -26.07 13.49 31.43
C PRO C 328 -27.00 14.69 31.53
N LEU C 329 -27.37 15.28 30.40
CA LEU C 329 -28.35 16.37 30.40
C LEU C 329 -29.77 15.77 30.51
N SER C 330 -29.94 14.58 29.96
CA SER C 330 -31.27 13.98 29.87
C SER C 330 -31.17 12.45 29.77
N ILE C 331 -32.08 11.76 30.45
CA ILE C 331 -32.22 10.33 30.31
C ILE C 331 -33.70 10.05 30.03
N SER C 332 -33.99 9.37 28.92
CA SER C 332 -35.36 9.00 28.56
C SER C 332 -35.46 7.49 28.62
N ILE C 333 -36.48 6.98 29.31
CA ILE C 333 -36.61 5.54 29.54
C ILE C 333 -37.88 4.92 28.94
N PHE C 334 -37.77 4.48 27.69
CA PHE C 334 -38.89 3.84 26.99
C PHE C 334 -38.93 2.41 27.47
N HIS C 335 -39.93 2.09 28.28
CA HIS C 335 -40.08 0.74 28.81
C HIS C 335 -41.22 0.02 28.10
N TYR C 336 -41.61 0.55 26.93
CA TYR C 336 -42.56 -0.08 26.03
C TYR C 336 -43.88 -0.53 26.71
N GLY C 337 -44.26 0.14 27.79
CA GLY C 337 -45.46 -0.23 28.55
C GLY C 337 -45.37 -1.61 29.19
N THR C 338 -44.15 -2.03 29.54
CA THR C 338 -43.95 -3.32 30.17
C THR C 338 -43.82 -3.18 31.68
N SER C 339 -43.99 -1.95 32.16
CA SER C 339 -43.89 -1.61 33.57
C SER C 339 -45.21 -1.02 34.09
N GLN C 340 -45.45 -1.16 35.39
CA GLN C 340 -46.56 -0.45 36.04
C GLN C 340 -46.06 0.77 36.78
N LYS C 341 -44.74 0.93 36.86
CA LYS C 341 -44.16 2.19 37.34
C LYS C 341 -43.97 3.11 36.15
N SER C 342 -44.25 4.38 36.36
CA SER C 342 -44.17 5.37 35.31
C SER C 342 -42.71 5.51 34.84
N GLU C 343 -42.52 6.12 33.67
CA GLU C 343 -41.19 6.50 33.21
C GLU C 343 -40.59 7.57 34.16
N ARG C 344 -41.45 8.48 34.60
CA ARG C 344 -41.19 9.36 35.76
C ARG C 344 -40.44 8.56 36.84
N GLU C 345 -41.08 7.50 37.33
CA GLU C 345 -40.55 6.67 38.43
C GLU C 345 -39.18 6.09 38.10
N LEU C 346 -39.10 5.35 37.00
CA LEU C 346 -37.87 4.66 36.63
C LEU C 346 -36.67 5.63 36.53
N LEU C 347 -36.89 6.82 35.97
CA LEU C 347 -35.83 7.82 35.90
C LEU C 347 -35.32 8.13 37.31
N GLU C 348 -36.25 8.12 38.27
CA GLU C 348 -35.93 8.42 39.66
C GLU C 348 -35.11 7.30 40.32
N ILE C 349 -35.42 6.04 40.00
CA ILE C 349 -34.69 4.89 40.53
C ILE C 349 -33.26 4.88 40.01
N VAL C 350 -33.06 5.40 38.81
CA VAL C 350 -31.74 5.43 38.22
C VAL C 350 -30.85 6.49 38.92
N LYS C 351 -31.36 7.70 39.14
CA LYS C 351 -30.55 8.78 39.74
C LYS C 351 -30.13 8.53 41.19
N LYS C 352 -30.84 7.65 41.89
CA LYS C 352 -30.39 7.11 43.18
C LYS C 352 -29.30 6.08 42.95
N ASN C 353 -29.63 5.05 42.20
CA ASN C 353 -28.80 3.84 42.09
C ASN C 353 -27.53 3.91 41.22
N PHE C 354 -27.42 4.92 40.36
CA PHE C 354 -26.31 5.01 39.39
C PHE C 354 -25.61 6.36 39.40
N ASP C 355 -24.45 6.40 38.77
CA ASP C 355 -23.64 7.60 38.75
C ASP C 355 -22.89 7.70 37.41
N LEU C 356 -23.48 8.40 36.46
CA LEU C 356 -23.11 8.27 35.06
C LEU C 356 -22.31 9.44 34.49
N ARG C 357 -21.39 9.94 35.30
CA ARG C 357 -20.29 10.73 34.77
C ARG C 357 -19.19 9.73 34.49
N PRO C 358 -18.54 9.83 33.31
CA PRO C 358 -17.42 8.96 32.94
C PRO C 358 -16.47 8.55 34.07
N GLY C 359 -15.98 9.53 34.83
CA GLY C 359 -15.04 9.29 35.93
C GLY C 359 -15.49 8.27 36.95
N VAL C 360 -16.80 8.12 37.12
CA VAL C 360 -17.36 7.16 38.06
C VAL C 360 -17.50 5.78 37.43
N ILE C 361 -17.80 5.75 36.13
CA ILE C 361 -18.08 4.50 35.43
C ILE C 361 -16.79 3.70 35.24
N VAL C 362 -15.68 4.39 34.98
CA VAL C 362 -14.36 3.75 34.90
C VAL C 362 -14.04 2.98 36.19
N ARG C 363 -14.51 3.53 37.32
CA ARG C 363 -14.28 2.94 38.65
C ARG C 363 -15.13 1.68 38.86
N ASP C 364 -16.45 1.85 38.76
CA ASP C 364 -17.42 0.77 39.02
C ASP C 364 -17.24 -0.45 38.13
N LEU C 365 -17.11 -0.22 36.83
CA LEU C 365 -16.95 -1.28 35.85
C LEU C 365 -15.48 -1.68 35.69
N ASP C 366 -14.57 -0.90 36.27
CA ASP C 366 -13.13 -1.16 36.28
C ASP C 366 -12.56 -1.22 34.84
N LEU C 367 -12.75 -0.14 34.08
CA LEU C 367 -12.50 -0.16 32.65
C LEU C 367 -11.05 0.10 32.26
N LYS C 368 -10.11 0.00 33.21
CA LYS C 368 -8.69 0.10 32.87
C LYS C 368 -8.07 -1.29 32.77
N LYS C 369 -8.79 -2.29 33.27
CA LYS C 369 -8.36 -3.68 33.13
C LYS C 369 -8.26 -4.08 31.66
N PRO C 370 -7.07 -4.54 31.22
CA PRO C 370 -6.84 -4.98 29.84
C PRO C 370 -7.60 -6.26 29.46
N ILE C 371 -8.90 -6.10 29.20
CA ILE C 371 -9.82 -7.22 29.00
C ILE C 371 -10.71 -7.07 27.76
N TYR C 372 -10.34 -6.15 26.87
CA TYR C 372 -11.24 -5.73 25.80
C TYR C 372 -11.22 -6.65 24.60
N GLN C 373 -10.11 -7.36 24.38
CA GLN C 373 -10.04 -8.32 23.27
C GLN C 373 -11.09 -9.43 23.38
N ARG C 374 -11.58 -9.73 24.58
CA ARG C 374 -12.62 -10.73 24.74
C ARG C 374 -14.01 -10.19 24.44
N THR C 375 -14.13 -8.88 24.21
CA THR C 375 -15.40 -8.25 23.80
C THR C 375 -15.53 -8.20 22.28
N ALA C 376 -14.37 -8.25 21.61
CA ALA C 376 -14.24 -7.98 20.18
C ALA C 376 -14.71 -9.10 19.26
N ALA C 377 -15.53 -10.00 19.78
CA ALA C 377 -16.23 -11.00 18.99
C ALA C 377 -17.30 -11.65 19.86
N TYR C 378 -18.34 -12.18 19.21
CA TYR C 378 -19.45 -12.78 19.93
C TYR C 378 -20.20 -11.75 20.79
N GLY C 379 -20.31 -10.51 20.30
CA GLY C 379 -21.12 -9.49 20.97
C GLY C 379 -20.48 -8.88 22.21
N HIS C 380 -20.81 -7.63 22.50
CA HIS C 380 -20.29 -6.97 23.68
C HIS C 380 -21.27 -7.21 24.81
N PHE C 381 -22.53 -6.89 24.55
CA PHE C 381 -23.58 -7.01 25.56
C PHE C 381 -24.22 -8.38 25.47
N GLY C 382 -24.21 -9.10 26.58
CA GLY C 382 -24.95 -10.36 26.69
C GLY C 382 -24.22 -11.56 27.26
N ARG C 383 -22.97 -11.39 27.71
CA ARG C 383 -22.18 -12.45 28.34
C ARG C 383 -22.00 -12.18 29.83
N ASP C 384 -22.06 -13.25 30.63
CA ASP C 384 -22.01 -13.18 32.11
C ASP C 384 -20.70 -12.54 32.64
N SER C 385 -19.59 -12.84 31.98
CA SER C 385 -18.26 -12.40 32.37
C SER C 385 -18.20 -10.95 32.83
N PHE C 386 -18.78 -10.06 32.03
CA PHE C 386 -18.42 -8.64 32.03
C PHE C 386 -19.03 -7.79 33.17
N PRO C 387 -18.27 -6.79 33.66
CA PRO C 387 -18.74 -5.80 34.66
C PRO C 387 -20.15 -5.24 34.44
N TRP C 388 -20.45 -4.85 33.20
CA TRP C 388 -21.70 -4.19 32.85
C TRP C 388 -22.84 -5.19 32.61
N GLU C 389 -22.57 -6.48 32.78
CA GLU C 389 -23.60 -7.49 32.65
C GLU C 389 -24.01 -8.13 33.98
N VAL C 390 -23.46 -7.66 35.10
CA VAL C 390 -23.94 -8.08 36.43
C VAL C 390 -24.87 -7.02 37.02
N PRO C 391 -26.18 -7.31 37.00
CA PRO C 391 -27.18 -6.28 37.25
C PRO C 391 -27.07 -5.70 38.65
N LYS C 392 -26.81 -4.40 38.76
CA LYS C 392 -26.79 -3.77 40.06
C LYS C 392 -28.08 -4.08 40.84
N LYS C 393 -27.91 -4.49 42.10
CA LYS C 393 -29.00 -4.65 43.05
C LYS C 393 -29.66 -3.27 43.28
N LEU C 394 -30.90 -3.12 42.82
CA LEU C 394 -31.59 -1.82 42.83
C LEU C 394 -32.28 -1.55 44.16
N LYS C 395 -31.66 -0.72 44.98
CA LYS C 395 -32.27 -0.20 46.21
C LYS C 395 -33.01 1.13 45.91
N TYR C 396 -34.34 1.07 45.94
CA TYR C 396 -35.18 2.21 45.51
C TYR C 396 -36.30 2.53 46.49
N GLU D 16 -44.67 16.46 29.72
CA GLU D 16 -45.83 15.54 29.49
C GLU D 16 -45.53 14.61 28.30
N GLY D 17 -44.65 13.63 28.52
CA GLY D 17 -44.29 12.63 27.50
C GLY D 17 -43.45 13.15 26.34
N THR D 18 -42.62 14.17 26.61
CA THR D 18 -41.83 14.86 25.56
C THR D 18 -40.34 14.53 25.76
N PHE D 19 -39.57 14.45 24.67
CA PHE D 19 -38.18 13.94 24.74
C PHE D 19 -37.19 14.70 23.86
N LEU D 20 -35.91 14.52 24.17
CA LEU D 20 -34.83 15.06 23.36
C LEU D 20 -34.28 13.97 22.45
N PHE D 21 -33.71 14.38 21.33
CA PHE D 21 -33.03 13.46 20.45
C PHE D 21 -31.98 14.23 19.70
N THR D 22 -30.90 13.54 19.35
CA THR D 22 -29.80 14.17 18.67
C THR D 22 -29.33 13.31 17.53
N SER D 23 -29.14 13.94 16.38
CA SER D 23 -28.44 13.31 15.29
C SER D 23 -27.27 14.20 14.91
N GLU D 24 -26.16 13.56 14.60
CA GLU D 24 -25.01 14.29 14.15
C GLU D 24 -24.81 13.99 12.68
N SER D 25 -24.03 14.86 12.05
CA SER D 25 -23.65 14.75 10.66
C SER D 25 -22.22 15.27 10.57
N VAL D 26 -21.42 14.64 9.70
CA VAL D 26 -20.10 15.16 9.34
C VAL D 26 -20.08 15.59 7.87
N GLY D 27 -19.14 16.50 7.55
CA GLY D 27 -19.02 17.09 6.21
C GLY D 27 -17.99 16.41 5.31
N GLU D 28 -17.82 16.94 4.11
CA GLU D 28 -17.11 16.26 3.03
C GLU D 28 -15.69 15.82 3.38
N GLY D 29 -15.02 16.60 4.22
CA GLY D 29 -13.63 16.35 4.56
C GLY D 29 -13.39 15.82 5.97
N HIS D 30 -14.36 15.15 6.55
CA HIS D 30 -14.13 14.44 7.77
C HIS D 30 -13.58 13.08 7.33
N PRO D 31 -12.43 12.65 7.84
CA PRO D 31 -11.75 11.46 7.32
C PRO D 31 -12.65 10.25 6.99
N ASP D 32 -13.53 9.86 7.92
CA ASP D 32 -14.46 8.75 7.69
C ASP D 32 -15.37 8.95 6.49
N LYS D 33 -15.56 10.19 6.06
CA LYS D 33 -16.47 10.56 4.97
C LYS D 33 -15.72 10.93 3.67
N ILE D 34 -14.41 10.92 3.75
CA ILE D 34 -13.57 11.04 2.58
C ILE D 34 -13.47 9.63 2.00
N CYS D 35 -13.47 8.64 2.88
CA CYS D 35 -13.33 7.26 2.47
C CYS D 35 -14.63 6.79 1.84
N ASP D 36 -15.76 7.05 2.51
CA ASP D 36 -17.08 6.81 1.93
C ASP D 36 -17.16 7.50 0.55
N GLN D 37 -16.62 8.71 0.44
CA GLN D 37 -16.65 9.45 -0.82
C GLN D 37 -15.76 8.83 -1.90
N ILE D 38 -14.46 8.68 -1.62
CA ILE D 38 -13.49 8.08 -2.57
C ILE D 38 -13.94 6.68 -3.02
N SER D 39 -14.25 5.82 -2.05
CA SER D 39 -14.75 4.50 -2.39
C SER D 39 -15.90 4.62 -3.40
N ASP D 40 -16.88 5.47 -3.11
CA ASP D 40 -17.99 5.69 -4.05
C ASP D 40 -17.55 6.32 -5.37
N ALA D 41 -16.45 7.07 -5.37
CA ALA D 41 -15.92 7.68 -6.57
C ALA D 41 -15.28 6.61 -7.45
N VAL D 42 -14.64 5.62 -6.83
CA VAL D 42 -14.09 4.46 -7.55
C VAL D 42 -15.20 3.57 -8.10
N LEU D 43 -16.31 3.49 -7.39
CA LEU D 43 -17.47 2.78 -7.89
C LEU D 43 -17.99 3.43 -9.16
N ASP D 44 -18.12 4.75 -9.14
CA ASP D 44 -18.58 5.50 -10.31
C ASP D 44 -17.65 5.36 -11.52
N ALA D 45 -16.34 5.34 -11.26
CA ALA D 45 -15.35 5.19 -12.32
C ALA D 45 -15.68 3.97 -13.18
N HIS D 46 -15.90 2.85 -12.50
CA HIS D 46 -16.12 1.55 -13.13
C HIS D 46 -17.47 1.50 -13.80
N LEU D 47 -18.47 2.16 -13.23
CA LEU D 47 -19.82 2.12 -13.83
C LEU D 47 -19.97 2.97 -15.10
N GLN D 48 -19.13 3.99 -15.30
CA GLN D 48 -19.16 4.75 -16.55
C GLN D 48 -18.72 3.89 -17.71
N GLN D 49 -17.94 2.85 -17.43
CA GLN D 49 -17.42 1.97 -18.47
C GLN D 49 -18.11 0.61 -18.51
N ASP D 50 -18.07 -0.11 -17.38
CA ASP D 50 -18.73 -1.40 -17.28
C ASP D 50 -19.89 -1.35 -16.26
N PRO D 51 -21.13 -1.10 -16.74
CA PRO D 51 -22.22 -0.95 -15.77
C PRO D 51 -22.43 -2.21 -14.90
N ASP D 52 -21.98 -3.36 -15.37
CA ASP D 52 -22.08 -4.59 -14.59
C ASP D 52 -20.82 -4.92 -13.80
N ALA D 53 -20.14 -3.89 -13.30
CA ALA D 53 -18.92 -4.08 -12.50
C ALA D 53 -19.24 -4.63 -11.10
N LYS D 54 -18.40 -5.54 -10.63
CA LYS D 54 -18.48 -6.01 -9.26
C LYS D 54 -17.46 -5.21 -8.49
N VAL D 55 -17.89 -4.52 -7.45
CA VAL D 55 -17.03 -3.58 -6.76
C VAL D 55 -17.29 -3.65 -5.25
N ALA D 56 -16.24 -3.93 -4.48
CA ALA D 56 -16.26 -3.76 -3.03
C ALA D 56 -15.00 -2.99 -2.64
N CYS D 57 -15.01 -1.70 -2.95
CA CYS D 57 -13.86 -0.81 -2.69
C CYS D 57 -14.00 -0.20 -1.33
N GLU D 58 -12.94 -0.33 -0.54
CA GLU D 58 -12.89 0.21 0.79
C GLU D 58 -11.69 1.13 0.81
N THR D 59 -11.90 2.34 1.31
CA THR D 59 -10.82 3.31 1.38
C THR D 59 -10.37 3.52 2.83
N VAL D 60 -9.09 3.83 2.99
CA VAL D 60 -8.51 4.13 4.29
C VAL D 60 -7.71 5.40 4.10
N ALA D 61 -7.78 6.30 5.06
CA ALA D 61 -7.15 7.62 4.96
C ALA D 61 -6.51 7.99 6.28
N LYS D 62 -5.19 7.99 6.36
CA LYS D 62 -4.47 8.54 7.50
C LYS D 62 -3.67 9.75 7.04
N THR D 63 -2.79 10.26 7.90
CA THR D 63 -1.85 11.30 7.49
C THR D 63 -1.15 10.95 6.17
N GLY D 64 -1.42 11.75 5.15
CA GLY D 64 -0.72 11.65 3.89
C GLY D 64 -0.96 10.39 3.07
N MET D 65 -2.04 9.66 3.38
CA MET D 65 -2.31 8.38 2.71
C MET D 65 -3.76 8.18 2.28
N ILE D 66 -3.93 7.51 1.16
CA ILE D 66 -5.21 6.98 0.75
C ILE D 66 -4.92 5.56 0.28
N LEU D 67 -5.46 4.58 1.00
CA LEU D 67 -5.26 3.19 0.65
C LEU D 67 -6.58 2.62 0.19
N LEU D 68 -6.59 2.04 -1.00
CA LEU D 68 -7.73 1.28 -1.47
C LEU D 68 -7.49 -0.20 -1.22
N ALA D 69 -8.48 -0.88 -0.67
CA ALA D 69 -8.34 -2.29 -0.38
C ALA D 69 -9.62 -2.98 -0.73
N GLY D 70 -9.57 -4.05 -1.52
CA GLY D 70 -10.80 -4.75 -1.85
C GLY D 70 -10.85 -5.57 -3.13
N GLU D 71 -12.07 -5.79 -3.61
CA GLU D 71 -12.33 -6.71 -4.71
C GLU D 71 -13.18 -6.07 -5.79
N ILE D 72 -12.51 -5.69 -6.87
CA ILE D 72 -13.18 -5.25 -8.07
C ILE D 72 -12.98 -6.25 -9.21
N THR D 73 -14.03 -6.46 -9.99
CA THR D 73 -14.03 -7.36 -11.15
C THR D 73 -14.87 -6.67 -12.23
N SER D 74 -14.25 -6.17 -13.29
CA SER D 74 -14.97 -5.34 -14.26
C SER D 74 -14.18 -5.10 -15.54
N ARG D 75 -14.89 -4.94 -16.65
CA ARG D 75 -14.22 -4.75 -17.92
C ARG D 75 -13.74 -3.29 -18.09
N ALA D 76 -14.02 -2.45 -17.10
CA ALA D 76 -13.58 -1.05 -17.12
C ALA D 76 -12.08 -1.01 -16.99
N ALA D 77 -11.47 0.09 -17.41
CA ALA D 77 -10.05 0.32 -17.15
C ALA D 77 -9.90 1.70 -16.56
N VAL D 78 -9.39 1.74 -15.32
CA VAL D 78 -9.63 2.82 -14.38
C VAL D 78 -8.30 3.31 -13.80
N ASP D 79 -8.06 4.61 -13.86
CA ASP D 79 -6.85 5.20 -13.29
C ASP D 79 -7.06 5.52 -11.80
N TYR D 80 -6.76 4.55 -10.94
CA TYR D 80 -7.05 4.70 -9.52
C TYR D 80 -6.37 5.92 -8.90
N GLN D 81 -5.19 6.28 -9.39
CA GLN D 81 -4.49 7.48 -8.96
C GLN D 81 -5.28 8.74 -9.32
N LYS D 82 -5.67 8.85 -10.58
CA LYS D 82 -6.43 9.97 -11.05
C LYS D 82 -7.76 10.05 -10.31
N VAL D 83 -8.47 8.93 -10.22
CA VAL D 83 -9.81 8.90 -9.60
C VAL D 83 -9.79 9.34 -8.14
N VAL D 84 -8.82 8.79 -7.41
CA VAL D 84 -8.68 9.04 -5.99
C VAL D 84 -8.37 10.51 -5.77
N ARG D 85 -7.39 11.02 -6.50
CA ARG D 85 -6.96 12.41 -6.31
C ARG D 85 -7.98 13.46 -6.79
N GLU D 86 -8.69 13.16 -7.86
CA GLU D 86 -9.77 14.03 -8.29
C GLU D 86 -10.85 14.16 -7.22
N ALA D 87 -11.11 13.06 -6.52
CA ALA D 87 -12.05 13.06 -5.41
C ALA D 87 -11.53 13.94 -4.25
N VAL D 88 -10.27 13.73 -3.86
CA VAL D 88 -9.63 14.54 -2.80
C VAL D 88 -9.56 16.01 -3.16
N LYS D 89 -9.26 16.28 -4.43
CA LYS D 89 -9.25 17.65 -4.95
C LYS D 89 -10.63 18.27 -4.82
N HIS D 90 -11.61 17.58 -5.37
CA HIS D 90 -12.99 18.02 -5.26
C HIS D 90 -13.31 18.34 -3.81
N ILE D 91 -12.92 17.45 -2.90
CA ILE D 91 -13.19 17.68 -1.48
C ILE D 91 -12.50 18.96 -1.02
N GLY D 92 -11.30 19.23 -1.54
CA GLY D 92 -10.69 20.55 -1.36
C GLY D 92 -9.34 20.57 -0.69
N TYR D 93 -8.84 19.43 -0.30
CA TYR D 93 -7.51 19.39 0.27
C TYR D 93 -6.47 19.57 -0.84
N ASP D 94 -5.76 20.69 -0.77
CA ASP D 94 -4.76 21.02 -1.78
C ASP D 94 -3.55 21.84 -1.29
N ASP D 95 -3.23 21.81 -0.01
CA ASP D 95 -1.99 22.40 0.45
C ASP D 95 -1.53 21.82 1.78
N SER D 96 -0.22 21.83 1.99
CA SER D 96 0.34 21.44 3.28
C SER D 96 -0.39 22.14 4.45
N SER D 97 -0.55 23.46 4.33
CA SER D 97 -1.27 24.29 5.31
C SER D 97 -2.65 23.75 5.77
N LYS D 98 -3.33 23.04 4.88
CA LYS D 98 -4.68 22.55 5.13
C LYS D 98 -4.68 21.17 5.77
N GLY D 99 -3.54 20.47 5.69
CA GLY D 99 -3.38 19.17 6.36
C GLY D 99 -3.36 17.95 5.43
N PHE D 100 -3.53 18.19 4.14
CA PHE D 100 -3.54 17.13 3.19
C PHE D 100 -3.58 17.79 1.84
N ASP D 101 -3.04 17.13 0.83
CA ASP D 101 -2.96 17.69 -0.50
C ASP D 101 -3.10 16.61 -1.57
N TYR D 102 -3.96 16.87 -2.55
CA TYR D 102 -4.22 15.85 -3.57
C TYR D 102 -3.01 15.66 -4.47
N LYS D 103 -2.28 16.73 -4.71
CA LYS D 103 -1.14 16.68 -5.64
C LYS D 103 -0.04 15.76 -5.13
N THR D 104 0.12 15.65 -3.81
CA THR D 104 1.27 14.95 -3.20
C THR D 104 1.01 13.80 -2.23
N CYS D 105 -0.24 13.56 -1.84
CA CYS D 105 -0.55 12.42 -0.95
C CYS D 105 -0.08 11.08 -1.51
N ASN D 106 0.17 10.14 -0.62
CA ASN D 106 0.52 8.78 -0.99
C ASN D 106 -0.76 8.09 -1.39
N VAL D 107 -0.76 7.36 -2.51
CA VAL D 107 -1.92 6.51 -2.85
C VAL D 107 -1.48 5.06 -3.06
N LEU D 108 -2.05 4.15 -2.28
CA LEU D 108 -1.70 2.76 -2.33
C LEU D 108 -2.87 1.93 -2.81
N VAL D 109 -2.63 1.01 -3.73
CA VAL D 109 -3.73 0.22 -4.27
C VAL D 109 -3.55 -1.28 -4.04
N ALA D 110 -4.34 -1.80 -3.09
CA ALA D 110 -4.41 -3.23 -2.83
C ALA D 110 -5.77 -3.80 -3.26
N LEU D 111 -5.95 -3.94 -4.57
CA LEU D 111 -7.25 -4.35 -5.11
C LEU D 111 -7.20 -5.68 -5.88
N GLU D 112 -7.67 -6.75 -5.24
CA GLU D 112 -7.71 -8.08 -5.84
C GLU D 112 -8.99 -8.23 -6.65
N GLN D 113 -9.22 -9.40 -7.24
CA GLN D 113 -10.48 -9.69 -7.93
C GLN D 113 -11.54 -10.17 -6.94
N GLN D 114 -12.80 -10.25 -7.38
CA GLN D 114 -13.86 -10.84 -6.57
C GLN D 114 -13.64 -12.32 -6.38
N SER D 115 -13.74 -12.80 -5.14
CA SER D 115 -13.64 -14.24 -4.88
C SER D 115 -14.52 -15.00 -5.91
N PRO D 116 -13.93 -15.93 -6.69
CA PRO D 116 -14.72 -16.74 -7.63
C PRO D 116 -15.83 -17.55 -7.00
N ASP D 117 -15.62 -17.98 -5.77
CA ASP D 117 -16.62 -18.73 -5.03
C ASP D 117 -17.91 -17.92 -4.84
N ILE D 118 -17.76 -16.63 -4.56
CA ILE D 118 -18.89 -15.74 -4.40
C ILE D 118 -19.62 -15.51 -5.74
N ALA D 119 -18.87 -15.25 -6.81
CA ALA D 119 -19.47 -15.05 -8.12
C ALA D 119 -20.33 -16.26 -8.58
N GLN D 120 -19.77 -17.47 -8.52
CA GLN D 120 -20.52 -18.69 -8.88
C GLN D 120 -21.57 -19.10 -7.82
N GLY D 121 -21.64 -18.38 -6.71
CA GLY D 121 -22.71 -18.56 -5.75
C GLY D 121 -23.77 -17.48 -5.86
N VAL D 122 -23.51 -16.45 -6.65
CA VAL D 122 -24.35 -15.24 -6.67
C VAL D 122 -24.95 -14.89 -8.03
N HIS D 123 -24.10 -14.69 -9.04
CA HIS D 123 -24.53 -14.03 -10.29
C HIS D 123 -24.09 -14.67 -11.61
N LEU D 124 -23.00 -15.44 -11.60
CA LEU D 124 -22.54 -16.09 -12.83
C LEU D 124 -23.58 -17.13 -13.23
N ASP D 125 -23.68 -17.37 -14.53
CA ASP D 125 -24.62 -18.34 -15.12
C ASP D 125 -26.11 -18.12 -14.80
N ARG D 126 -26.47 -16.90 -14.35
CA ARG D 126 -27.82 -16.58 -13.94
C ARG D 126 -28.34 -15.40 -14.73
N ASN D 127 -29.60 -15.44 -15.11
CA ASN D 127 -30.29 -14.25 -15.63
C ASN D 127 -30.29 -13.14 -14.60
N GLU D 128 -30.10 -11.89 -15.04
CA GLU D 128 -29.95 -10.74 -14.14
C GLU D 128 -30.99 -10.75 -13.03
N GLU D 129 -32.24 -10.94 -13.43
CA GLU D 129 -33.39 -10.95 -12.52
C GLU D 129 -33.31 -11.99 -11.42
N ASP D 130 -32.70 -13.13 -11.74
CA ASP D 130 -32.63 -14.27 -10.85
C ASP D 130 -31.32 -14.31 -10.07
N ILE D 131 -30.54 -13.26 -10.16
CA ILE D 131 -29.36 -13.08 -9.31
C ILE D 131 -29.71 -13.20 -7.83
N GLY D 132 -28.80 -13.79 -7.07
CA GLY D 132 -28.97 -13.95 -5.64
C GLY D 132 -28.33 -12.81 -4.88
N ALA D 133 -28.69 -12.69 -3.61
CA ALA D 133 -28.12 -11.66 -2.75
C ALA D 133 -26.59 -11.74 -2.74
N GLY D 134 -25.93 -10.59 -2.83
CA GLY D 134 -24.47 -10.55 -2.84
C GLY D 134 -23.78 -10.92 -1.55
N ASP D 135 -24.57 -11.41 -0.59
CA ASP D 135 -24.12 -11.71 0.77
C ASP D 135 -25.39 -11.57 1.61
N GLN D 136 -25.35 -12.10 2.83
CA GLN D 136 -26.48 -12.01 3.74
C GLN D 136 -26.51 -10.69 4.53
N GLY D 137 -27.58 -10.55 5.32
CA GLY D 137 -27.66 -9.52 6.35
C GLY D 137 -29.03 -8.90 6.42
N LEU D 138 -29.15 -7.87 7.25
CA LEU D 138 -30.43 -7.20 7.48
C LEU D 138 -30.33 -5.72 7.15
N MET D 139 -31.41 -5.20 6.59
CA MET D 139 -31.52 -3.81 6.22
C MET D 139 -32.81 -3.30 6.82
N PHE D 140 -32.94 -1.98 6.97
CA PHE D 140 -34.18 -1.41 7.46
C PHE D 140 -34.58 -0.22 6.61
N GLY D 141 -35.85 0.15 6.67
CA GLY D 141 -36.33 1.33 5.96
C GLY D 141 -37.15 2.15 6.91
N TYR D 142 -36.85 3.43 7.00
CA TYR D 142 -37.58 4.30 7.91
C TYR D 142 -38.25 5.38 7.10
N ALA D 143 -39.32 5.94 7.67
CA ALA D 143 -40.06 7.01 7.05
C ALA D 143 -40.83 7.70 8.14
N THR D 144 -40.99 9.01 8.02
CA THR D 144 -41.74 9.78 9.02
C THR D 144 -42.32 11.09 8.47
N ASP D 145 -43.55 11.39 8.90
CA ASP D 145 -44.30 12.58 8.43
C ASP D 145 -43.80 13.89 9.03
N GLU D 146 -42.85 13.85 9.96
CA GLU D 146 -42.40 15.08 10.64
C GLU D 146 -41.79 16.14 9.73
N THR D 147 -41.43 15.77 8.50
CA THR D 147 -40.89 16.73 7.55
C THR D 147 -41.31 16.41 6.13
N GLU D 148 -41.38 17.44 5.29
CA GLU D 148 -41.68 17.25 3.88
C GLU D 148 -40.76 16.18 3.33
N GLU D 149 -39.47 16.40 3.46
CA GLU D 149 -38.46 15.43 3.01
C GLU D 149 -38.71 13.99 3.54
N CYS D 150 -39.55 13.85 4.57
CA CYS D 150 -40.03 12.55 5.05
C CYS D 150 -39.01 11.79 5.92
N MET D 151 -37.98 12.52 6.34
CA MET D 151 -36.93 12.04 7.24
C MET D 151 -37.14 12.63 8.63
N PRO D 152 -36.37 12.15 9.64
CA PRO D 152 -36.45 12.81 10.95
C PRO D 152 -35.68 14.15 10.98
N LEU D 153 -36.33 15.19 11.50
CA LEU D 153 -35.79 16.54 11.45
C LEU D 153 -34.33 16.67 11.94
N THR D 154 -33.96 15.96 13.00
CA THR D 154 -32.60 16.05 13.55
C THR D 154 -31.55 15.81 12.46
N ILE D 155 -31.51 14.60 11.91
CA ILE D 155 -30.55 14.28 10.88
C ILE D 155 -30.67 15.22 9.69
N VAL D 156 -31.89 15.59 9.33
CA VAL D 156 -32.11 16.51 8.18
C VAL D 156 -31.42 17.84 8.37
N LEU D 157 -31.71 18.49 9.49
CA LEU D 157 -31.04 19.75 9.80
C LEU D 157 -29.52 19.50 9.91
N ALA D 158 -29.13 18.53 10.73
CA ALA D 158 -27.72 18.17 10.84
C ALA D 158 -27.02 18.22 9.49
N HIS D 159 -27.63 17.67 8.45
CA HIS D 159 -26.98 17.59 7.14
C HIS D 159 -26.96 18.91 6.41
N LYS D 160 -28.07 19.64 6.51
CA LYS D 160 -28.20 20.90 5.78
C LYS D 160 -27.24 21.98 6.29
N LEU D 161 -26.86 21.87 7.57
CA LEU D 161 -25.86 22.73 8.17
C LEU D 161 -24.49 22.46 7.54
N ASN D 162 -24.07 21.20 7.49
CA ASN D 162 -22.84 20.80 6.76
C ASN D 162 -22.87 21.05 5.27
N ALA D 163 -24.04 20.89 4.65
CA ALA D 163 -24.23 21.21 3.25
C ALA D 163 -24.04 22.71 2.99
N LYS D 164 -24.67 23.53 3.83
CA LYS D 164 -24.54 24.98 3.74
C LYS D 164 -23.08 25.44 3.84
N LEU D 165 -22.36 24.96 4.85
CA LEU D 165 -20.93 25.31 5.00
C LEU D 165 -20.19 25.16 3.67
N ALA D 166 -20.32 23.98 3.06
CA ALA D 166 -19.76 23.71 1.75
C ALA D 166 -20.24 24.77 0.76
N GLU D 167 -21.56 24.85 0.58
CA GLU D 167 -22.14 25.78 -0.39
C GLU D 167 -21.35 27.09 -0.35
N LEU D 168 -21.19 27.65 0.86
CA LEU D 168 -20.59 28.99 1.06
C LEU D 168 -19.05 29.00 1.01
N ARG D 169 -18.41 27.94 1.48
CA ARG D 169 -16.99 27.74 1.22
C ARG D 169 -16.79 27.70 -0.30
N ARG D 170 -17.49 26.79 -0.98
CA ARG D 170 -17.34 26.58 -2.43
C ARG D 170 -17.75 27.77 -3.31
N ASN D 171 -18.88 28.43 -2.97
CA ASN D 171 -19.39 29.55 -3.78
C ASN D 171 -18.62 30.85 -3.54
N GLY D 172 -17.75 30.85 -2.53
CA GLY D 172 -16.89 31.99 -2.23
C GLY D 172 -17.26 32.76 -0.98
N THR D 173 -18.56 32.93 -0.75
CA THR D 173 -19.10 33.85 0.28
C THR D 173 -18.65 33.65 1.74
N LEU D 174 -17.74 32.72 2.02
CA LEU D 174 -17.13 32.61 3.33
C LEU D 174 -15.84 31.82 3.19
N PRO D 175 -14.91 32.34 2.38
CA PRO D 175 -13.81 31.51 1.89
C PRO D 175 -12.68 31.24 2.89
N TRP D 176 -12.89 31.56 4.17
CA TRP D 176 -11.92 31.18 5.19
C TRP D 176 -12.14 29.74 5.67
N LEU D 177 -13.23 29.11 5.21
CA LEU D 177 -13.63 27.75 5.61
C LEU D 177 -12.81 26.65 4.94
N ARG D 178 -12.91 25.45 5.50
CA ARG D 178 -12.20 24.29 5.00
C ARG D 178 -13.10 23.07 5.10
N PRO D 179 -12.74 21.97 4.42
CA PRO D 179 -13.64 20.83 4.27
C PRO D 179 -14.16 20.16 5.54
N ASP D 180 -13.34 20.08 6.59
CA ASP D 180 -13.69 19.26 7.76
C ASP D 180 -14.68 19.92 8.70
N SER D 181 -15.83 19.26 8.94
CA SER D 181 -16.89 19.79 9.82
C SER D 181 -17.72 18.70 10.50
N LYS D 182 -18.36 19.04 11.61
CA LYS D 182 -19.18 18.12 12.41
C LYS D 182 -20.31 18.92 13.11
N THR D 183 -21.54 18.69 12.70
CA THR D 183 -22.70 19.38 13.27
C THR D 183 -23.53 18.40 14.07
N GLN D 184 -23.93 18.81 15.27
CA GLN D 184 -24.85 18.01 16.06
C GLN D 184 -26.07 18.86 16.34
N VAL D 185 -27.22 18.28 16.09
CA VAL D 185 -28.47 18.98 16.25
C VAL D 185 -29.28 18.23 17.28
N THR D 186 -29.63 18.89 18.37
CA THR D 186 -30.54 18.33 19.37
C THR D 186 -31.95 18.95 19.27
N VAL D 187 -32.97 18.11 19.14
CA VAL D 187 -34.34 18.59 19.00
C VAL D 187 -35.21 18.08 20.13
N GLN D 188 -36.19 18.89 20.51
CA GLN D 188 -37.13 18.54 21.56
C GLN D 188 -38.46 18.16 20.95
N TYR D 189 -38.93 16.97 21.34
CA TYR D 189 -39.98 16.27 20.62
C TYR D 189 -41.18 16.02 21.50
N MET D 190 -42.27 15.61 20.87
CA MET D 190 -43.51 15.24 21.53
C MET D 190 -44.01 14.01 20.82
N GLN D 191 -44.58 13.06 21.56
CA GLN D 191 -45.25 11.92 20.91
C GLN D 191 -46.71 12.26 20.57
N ASP D 192 -47.25 11.64 19.52
CA ASP D 192 -48.61 11.89 19.07
C ASP D 192 -49.16 10.64 18.40
N ARG D 193 -49.77 9.78 19.20
CA ARG D 193 -50.45 8.59 18.71
C ARG D 193 -49.52 7.75 17.84
N GLY D 194 -48.27 7.62 18.31
CA GLY D 194 -47.24 6.88 17.58
C GLY D 194 -46.26 7.75 16.80
N ALA D 195 -46.72 8.87 16.25
CA ALA D 195 -45.86 9.79 15.49
C ALA D 195 -45.01 10.64 16.42
N VAL D 196 -44.01 11.33 15.88
CA VAL D 196 -43.27 12.30 16.67
C VAL D 196 -43.47 13.70 16.13
N LEU D 197 -43.34 14.67 17.01
CA LEU D 197 -43.57 16.05 16.64
C LEU D 197 -42.37 16.88 17.04
N PRO D 198 -41.67 17.42 16.04
CA PRO D 198 -40.59 18.32 16.38
C PRO D 198 -41.19 19.55 17.03
N ILE D 199 -40.83 19.85 18.27
CA ILE D 199 -41.31 21.06 18.90
C ILE D 199 -40.34 22.22 18.71
N ARG D 200 -39.15 22.09 19.29
CA ARG D 200 -38.13 23.13 19.18
C ARG D 200 -36.73 22.54 19.08
N VAL D 201 -35.81 23.34 18.55
CA VAL D 201 -34.38 23.03 18.57
C VAL D 201 -33.85 23.41 19.95
N HIS D 202 -33.32 22.41 20.64
CA HIS D 202 -32.80 22.59 21.97
C HIS D 202 -31.37 23.10 21.88
N THR D 203 -30.51 22.36 21.18
CA THR D 203 -29.10 22.69 21.07
C THR D 203 -28.60 22.51 19.65
N ILE D 204 -27.67 23.36 19.23
CA ILE D 204 -26.94 23.17 17.96
C ILE D 204 -25.46 23.30 18.23
N VAL D 205 -24.67 22.47 17.57
CA VAL D 205 -23.22 22.49 17.70
C VAL D 205 -22.59 22.52 16.30
N ILE D 206 -21.55 23.34 16.11
CA ILE D 206 -20.85 23.38 14.82
C ILE D 206 -19.34 23.54 15.00
N SER D 207 -18.63 22.41 15.10
CA SER D 207 -17.17 22.42 14.95
C SER D 207 -16.92 22.54 13.45
N VAL D 208 -15.95 23.35 13.05
CA VAL D 208 -15.57 23.41 11.63
C VAL D 208 -14.11 23.87 11.48
N GLN D 209 -13.46 23.38 10.41
CA GLN D 209 -12.08 23.72 10.11
C GLN D 209 -12.01 25.04 9.36
N HIS D 210 -10.99 25.83 9.69
CA HIS D 210 -10.79 27.16 9.12
C HIS D 210 -9.31 27.40 8.91
N ASP D 211 -8.97 28.53 8.28
CA ASP D 211 -7.57 28.94 8.11
C ASP D 211 -7.13 29.84 9.27
N GLU D 212 -5.88 30.30 9.25
CA GLU D 212 -5.28 30.99 10.41
C GLU D 212 -5.66 32.47 10.56
N GLU D 213 -6.16 33.10 9.50
CA GLU D 213 -6.45 34.53 9.54
C GLU D 213 -7.94 34.89 9.76
N VAL D 214 -8.53 34.34 10.83
CA VAL D 214 -9.88 34.75 11.31
C VAL D 214 -10.01 34.56 12.83
N CYS D 215 -10.82 35.42 13.47
CA CYS D 215 -11.06 35.33 14.90
C CYS D 215 -12.41 34.64 15.17
N LEU D 216 -12.45 33.87 16.26
CA LEU D 216 -13.66 33.18 16.72
C LEU D 216 -14.90 34.05 16.60
N ASP D 217 -14.82 35.23 17.20
CA ASP D 217 -15.98 36.12 17.28
C ASP D 217 -16.57 36.48 15.92
N GLU D 218 -15.74 36.45 14.87
CA GLU D 218 -16.21 36.72 13.51
C GLU D 218 -16.80 35.46 12.84
N MET D 219 -16.24 34.28 13.15
CA MET D 219 -16.74 33.01 12.64
C MET D 219 -18.09 32.69 13.27
N ARG D 220 -18.11 32.76 14.60
CA ARG D 220 -19.32 32.47 15.37
C ARG D 220 -20.45 33.35 14.89
N ASP D 221 -20.17 34.64 14.71
CA ASP D 221 -21.17 35.53 14.14
C ASP D 221 -21.63 35.02 12.77
N ALA D 222 -20.70 34.60 11.92
CA ALA D 222 -21.04 34.11 10.57
C ALA D 222 -21.85 32.80 10.59
N LEU D 223 -21.43 31.86 11.44
CA LEU D 223 -22.07 30.54 11.54
C LEU D 223 -23.54 30.65 11.88
N LYS D 224 -23.88 31.60 12.75
CA LYS D 224 -25.23 31.76 13.26
C LYS D 224 -26.17 32.52 12.32
N GLU D 225 -25.64 33.45 11.52
CA GLU D 225 -26.50 34.34 10.72
C GLU D 225 -26.47 34.00 9.23
N LYS D 226 -25.34 33.49 8.75
CA LYS D 226 -25.23 33.11 7.33
C LYS D 226 -25.55 31.62 7.05
N VAL D 227 -25.46 30.78 8.07
CA VAL D 227 -25.65 29.33 7.89
C VAL D 227 -26.90 28.81 8.64
N ILE D 228 -26.82 28.79 9.97
CA ILE D 228 -27.90 28.28 10.80
C ILE D 228 -29.19 28.99 10.49
N LYS D 229 -29.22 30.31 10.69
CA LYS D 229 -30.44 31.11 10.45
C LYS D 229 -31.03 30.93 9.05
N ALA D 230 -30.18 30.57 8.09
CA ALA D 230 -30.62 30.37 6.71
C ALA D 230 -30.76 28.89 6.35
N VAL D 231 -30.85 28.02 7.34
CA VAL D 231 -31.09 26.58 7.12
C VAL D 231 -32.22 26.08 8.03
N VAL D 232 -32.05 26.28 9.33
CA VAL D 232 -33.07 25.95 10.34
C VAL D 232 -34.20 26.99 10.33
N PRO D 233 -35.45 26.57 9.99
CA PRO D 233 -36.60 27.47 9.96
C PRO D 233 -36.81 28.23 11.27
N ALA D 234 -37.06 29.54 11.19
CA ALA D 234 -37.19 30.39 12.37
C ALA D 234 -38.18 29.84 13.42
N LYS D 235 -39.18 29.10 12.96
CA LYS D 235 -40.23 28.62 13.85
C LYS D 235 -39.74 27.66 14.92
N TYR D 236 -38.67 26.92 14.63
CA TYR D 236 -38.09 25.98 15.60
C TYR D 236 -37.09 26.64 16.52
N LEU D 237 -36.53 27.77 16.07
CA LEU D 237 -35.61 28.53 16.89
C LEU D 237 -36.35 29.49 17.84
N ASP D 238 -35.78 29.65 19.03
CA ASP D 238 -36.24 30.64 20.00
C ASP D 238 -35.04 31.19 20.80
N GLU D 239 -35.30 32.07 21.76
CA GLU D 239 -34.23 32.70 22.54
C GLU D 239 -33.58 31.75 23.56
N ASP D 240 -34.21 30.62 23.84
CA ASP D 240 -33.62 29.59 24.71
C ASP D 240 -32.83 28.49 23.94
N THR D 241 -32.89 28.47 22.61
CA THR D 241 -32.12 27.51 21.82
C THR D 241 -30.65 27.81 22.10
N ILE D 242 -29.93 26.80 22.57
CA ILE D 242 -28.47 26.88 22.75
C ILE D 242 -27.77 26.81 21.39
N TYR D 243 -26.70 27.59 21.23
CA TYR D 243 -25.78 27.45 20.11
C TYR D 243 -24.37 27.28 20.68
N HIS D 244 -23.61 26.37 20.10
CA HIS D 244 -22.24 26.10 20.54
C HIS D 244 -21.34 26.16 19.31
N LEU D 245 -21.06 27.39 18.90
CA LEU D 245 -20.35 27.60 17.65
C LEU D 245 -18.84 27.67 17.93
N GLN D 246 -18.08 26.81 17.26
CA GLN D 246 -16.63 26.60 17.49
C GLN D 246 -16.31 26.20 18.93
N PRO D 247 -16.97 25.15 19.43
CA PRO D 247 -17.04 24.79 20.84
C PRO D 247 -15.70 24.83 21.60
N SER D 248 -14.69 24.07 21.18
CA SER D 248 -13.40 24.10 21.91
C SER D 248 -12.31 24.85 21.15
N GLY D 249 -12.71 25.86 20.38
CA GLY D 249 -11.80 26.92 19.94
C GLY D 249 -11.30 26.86 18.51
N ARG D 250 -10.01 26.64 18.37
CA ARG D 250 -9.35 26.64 17.06
C ARG D 250 -9.14 25.23 16.52
N PHE D 251 -9.11 25.14 15.19
CA PHE D 251 -9.28 23.88 14.46
C PHE D 251 -8.63 24.02 13.08
N VAL D 252 -7.34 23.65 12.99
CA VAL D 252 -6.66 23.44 11.69
C VAL D 252 -5.94 22.08 11.61
N ILE D 253 -5.67 21.47 12.77
CA ILE D 253 -5.52 20.00 12.85
C ILE D 253 -6.88 19.43 12.40
N GLY D 254 -6.99 19.21 11.10
CA GLY D 254 -8.23 18.76 10.47
C GLY D 254 -8.01 17.92 9.23
N GLY D 255 -9.04 17.18 8.86
CA GLY D 255 -8.92 16.23 7.77
C GLY D 255 -8.14 15.03 8.27
N PRO D 256 -7.50 14.30 7.35
CA PRO D 256 -6.65 13.14 7.67
C PRO D 256 -5.45 13.41 8.56
N GLN D 257 -5.01 14.67 8.67
CA GLN D 257 -3.92 15.00 9.60
C GLN D 257 -4.19 14.44 10.98
N GLY D 258 -3.14 13.88 11.60
CA GLY D 258 -3.22 13.28 12.93
C GLY D 258 -4.45 12.40 13.08
N ASP D 259 -4.68 11.51 12.12
CA ASP D 259 -5.92 10.79 12.09
C ASP D 259 -5.82 9.38 11.55
N ALA D 260 -6.96 8.70 11.61
CA ALA D 260 -7.26 7.58 10.75
C ALA D 260 -8.68 7.80 10.23
N GLY D 261 -9.02 7.20 9.11
CA GLY D 261 -10.37 7.34 8.57
C GLY D 261 -10.69 6.11 7.75
N LEU D 262 -11.86 5.52 7.95
CA LEU D 262 -12.23 4.33 7.21
C LEU D 262 -13.53 4.51 6.45
N THR D 263 -13.61 3.83 5.32
CA THR D 263 -14.86 3.75 4.60
C THR D 263 -15.84 3.06 5.54
N GLY D 264 -17.08 3.54 5.52
CA GLY D 264 -18.18 2.85 6.16
C GLY D 264 -18.16 2.84 7.68
N ARG D 265 -17.73 3.96 8.27
CA ARG D 265 -17.75 4.12 9.72
C ARG D 265 -18.80 5.16 10.19
N LYS D 266 -19.40 5.87 9.25
CA LYS D 266 -20.42 6.86 9.58
C LYS D 266 -21.78 6.46 9.03
N ILE D 267 -22.18 5.22 9.30
CA ILE D 267 -23.43 4.66 8.77
C ILE D 267 -24.71 5.20 9.42
N ILE D 268 -24.67 5.53 10.70
CA ILE D 268 -25.84 6.10 11.34
C ILE D 268 -26.07 7.47 10.72
N VAL D 269 -25.00 8.17 10.40
CA VAL D 269 -25.12 9.48 9.75
C VAL D 269 -25.57 9.40 8.29
N ASP D 270 -25.05 8.42 7.57
CA ASP D 270 -25.49 8.11 6.18
C ASP D 270 -27.01 7.80 6.07
N THR D 271 -27.61 7.35 7.15
CA THR D 271 -28.98 6.87 7.12
C THR D 271 -29.98 7.79 7.82
N TYR D 272 -30.47 7.40 8.99
CA TYR D 272 -31.58 8.10 9.62
C TYR D 272 -31.20 8.81 10.93
N GLY D 273 -29.91 9.05 11.13
CA GLY D 273 -29.43 9.79 12.29
C GLY D 273 -29.72 9.20 13.65
N GLY D 274 -29.95 7.88 13.69
CA GLY D 274 -30.16 7.18 14.96
C GLY D 274 -31.60 6.85 15.24
N TRP D 275 -32.50 7.33 14.39
CA TRP D 275 -33.90 6.92 14.39
C TRP D 275 -34.10 5.55 13.71
N GLY D 276 -35.27 4.96 13.92
CA GLY D 276 -35.60 3.69 13.31
C GLY D 276 -34.64 2.59 13.73
N ALA D 277 -33.87 2.09 12.77
CA ALA D 277 -32.98 0.97 13.02
C ALA D 277 -31.94 0.84 11.92
N HIS D 278 -30.85 0.14 12.24
CA HIS D 278 -29.82 -0.18 11.26
C HIS D 278 -29.39 -1.62 11.44
N GLY D 279 -29.13 -2.34 10.35
CA GLY D 279 -28.65 -3.73 10.38
C GLY D 279 -27.17 -3.95 10.05
N GLY D 280 -26.35 -2.88 10.19
CA GLY D 280 -24.89 -2.94 10.04
C GLY D 280 -24.33 -2.69 8.64
N GLY D 281 -25.19 -2.45 7.67
CA GLY D 281 -24.72 -2.27 6.29
C GLY D 281 -24.00 -0.96 5.93
N ALA D 282 -22.70 -1.06 5.70
CA ALA D 282 -21.97 0.04 5.09
C ALA D 282 -22.41 0.15 3.65
N PHE D 283 -22.78 1.36 3.23
CA PHE D 283 -23.25 1.59 1.86
C PHE D 283 -22.13 1.76 0.82
N SER D 284 -21.17 2.64 1.12
CA SER D 284 -20.31 3.22 0.10
C SER D 284 -19.26 2.25 -0.43
N GLY D 285 -18.88 2.46 -1.68
CA GLY D 285 -17.96 1.56 -2.38
C GLY D 285 -18.52 0.19 -2.72
N LYS D 286 -19.82 0.13 -3.03
CA LYS D 286 -20.53 -1.13 -3.36
C LYS D 286 -21.55 -0.96 -4.52
N ASP D 287 -21.75 -2.03 -5.30
CA ASP D 287 -22.79 -2.05 -6.35
C ASP D 287 -24.07 -2.79 -5.92
N TYR D 288 -25.10 -2.74 -6.78
CA TYR D 288 -26.44 -3.24 -6.45
C TYR D 288 -26.47 -4.68 -5.93
N THR D 289 -25.53 -5.50 -6.38
CA THR D 289 -25.53 -6.92 -6.00
C THR D 289 -25.32 -7.10 -4.51
N LYS D 290 -24.65 -6.12 -3.89
CA LYS D 290 -24.45 -6.12 -2.43
C LYS D 290 -25.68 -5.50 -1.78
N VAL D 291 -26.54 -6.35 -1.23
CA VAL D 291 -27.84 -5.92 -0.71
C VAL D 291 -27.72 -4.95 0.45
N ASP D 292 -26.59 -4.97 1.16
CA ASP D 292 -26.28 -3.97 2.19
C ASP D 292 -26.71 -2.56 1.76
N ARG D 293 -26.66 -2.31 0.45
CA ARG D 293 -27.00 -1.02 -0.12
C ARG D 293 -28.33 -1.04 -0.85
N SER D 294 -28.42 -1.85 -1.91
CA SER D 294 -29.57 -1.79 -2.82
C SER D 294 -30.87 -2.05 -2.05
N ALA D 295 -30.87 -3.09 -1.22
CA ALA D 295 -32.06 -3.42 -0.44
C ALA D 295 -32.37 -2.36 0.60
N ALA D 296 -31.32 -1.70 1.11
CA ALA D 296 -31.47 -0.59 2.07
C ALA D 296 -32.11 0.63 1.44
N TYR D 297 -31.83 0.85 0.16
CA TYR D 297 -32.56 1.85 -0.62
C TYR D 297 -34.00 1.38 -0.88
N ALA D 298 -34.15 0.18 -1.44
CA ALA D 298 -35.48 -0.42 -1.64
C ALA D 298 -36.32 -0.32 -0.38
N ALA D 299 -35.72 -0.60 0.79
CA ALA D 299 -36.42 -0.53 2.05
C ALA D 299 -36.95 0.88 2.27
N ARG D 300 -36.09 1.86 2.02
CA ARG D 300 -36.45 3.27 2.21
C ARG D 300 -37.53 3.71 1.25
N TRP D 301 -37.44 3.23 0.02
CA TRP D 301 -38.42 3.54 -1.00
C TRP D 301 -39.80 3.03 -0.55
N VAL D 302 -39.82 1.77 -0.13
CA VAL D 302 -41.00 1.10 0.44
C VAL D 302 -41.66 1.98 1.51
N ALA D 303 -40.90 2.27 2.57
CA ALA D 303 -41.44 2.98 3.72
C ALA D 303 -41.86 4.40 3.38
N LYS D 304 -41.12 5.07 2.50
CA LYS D 304 -41.49 6.41 2.08
C LYS D 304 -42.82 6.38 1.33
N SER D 305 -42.96 5.37 0.45
CA SER D 305 -44.16 5.18 -0.34
C SER D 305 -45.42 4.88 0.50
N LEU D 306 -45.21 4.35 1.71
CA LEU D 306 -46.29 4.10 2.67
C LEU D 306 -46.65 5.36 3.47
N VAL D 307 -45.69 6.21 3.79
CA VAL D 307 -46.02 7.43 4.52
C VAL D 307 -46.72 8.41 3.59
N LYS D 308 -46.12 8.59 2.41
CA LYS D 308 -46.69 9.43 1.35
C LYS D 308 -48.02 8.85 0.90
N GLY D 309 -47.99 7.63 0.39
CA GLY D 309 -49.24 6.91 0.09
C GLY D 309 -50.36 7.36 1.02
N GLY D 310 -50.04 7.39 2.31
CA GLY D 310 -50.93 7.91 3.34
C GLY D 310 -51.47 6.88 4.30
N LEU D 311 -50.86 5.69 4.33
CA LEU D 311 -51.36 4.59 5.14
C LEU D 311 -50.88 4.71 6.57
N CYS D 312 -49.57 4.85 6.73
CA CYS D 312 -48.97 5.12 8.04
C CYS D 312 -48.41 6.55 8.13
N ARG D 313 -48.15 6.97 9.37
CA ARG D 313 -47.58 8.28 9.66
C ARG D 313 -46.10 8.17 9.94
N ARG D 314 -45.64 7.06 10.50
CA ARG D 314 -44.22 6.73 10.44
C ARG D 314 -44.08 5.24 10.51
N VAL D 315 -43.08 4.69 9.82
CA VAL D 315 -42.97 3.24 9.69
C VAL D 315 -41.55 2.70 9.60
N LEU D 316 -41.38 1.52 10.17
CA LEU D 316 -40.11 0.83 10.19
C LEU D 316 -40.24 -0.47 9.36
N VAL D 317 -39.31 -0.70 8.44
CA VAL D 317 -39.38 -1.86 7.56
C VAL D 317 -38.13 -2.67 7.78
N GLN D 318 -38.25 -3.99 7.72
CA GLN D 318 -37.06 -4.83 7.73
C GLN D 318 -37.10 -5.89 6.64
N VAL D 319 -36.04 -5.95 5.84
CA VAL D 319 -35.81 -7.08 4.98
C VAL D 319 -34.59 -7.83 5.52
N SER D 320 -34.43 -9.08 5.09
CA SER D 320 -33.19 -9.84 5.29
C SER D 320 -33.01 -10.77 4.09
N TYR D 321 -31.76 -11.01 3.69
CA TYR D 321 -31.43 -11.96 2.61
C TYR D 321 -30.43 -12.97 3.14
N ALA D 322 -30.14 -13.98 2.31
CA ALA D 322 -29.00 -14.88 2.52
C ALA D 322 -28.28 -15.02 1.19
N ILE D 323 -26.97 -15.25 1.26
CA ILE D 323 -26.11 -15.27 0.06
C ILE D 323 -26.57 -16.27 -1.01
N GLY D 324 -26.79 -15.75 -2.22
CA GLY D 324 -27.14 -16.55 -3.39
C GLY D 324 -28.62 -16.77 -3.60
N VAL D 325 -29.44 -16.05 -2.85
CA VAL D 325 -30.90 -16.29 -2.78
C VAL D 325 -31.68 -15.01 -3.12
N SER D 326 -32.40 -15.01 -4.24
CA SER D 326 -33.04 -13.77 -4.73
C SER D 326 -34.19 -13.32 -3.83
N HIS D 327 -35.14 -14.23 -3.59
CA HIS D 327 -36.31 -13.91 -2.78
C HIS D 327 -35.90 -13.79 -1.31
N PRO D 328 -36.03 -12.58 -0.72
CA PRO D 328 -35.55 -12.35 0.64
C PRO D 328 -36.17 -13.30 1.66
N LEU D 329 -35.46 -13.54 2.77
CA LEU D 329 -35.89 -14.52 3.78
C LEU D 329 -36.90 -14.02 4.81
N SER D 330 -36.93 -12.70 5.03
CA SER D 330 -37.86 -12.11 5.99
C SER D 330 -38.27 -10.73 5.47
N ILE D 331 -39.53 -10.38 5.71
CA ILE D 331 -40.00 -9.02 5.48
C ILE D 331 -40.98 -8.72 6.60
N SER D 332 -40.77 -7.60 7.28
CA SER D 332 -41.53 -7.24 8.45
C SER D 332 -41.76 -5.72 8.52
N ILE D 333 -42.98 -5.32 8.84
CA ILE D 333 -43.37 -3.91 8.97
C ILE D 333 -43.73 -3.53 10.40
N PHE D 334 -43.23 -2.40 10.88
CA PHE D 334 -43.65 -1.82 12.17
C PHE D 334 -44.13 -0.39 11.95
N HIS D 335 -45.45 -0.19 12.02
CA HIS D 335 -46.02 1.12 11.74
C HIS D 335 -46.29 1.91 13.01
N TYR D 336 -45.58 1.58 14.09
CA TYR D 336 -45.57 2.43 15.28
C TYR D 336 -46.96 2.87 15.80
N GLY D 337 -47.98 2.06 15.56
CA GLY D 337 -49.37 2.38 15.94
C GLY D 337 -49.97 3.57 15.20
N THR D 338 -49.51 3.80 13.98
CA THR D 338 -49.85 5.01 13.25
C THR D 338 -50.80 4.82 12.07
N SER D 339 -51.01 3.58 11.63
CA SER D 339 -51.91 3.30 10.50
C SER D 339 -53.23 2.76 11.04
N GLN D 340 -54.30 2.94 10.29
CA GLN D 340 -55.58 2.35 10.70
C GLN D 340 -55.59 0.88 10.28
N LYS D 341 -54.77 0.51 9.29
CA LYS D 341 -54.64 -0.89 8.87
C LYS D 341 -53.68 -1.63 9.80
N SER D 342 -53.80 -2.95 9.88
CA SER D 342 -52.89 -3.75 10.69
C SER D 342 -51.51 -3.79 10.02
N GLU D 343 -50.52 -4.34 10.71
CA GLU D 343 -49.19 -4.49 10.13
C GLU D 343 -49.21 -5.63 9.11
N ARG D 344 -50.03 -6.65 9.35
CA ARG D 344 -50.23 -7.73 8.38
C ARG D 344 -50.83 -7.21 7.06
N GLU D 345 -51.70 -6.20 7.17
CA GLU D 345 -52.34 -5.59 5.99
C GLU D 345 -51.35 -4.75 5.17
N LEU D 346 -50.45 -4.05 5.85
CA LEU D 346 -49.41 -3.30 5.17
C LEU D 346 -48.42 -4.27 4.54
N LEU D 347 -48.02 -5.30 5.28
CA LEU D 347 -47.11 -6.28 4.71
C LEU D 347 -47.67 -6.85 3.41
N GLU D 348 -48.94 -7.24 3.45
CA GLU D 348 -49.63 -7.77 2.28
C GLU D 348 -49.71 -6.78 1.11
N ILE D 349 -49.79 -5.49 1.40
CA ILE D 349 -49.69 -4.46 0.34
C ILE D 349 -48.28 -4.43 -0.24
N VAL D 350 -47.28 -4.47 0.64
CA VAL D 350 -45.89 -4.30 0.21
C VAL D 350 -45.51 -5.44 -0.70
N LYS D 351 -45.95 -6.64 -0.38
CA LYS D 351 -45.74 -7.78 -1.25
C LYS D 351 -46.43 -7.58 -2.60
N LYS D 352 -47.65 -7.06 -2.57
CA LYS D 352 -48.45 -6.91 -3.79
C LYS D 352 -47.98 -5.77 -4.68
N ASN D 353 -47.15 -4.88 -4.15
CA ASN D 353 -46.63 -3.75 -4.91
C ASN D 353 -45.13 -3.71 -5.17
N PHE D 354 -44.33 -4.29 -4.28
CA PHE D 354 -42.90 -4.31 -4.52
C PHE D 354 -42.39 -5.71 -4.81
N ASP D 355 -41.17 -5.78 -5.33
CA ASP D 355 -40.50 -7.05 -5.59
C ASP D 355 -39.04 -6.82 -5.26
N LEU D 356 -38.57 -7.43 -4.18
CA LEU D 356 -37.32 -7.01 -3.56
C LEU D 356 -36.12 -7.92 -3.83
N ARG D 357 -36.13 -8.61 -4.97
CA ARG D 357 -34.93 -9.32 -5.41
C ARG D 357 -33.99 -8.26 -5.99
N PRO D 358 -32.68 -8.46 -5.86
CA PRO D 358 -31.74 -7.47 -6.38
C PRO D 358 -31.82 -7.29 -7.88
N GLY D 359 -32.11 -8.36 -8.60
CA GLY D 359 -32.22 -8.28 -10.06
C GLY D 359 -33.40 -7.44 -10.54
N VAL D 360 -34.38 -7.26 -9.66
CA VAL D 360 -35.55 -6.44 -9.93
C VAL D 360 -35.30 -5.01 -9.43
N ILE D 361 -34.72 -4.89 -8.23
CA ILE D 361 -34.52 -3.60 -7.58
C ILE D 361 -33.56 -2.75 -8.41
N VAL D 362 -32.53 -3.38 -8.95
CA VAL D 362 -31.56 -2.69 -9.78
C VAL D 362 -32.32 -1.91 -10.85
N ARG D 363 -33.38 -2.49 -11.37
CA ARG D 363 -34.20 -1.88 -12.43
C ARG D 363 -35.13 -0.81 -11.89
N ASP D 364 -35.84 -1.09 -10.80
CA ASP D 364 -36.78 -0.14 -10.24
C ASP D 364 -36.08 1.15 -9.79
N LEU D 365 -34.91 1.02 -9.18
CA LEU D 365 -34.21 2.18 -8.61
C LEU D 365 -32.97 2.56 -9.41
N ASP D 366 -32.85 1.98 -10.60
CA ASP D 366 -31.76 2.28 -11.52
C ASP D 366 -30.42 2.42 -10.83
N LEU D 367 -29.88 1.27 -10.40
CA LEU D 367 -28.68 1.24 -9.57
C LEU D 367 -27.40 0.89 -10.34
N LYS D 368 -27.39 1.08 -11.65
CA LYS D 368 -26.16 0.91 -12.42
C LYS D 368 -25.57 2.26 -12.84
N LYS D 369 -26.33 3.33 -12.61
CA LYS D 369 -25.91 4.70 -12.94
C LYS D 369 -24.79 5.21 -12.03
N PRO D 370 -23.67 5.70 -12.62
CA PRO D 370 -22.56 6.26 -11.84
C PRO D 370 -22.87 7.64 -11.23
N ILE D 371 -23.74 7.64 -10.21
CA ILE D 371 -24.05 8.85 -9.45
C ILE D 371 -23.96 8.63 -7.91
N TYR D 372 -23.36 7.51 -7.48
CA TYR D 372 -23.33 7.16 -6.06
C TYR D 372 -22.52 8.15 -5.24
N GLN D 373 -21.44 8.68 -5.80
CA GLN D 373 -20.57 9.63 -5.09
C GLN D 373 -21.33 10.83 -4.51
N ARG D 374 -22.42 11.25 -5.14
CA ARG D 374 -23.36 12.23 -4.57
C ARG D 374 -23.70 11.85 -3.14
N THR D 375 -24.06 10.58 -2.97
CA THR D 375 -24.66 10.06 -1.73
C THR D 375 -23.73 10.07 -0.52
N ALA D 376 -22.42 10.01 -0.82
CA ALA D 376 -21.41 9.78 0.20
C ALA D 376 -21.19 10.97 1.11
N ALA D 377 -22.19 11.84 1.21
CA ALA D 377 -22.15 12.96 2.13
C ALA D 377 -23.54 13.54 2.16
N TYR D 378 -23.91 14.04 3.33
CA TYR D 378 -25.20 14.71 3.48
C TYR D 378 -26.35 13.71 3.58
N GLY D 379 -26.00 12.43 3.67
CA GLY D 379 -26.99 11.37 3.90
C GLY D 379 -27.52 10.81 2.61
N HIS D 380 -27.85 9.52 2.62
CA HIS D 380 -28.33 8.83 1.43
C HIS D 380 -29.83 8.92 1.26
N PHE D 381 -30.52 9.52 2.22
CA PHE D 381 -31.98 9.55 2.20
C PHE D 381 -32.52 10.97 2.31
N GLY D 382 -33.83 11.11 2.15
CA GLY D 382 -34.50 12.41 2.23
C GLY D 382 -34.01 13.47 1.26
N ARG D 383 -33.56 13.05 0.08
CA ARG D 383 -32.85 13.95 -0.78
C ARG D 383 -33.39 14.00 -2.22
N ASP D 384 -33.19 15.17 -2.85
CA ASP D 384 -33.79 15.49 -4.15
C ASP D 384 -33.17 14.70 -5.30
N SER D 385 -34.04 14.09 -6.11
CA SER D 385 -33.66 13.44 -7.38
C SER D 385 -33.27 11.98 -7.28
N PHE D 386 -33.02 11.49 -6.07
CA PHE D 386 -32.73 10.06 -5.94
C PHE D 386 -33.94 9.24 -6.35
N PRO D 387 -33.70 8.16 -7.12
CA PRO D 387 -34.78 7.26 -7.47
C PRO D 387 -35.57 6.81 -6.26
N TRP D 388 -34.88 6.26 -5.27
CA TRP D 388 -35.55 5.67 -4.10
C TRP D 388 -36.39 6.65 -3.30
N GLU D 389 -36.21 7.95 -3.55
CA GLU D 389 -36.95 8.97 -2.82
C GLU D 389 -38.26 9.38 -3.50
N VAL D 390 -38.58 8.77 -4.64
CA VAL D 390 -39.80 9.08 -5.40
C VAL D 390 -40.89 8.01 -5.17
N PRO D 391 -41.87 8.30 -4.29
CA PRO D 391 -42.73 7.24 -3.76
C PRO D 391 -43.52 6.58 -4.85
N LYS D 392 -43.82 5.29 -4.69
CA LYS D 392 -44.60 4.58 -5.69
C LYS D 392 -46.08 4.75 -5.36
N LYS D 393 -46.88 4.89 -6.42
CA LYS D 393 -48.33 4.89 -6.28
C LYS D 393 -48.69 3.44 -6.02
N LEU D 394 -49.64 3.20 -5.11
CA LEU D 394 -49.91 1.85 -4.62
C LEU D 394 -51.32 1.36 -4.97
N LYS D 395 -51.40 0.16 -5.55
CA LYS D 395 -52.67 -0.54 -5.71
C LYS D 395 -52.95 -1.36 -4.45
N TYR D 396 -54.19 -1.35 -3.99
CA TYR D 396 -54.62 -2.24 -2.90
C TYR D 396 -56.14 -2.28 -2.67
N ILE E 19 -49.29 31.83 -2.35
CA ILE E 19 -49.89 32.24 -1.04
C ILE E 19 -51.14 33.09 -1.30
N PRO E 20 -52.34 32.52 -1.06
CA PRO E 20 -53.64 33.16 -1.37
C PRO E 20 -53.88 34.59 -0.84
N ASN E 21 -54.85 35.27 -1.45
CA ASN E 21 -55.16 36.68 -1.14
C ASN E 21 -55.93 36.87 0.16
N ARG E 22 -56.91 36.02 0.41
CA ARG E 22 -57.79 36.20 1.55
C ARG E 22 -57.06 35.74 2.78
N ARG E 23 -57.17 36.51 3.87
CA ARG E 23 -56.57 36.13 5.14
C ARG E 23 -57.62 35.91 6.20
N VAL E 24 -57.38 34.88 7.01
CA VAL E 24 -58.29 34.47 8.09
C VAL E 24 -57.52 34.16 9.36
N LEU E 25 -57.98 34.71 10.47
CA LEU E 25 -57.40 34.39 11.77
C LEU E 25 -58.29 33.37 12.50
N VAL E 26 -57.64 32.37 13.11
CA VAL E 26 -58.32 31.27 13.82
C VAL E 26 -57.79 31.17 15.26
N THR E 27 -58.50 31.77 16.20
CA THR E 27 -58.12 31.68 17.60
C THR E 27 -58.48 30.30 18.15
N GLY E 28 -57.77 29.87 19.18
CA GLY E 28 -57.95 28.54 19.73
C GLY E 28 -57.71 27.49 18.67
N ALA E 29 -56.65 27.66 17.90
CA ALA E 29 -56.33 26.74 16.82
C ALA E 29 -55.56 25.56 17.34
N THR E 30 -55.05 25.68 18.57
CA THR E 30 -54.43 24.54 19.26
C THR E 30 -55.48 23.51 19.61
N GLY E 31 -56.70 23.96 19.88
CA GLY E 31 -57.82 23.10 20.26
C GLY E 31 -58.53 22.36 19.12
N LEU E 32 -59.19 21.26 19.49
CA LEU E 32 -59.93 20.39 18.56
C LEU E 32 -60.60 21.09 17.39
N LEU E 33 -61.47 22.06 17.70
CA LEU E 33 -62.27 22.76 16.69
C LEU E 33 -61.46 23.74 15.85
N GLY E 34 -60.48 24.40 16.48
CA GLY E 34 -59.66 25.38 15.78
C GLY E 34 -58.70 24.74 14.78
N ARG E 35 -58.16 23.58 15.14
CA ARG E 35 -57.30 22.83 14.24
C ARG E 35 -58.02 22.58 12.91
N ALA E 36 -59.27 22.10 12.99
CA ALA E 36 -60.09 21.81 11.78
C ALA E 36 -60.44 23.04 10.94
N VAL E 37 -60.66 24.19 11.58
CA VAL E 37 -61.05 25.42 10.88
C VAL E 37 -59.83 26.00 10.18
N HIS E 38 -58.74 26.12 10.91
CA HIS E 38 -57.48 26.50 10.32
C HIS E 38 -57.25 25.70 9.02
N LYS E 39 -57.34 24.37 9.15
CA LYS E 39 -57.01 23.47 8.05
C LYS E 39 -58.00 23.57 6.87
N GLU E 40 -59.30 23.57 7.15
CA GLU E 40 -60.30 23.69 6.08
C GLU E 40 -60.07 24.97 5.29
N PHE E 41 -59.90 26.09 5.99
CA PHE E 41 -59.66 27.38 5.34
C PHE E 41 -58.38 27.36 4.49
N GLN E 42 -57.30 26.88 5.09
CA GLN E 42 -55.99 26.83 4.46
C GLN E 42 -55.96 26.00 3.19
N GLN E 43 -56.45 24.77 3.28
CA GLN E 43 -56.47 23.84 2.15
C GLN E 43 -57.57 24.09 1.11
N ASN E 44 -58.37 25.12 1.35
CA ASN E 44 -59.24 25.68 0.32
C ASN E 44 -58.86 27.11 0.01
N ASN E 45 -57.56 27.34 -0.20
CA ASN E 45 -57.05 28.54 -0.84
C ASN E 45 -57.26 29.85 -0.05
N TRP E 46 -56.98 29.78 1.25
CA TRP E 46 -56.88 30.97 2.09
C TRP E 46 -55.48 31.00 2.72
N HIS E 47 -55.02 32.21 3.03
CA HIS E 47 -53.87 32.40 3.92
C HIS E 47 -54.42 32.40 5.35
N ALA E 48 -54.09 31.36 6.10
CA ALA E 48 -54.74 31.10 7.38
C ALA E 48 -53.73 31.10 8.50
N VAL E 49 -53.96 31.92 9.51
CA VAL E 49 -53.06 31.96 10.66
C VAL E 49 -53.75 31.54 11.96
N GLY E 50 -53.20 30.50 12.58
CA GLY E 50 -53.71 30.03 13.86
C GLY E 50 -52.99 30.64 15.03
N CYS E 51 -53.65 30.68 16.18
CA CYS E 51 -53.02 31.18 17.39
C CYS E 51 -53.65 30.57 18.62
N GLY E 52 -52.85 30.46 19.67
CA GLY E 52 -53.31 29.92 20.93
C GLY E 52 -52.19 30.05 21.94
N PHE E 53 -52.55 30.17 23.21
CA PHE E 53 -51.55 30.26 24.27
C PHE E 53 -51.09 28.86 24.62
N ARG E 54 -52.08 28.01 24.93
CA ARG E 54 -51.89 26.60 25.29
C ARG E 54 -50.46 26.12 24.99
N ARG E 55 -50.17 25.87 23.71
CA ARG E 55 -48.82 25.58 23.25
C ARG E 55 -48.84 25.67 21.73
N ALA E 56 -48.97 26.90 21.22
CA ALA E 56 -49.15 27.11 19.79
C ALA E 56 -47.94 26.66 18.99
N ARG E 57 -46.75 27.04 19.46
CA ARG E 57 -45.52 26.78 18.72
C ARG E 57 -45.30 25.28 18.66
N PRO E 58 -44.78 24.77 17.52
CA PRO E 58 -44.22 25.49 16.38
C PRO E 58 -45.22 25.71 15.26
N LYS E 59 -46.43 25.17 15.41
CA LYS E 59 -47.40 25.16 14.34
C LYS E 59 -48.15 26.49 14.26
N PHE E 60 -48.32 27.18 15.39
CA PHE E 60 -49.17 28.37 15.47
C PHE E 60 -48.51 29.56 16.20
N GLU E 61 -49.17 30.72 16.14
CA GLU E 61 -48.69 31.93 16.79
C GLU E 61 -49.15 31.97 18.24
N GLN E 62 -48.29 32.41 19.15
CA GLN E 62 -48.66 32.41 20.55
C GLN E 62 -49.24 33.75 21.02
N VAL E 63 -50.40 33.70 21.65
CA VAL E 63 -51.13 34.89 22.07
C VAL E 63 -51.87 34.58 23.37
N ASN E 64 -51.83 35.50 24.33
CA ASN E 64 -52.77 35.44 25.44
C ASN E 64 -53.93 36.35 25.08
N LEU E 65 -55.08 35.73 24.83
CA LEU E 65 -56.27 36.46 24.40
C LEU E 65 -56.74 37.56 25.38
N LEU E 66 -56.41 37.41 26.66
CA LEU E 66 -56.73 38.42 27.67
C LEU E 66 -55.83 39.66 27.58
N ASP E 67 -54.64 39.49 27.01
CA ASP E 67 -53.70 40.60 26.79
C ASP E 67 -54.13 41.45 25.59
N SER E 68 -54.44 42.71 25.88
CA SER E 68 -55.03 43.64 24.91
C SER E 68 -54.15 43.86 23.70
N ASN E 69 -52.87 44.13 23.97
CA ASN E 69 -51.91 44.43 22.92
C ASN E 69 -51.48 43.20 22.17
N ALA E 70 -51.15 42.12 22.90
CA ALA E 70 -50.84 40.86 22.26
C ALA E 70 -51.86 40.56 21.16
N VAL E 71 -53.14 40.75 21.47
CA VAL E 71 -54.24 40.58 20.49
C VAL E 71 -54.24 41.66 19.42
N HIS E 72 -54.24 42.91 19.85
CA HIS E 72 -54.22 44.07 18.96
C HIS E 72 -53.06 44.01 17.97
N HIS E 73 -51.87 43.70 18.47
CA HIS E 73 -50.65 43.60 17.67
C HIS E 73 -50.89 42.70 16.44
N ILE E 74 -51.21 41.43 16.69
CA ILE E 74 -51.28 40.40 15.64
C ILE E 74 -52.51 40.54 14.72
N ILE E 75 -53.45 41.42 15.10
CA ILE E 75 -54.57 41.77 14.22
C ILE E 75 -54.20 42.91 13.29
N HIS E 76 -53.56 43.94 13.85
CA HIS E 76 -53.13 45.10 13.06
C HIS E 76 -51.85 44.83 12.27
N ASP E 77 -51.16 43.73 12.54
CA ASP E 77 -50.00 43.31 11.74
C ASP E 77 -50.39 42.24 10.70
N PHE E 78 -51.66 41.82 10.69
CA PHE E 78 -52.11 40.72 9.83
C PHE E 78 -53.28 41.07 8.92
N GLN E 79 -54.09 42.04 9.33
CA GLN E 79 -55.17 42.58 8.50
C GLN E 79 -56.10 41.52 7.90
N PRO E 80 -56.68 40.67 8.78
CA PRO E 80 -57.59 39.58 8.36
C PRO E 80 -59.03 40.00 8.04
N HIS E 81 -59.62 39.41 7.00
CA HIS E 81 -60.97 39.78 6.55
C HIS E 81 -62.06 38.98 7.26
N VAL E 82 -61.69 37.77 7.69
CA VAL E 82 -62.53 36.88 8.49
C VAL E 82 -61.73 36.47 9.73
N ILE E 83 -62.36 36.47 10.91
CA ILE E 83 -61.70 35.99 12.13
C ILE E 83 -62.59 35.02 12.87
N VAL E 84 -62.16 33.77 12.99
CA VAL E 84 -62.95 32.74 13.68
C VAL E 84 -62.45 32.50 15.12
N HIS E 85 -63.39 32.52 16.05
CA HIS E 85 -63.07 32.56 17.46
C HIS E 85 -63.52 31.29 18.17
N CYS E 86 -62.56 30.38 18.39
CA CYS E 86 -62.85 29.06 18.96
C CYS E 86 -62.40 28.90 20.43
N ALA E 87 -61.28 29.52 20.79
CA ALA E 87 -60.79 29.49 22.18
C ALA E 87 -61.84 30.00 23.15
N ALA E 88 -61.93 29.30 24.28
CA ALA E 88 -62.88 29.60 25.36
C ALA E 88 -62.76 28.51 26.43
N GLU E 89 -63.36 28.75 27.60
CA GLU E 89 -63.51 27.70 28.61
C GLU E 89 -64.76 26.90 28.25
N ARG E 90 -64.55 25.68 27.78
CA ARG E 90 -65.64 24.86 27.20
C ARG E 90 -66.20 23.82 28.18
N ARG E 91 -65.35 23.27 29.06
CA ARG E 91 -65.79 22.27 30.04
C ARG E 91 -66.75 22.92 31.03
N PRO E 92 -67.99 22.42 31.11
CA PRO E 92 -69.01 23.12 31.90
C PRO E 92 -68.69 23.14 33.40
N ASP E 93 -68.05 22.06 33.87
CA ASP E 93 -67.66 21.93 35.28
C ASP E 93 -66.61 22.93 35.72
N VAL E 94 -65.57 23.10 34.91
CA VAL E 94 -64.46 24.00 35.25
C VAL E 94 -64.93 25.46 35.38
N VAL E 95 -65.96 25.83 34.64
CA VAL E 95 -66.52 27.19 34.73
C VAL E 95 -67.01 27.49 36.13
N GLU E 96 -67.72 26.54 36.73
CA GLU E 96 -68.30 26.75 38.06
C GLU E 96 -67.24 26.60 39.14
N ASN E 97 -66.06 26.11 38.77
CA ASN E 97 -64.92 26.03 39.68
C ASN E 97 -64.12 27.33 39.71
N GLN E 98 -63.92 27.94 38.54
CA GLN E 98 -63.14 29.17 38.39
C GLN E 98 -63.92 30.18 37.56
N PRO E 99 -64.89 30.86 38.20
CA PRO E 99 -65.77 31.77 37.47
C PRO E 99 -65.10 33.08 37.07
N ASP E 100 -64.18 33.58 37.89
CA ASP E 100 -63.48 34.84 37.60
C ASP E 100 -62.82 34.80 36.23
N ALA E 101 -62.30 33.62 35.90
CA ALA E 101 -61.55 33.40 34.68
C ALA E 101 -62.46 33.07 33.50
N ALA E 102 -63.41 32.15 33.70
CA ALA E 102 -64.27 31.69 32.60
C ALA E 102 -64.99 32.87 31.94
N SER E 103 -65.54 33.77 32.77
CA SER E 103 -66.15 35.01 32.28
C SER E 103 -65.13 35.87 31.52
N GLN E 104 -63.91 35.95 32.04
CA GLN E 104 -62.85 36.79 31.43
C GLN E 104 -62.45 36.39 30.00
N LEU E 105 -62.60 35.09 29.70
CA LEU E 105 -62.12 34.51 28.45
C LEU E 105 -63.26 34.28 27.46
N ASN E 106 -64.41 33.86 27.97
CA ASN E 106 -65.56 33.58 27.10
C ASN E 106 -66.27 34.86 26.68
N VAL E 107 -66.34 35.83 27.60
CA VAL E 107 -67.10 37.06 27.37
C VAL E 107 -66.20 38.26 27.08
N ASP E 108 -65.24 38.51 27.95
CA ASP E 108 -64.39 39.68 27.79
C ASP E 108 -63.51 39.54 26.55
N ALA E 109 -62.68 38.50 26.48
CA ALA E 109 -61.85 38.29 25.28
C ALA E 109 -62.71 38.46 24.02
N SER E 110 -63.84 37.75 23.96
CA SER E 110 -64.80 37.90 22.86
C SER E 110 -65.10 39.36 22.53
N GLY E 111 -65.31 40.16 23.57
CA GLY E 111 -65.46 41.59 23.42
C GLY E 111 -64.26 42.23 22.74
N ASN E 112 -63.12 42.28 23.43
CA ASN E 112 -61.89 42.89 22.89
C ASN E 112 -61.64 42.43 21.46
N LEU E 113 -61.93 41.17 21.19
CA LEU E 113 -61.76 40.60 19.86
C LEU E 113 -62.74 41.26 18.91
N ALA E 114 -63.99 41.39 19.33
CA ALA E 114 -65.01 42.06 18.51
C ALA E 114 -64.70 43.55 18.31
N LYS E 115 -64.09 44.18 19.32
CA LYS E 115 -63.69 45.57 19.19
C LYS E 115 -62.67 45.68 18.07
N GLU E 116 -61.58 44.93 18.22
CA GLU E 116 -60.47 44.94 17.26
C GLU E 116 -60.88 44.37 15.91
N ALA E 117 -61.98 43.61 15.90
CA ALA E 117 -62.43 42.97 14.68
C ALA E 117 -63.04 43.98 13.74
N ALA E 118 -64.04 44.73 14.22
CA ALA E 118 -64.70 45.76 13.42
C ALA E 118 -63.83 46.99 13.21
N ALA E 119 -62.89 47.21 14.15
CA ALA E 119 -61.87 48.25 14.00
C ALA E 119 -60.75 47.86 13.01
N VAL E 120 -60.91 46.72 12.33
CA VAL E 120 -60.06 46.30 11.23
C VAL E 120 -60.94 45.86 10.05
N GLY E 121 -62.22 46.23 10.11
CA GLY E 121 -63.23 45.78 9.15
C GLY E 121 -63.33 44.28 8.94
N ALA E 122 -63.10 43.50 9.99
CA ALA E 122 -63.03 42.05 9.88
C ALA E 122 -64.32 41.35 10.33
N PHE E 123 -64.60 40.22 9.66
CA PHE E 123 -65.80 39.43 9.90
C PHE E 123 -65.60 38.42 11.02
N LEU E 124 -65.99 38.81 12.23
CA LEU E 124 -65.89 37.91 13.37
C LEU E 124 -66.94 36.82 13.25
N ILE E 125 -66.52 35.58 13.42
CA ILE E 125 -67.43 34.47 13.64
C ILE E 125 -67.16 33.93 15.05
N TYR E 126 -68.05 34.26 15.97
CA TYR E 126 -67.96 33.78 17.35
C TYR E 126 -68.64 32.46 17.44
N ILE E 127 -67.86 31.42 17.76
CA ILE E 127 -68.40 30.09 17.99
C ILE E 127 -69.15 30.08 19.33
N SER E 128 -70.39 29.64 19.29
CA SER E 128 -71.21 29.56 20.49
C SER E 128 -71.71 28.14 20.69
N SER E 129 -72.81 28.00 21.43
CA SER E 129 -73.18 26.73 22.05
C SER E 129 -74.68 26.58 22.33
N ASP E 130 -75.20 25.37 22.16
CA ASP E 130 -76.62 25.07 22.41
C ASP E 130 -77.03 25.25 23.87
N TYR E 131 -76.04 25.30 24.78
CA TYR E 131 -76.28 25.47 26.22
C TYR E 131 -76.81 26.85 26.65
N VAL E 132 -76.91 27.79 25.71
CA VAL E 132 -77.68 29.02 25.93
C VAL E 132 -79.20 28.76 26.02
N PHE E 133 -79.64 27.54 25.67
CA PHE E 133 -81.04 27.13 25.85
C PHE E 133 -81.21 26.19 27.03
N ASP E 134 -82.46 25.98 27.41
CA ASP E 134 -82.82 25.10 28.54
C ASP E 134 -83.37 23.73 28.10
N GLY E 135 -83.68 23.59 26.81
CA GLY E 135 -84.10 22.32 26.25
C GLY E 135 -85.49 21.87 26.62
N THR E 136 -86.35 22.81 27.00
CA THR E 136 -87.70 22.47 27.41
C THR E 136 -88.67 22.56 26.23
N ASN E 137 -88.31 23.28 25.18
CA ASN E 137 -89.12 23.26 23.99
C ASN E 137 -88.28 23.25 22.72
N PRO E 138 -87.79 22.06 22.33
CA PRO E 138 -87.07 21.89 21.08
C PRO E 138 -88.01 21.70 19.89
N PRO E 139 -87.51 21.88 18.66
CA PRO E 139 -86.16 22.26 18.31
C PRO E 139 -86.07 23.78 18.33
N TYR E 140 -84.92 24.32 18.71
CA TYR E 140 -84.77 25.76 18.91
C TYR E 140 -84.32 26.45 17.64
N ARG E 141 -84.96 27.57 17.33
CA ARG E 141 -84.63 28.38 16.16
C ARG E 141 -83.72 29.53 16.54
N GLU E 142 -83.15 30.17 15.54
CA GLU E 142 -82.14 31.19 15.76
C GLU E 142 -82.66 32.27 16.70
N GLU E 143 -83.82 32.82 16.38
CA GLU E 143 -84.39 33.94 17.15
C GLU E 143 -85.34 33.52 18.31
N ASP E 144 -85.20 32.29 18.82
CA ASP E 144 -85.93 31.88 20.03
C ASP E 144 -85.29 32.49 21.27
N ILE E 145 -86.03 32.49 22.38
CA ILE E 145 -85.60 33.17 23.62
C ILE E 145 -84.60 32.34 24.43
N PRO E 146 -83.36 32.82 24.54
CA PRO E 146 -82.39 32.06 25.32
C PRO E 146 -82.71 32.05 26.81
N ALA E 147 -82.28 30.99 27.49
CA ALA E 147 -82.48 30.85 28.92
C ALA E 147 -81.62 29.67 29.40
N PRO E 148 -80.32 29.92 29.59
CA PRO E 148 -79.41 28.87 30.04
C PRO E 148 -79.78 28.32 31.39
N LEU E 149 -79.29 27.11 31.70
CA LEU E 149 -79.51 26.48 33.00
C LEU E 149 -78.22 26.43 33.81
N ASN E 150 -77.10 26.60 33.13
CA ASN E 150 -75.80 26.54 33.76
C ASN E 150 -74.95 27.76 33.38
N LEU E 151 -73.82 27.89 34.05
CA LEU E 151 -72.95 29.06 33.92
C LEU E 151 -72.23 29.12 32.55
N TYR E 152 -71.72 27.97 32.08
CA TYR E 152 -71.14 27.88 30.74
C TYR E 152 -72.18 28.32 29.70
N GLY E 153 -73.39 27.77 29.85
CA GLY E 153 -74.53 28.23 29.09
C GLY E 153 -74.57 29.74 29.02
N LYS E 154 -74.47 30.39 30.18
CA LYS E 154 -74.57 31.84 30.25
C LYS E 154 -73.34 32.57 29.73
N THR E 155 -72.16 32.00 29.93
CA THR E 155 -70.95 32.68 29.46
C THR E 155 -70.86 32.69 27.93
N LYS E 156 -71.26 31.60 27.26
CA LYS E 156 -71.27 31.59 25.78
C LYS E 156 -72.27 32.63 25.28
N LEU E 157 -73.36 32.81 26.03
CA LEU E 157 -74.41 33.79 25.71
C LEU E 157 -73.92 35.22 25.90
N ASP E 158 -73.30 35.50 27.04
CA ASP E 158 -72.75 36.83 27.28
C ASP E 158 -71.66 37.18 26.27
N GLY E 159 -70.93 36.18 25.80
CA GLY E 159 -70.07 36.36 24.63
C GLY E 159 -70.81 36.97 23.47
N GLU E 160 -71.91 36.32 23.08
CA GLU E 160 -72.73 36.74 21.93
C GLU E 160 -73.12 38.19 21.99
N LYS E 161 -73.46 38.63 23.20
CA LYS E 161 -73.72 40.05 23.45
C LYS E 161 -72.43 40.82 23.18
N ALA E 162 -71.40 40.55 23.99
CA ALA E 162 -70.17 41.31 23.91
C ALA E 162 -69.64 41.38 22.49
N VAL E 163 -70.01 40.40 21.66
CA VAL E 163 -69.59 40.40 20.27
C VAL E 163 -70.50 41.26 19.42
N LEU E 164 -71.81 41.14 19.60
CA LEU E 164 -72.75 41.92 18.76
C LEU E 164 -72.79 43.41 19.15
N GLU E 165 -72.65 43.71 20.45
CA GLU E 165 -72.59 45.08 20.95
C GLU E 165 -71.35 45.83 20.49
N ASN E 166 -70.33 45.09 20.06
CA ASN E 166 -69.06 45.69 19.63
C ASN E 166 -68.74 45.42 18.16
N ASN E 167 -69.76 45.08 17.40
CA ASN E 167 -69.57 44.67 16.02
C ASN E 167 -70.92 44.23 15.48
N LEU E 168 -71.66 45.16 14.91
CA LEU E 168 -72.80 44.78 14.10
C LEU E 168 -72.18 44.06 12.92
N GLY E 169 -72.78 42.97 12.46
CA GLY E 169 -72.26 42.29 11.27
C GLY E 169 -71.21 41.23 11.55
N ALA E 170 -70.98 40.96 12.82
CA ALA E 170 -70.27 39.76 13.22
C ALA E 170 -71.33 38.68 13.20
N ALA E 171 -70.88 37.44 13.06
CA ALA E 171 -71.80 36.31 13.03
C ALA E 171 -71.60 35.42 14.25
N VAL E 172 -72.69 35.08 14.91
CA VAL E 172 -72.65 34.07 15.94
C VAL E 172 -73.06 32.76 15.28
N LEU E 173 -72.34 31.69 15.62
CA LEU E 173 -72.59 30.36 15.08
C LEU E 173 -72.71 29.36 16.22
N ARG E 174 -73.95 29.03 16.59
CA ARG E 174 -74.20 28.10 17.70
C ARG E 174 -74.02 26.65 17.27
N ILE E 175 -73.41 25.87 18.14
CA ILE E 175 -72.92 24.55 17.78
C ILE E 175 -73.11 23.57 18.96
N PRO E 176 -73.58 22.35 18.69
CA PRO E 176 -73.77 21.38 19.79
C PRO E 176 -72.48 20.78 20.37
N ILE E 177 -72.63 19.67 21.09
CA ILE E 177 -71.50 18.82 21.49
C ILE E 177 -70.64 18.38 20.29
N LEU E 178 -69.33 18.58 20.42
CA LEU E 178 -68.40 18.33 19.31
C LEU E 178 -67.54 17.07 19.51
N TYR E 179 -67.30 16.37 18.42
CA TYR E 179 -66.32 15.28 18.38
C TYR E 179 -65.45 15.54 17.19
N GLY E 180 -64.38 14.76 17.05
CA GLY E 180 -63.56 14.79 15.85
C GLY E 180 -62.24 14.13 16.09
N GLU E 181 -61.33 14.27 15.11
CA GLU E 181 -60.00 13.62 15.13
C GLU E 181 -59.08 14.18 16.22
N VAL E 182 -59.30 13.71 17.45
CA VAL E 182 -58.62 14.25 18.61
C VAL E 182 -57.23 13.66 18.78
N GLU E 183 -56.43 14.30 19.63
CA GLU E 183 -55.11 13.82 20.04
C GLU E 183 -55.18 13.18 21.43
N LYS E 184 -56.09 13.67 22.26
CA LYS E 184 -56.33 13.10 23.58
C LYS E 184 -57.83 12.94 23.75
N LEU E 185 -58.26 11.78 24.26
CA LEU E 185 -59.68 11.48 24.38
C LEU E 185 -60.48 12.53 25.17
N GLU E 186 -59.82 13.30 26.03
CA GLU E 186 -60.51 14.31 26.83
C GLU E 186 -60.94 15.49 25.99
N GLU E 187 -60.28 15.72 24.86
CA GLU E 187 -60.66 16.83 24.00
C GLU E 187 -62.14 16.86 23.61
N SER E 188 -62.81 15.70 23.65
CA SER E 188 -64.25 15.66 23.42
C SER E 188 -64.99 14.78 24.39
N ALA E 189 -66.14 15.25 24.81
CA ALA E 189 -66.99 14.48 25.73
C ALA E 189 -67.56 13.23 25.07
N VAL E 190 -67.53 13.22 23.73
CA VAL E 190 -67.81 12.01 22.95
C VAL E 190 -66.62 11.06 23.03
N THR E 191 -65.44 11.53 22.68
CA THR E 191 -64.28 10.63 22.60
C THR E 191 -63.83 10.03 23.93
N VAL E 192 -64.18 10.63 25.08
CA VAL E 192 -63.73 10.08 26.37
C VAL E 192 -64.27 8.67 26.66
N MET E 193 -65.54 8.44 26.37
CA MET E 193 -66.19 7.15 26.65
C MET E 193 -65.47 5.96 26.03
N PHE E 194 -64.36 6.19 25.36
CA PHE E 194 -63.86 5.17 24.46
C PHE E 194 -63.29 4.02 25.22
N ASP E 195 -62.50 4.32 26.24
CA ASP E 195 -61.95 3.28 27.10
C ASP E 195 -63.09 2.48 27.74
N LYS E 196 -64.13 3.17 28.18
CA LYS E 196 -65.31 2.50 28.75
C LYS E 196 -66.04 1.58 27.77
N VAL E 197 -65.84 1.80 26.47
CA VAL E 197 -66.42 0.95 25.43
C VAL E 197 -65.52 -0.26 25.08
N GLN E 198 -64.21 -0.06 25.14
CA GLN E 198 -63.27 -1.12 24.80
C GLN E 198 -63.10 -2.13 25.92
N PHE E 199 -63.18 -1.68 27.18
CA PHE E 199 -63.09 -2.61 28.30
C PHE E 199 -64.42 -3.33 28.45
N SER E 200 -64.59 -4.39 27.65
CA SER E 200 -65.84 -5.17 27.57
C SER E 200 -66.04 -6.03 28.83
N ASN E 201 -64.98 -6.19 29.61
CA ASN E 201 -65.02 -6.90 30.90
C ASN E 201 -65.63 -6.06 32.02
N LYS E 202 -65.10 -4.87 32.23
CA LYS E 202 -65.65 -3.97 33.21
C LYS E 202 -66.99 -3.41 32.70
N SER E 203 -68.04 -3.61 33.49
CA SER E 203 -69.34 -2.97 33.23
C SER E 203 -69.23 -1.46 33.52
N ALA E 204 -69.94 -0.65 32.73
CA ALA E 204 -69.88 0.80 32.85
C ALA E 204 -71.24 1.45 32.58
N ASN E 205 -71.62 2.42 33.42
CA ASN E 205 -72.89 3.14 33.25
C ASN E 205 -72.80 4.17 32.16
N MET E 206 -73.93 4.52 31.57
CA MET E 206 -73.99 5.59 30.59
C MET E 206 -75.30 6.38 30.70
N ASP E 207 -75.20 7.70 30.57
CA ASP E 207 -76.37 8.58 30.57
C ASP E 207 -77.28 8.26 29.38
N HIS E 208 -78.54 7.93 29.65
CA HIS E 208 -79.53 7.74 28.58
C HIS E 208 -80.62 8.81 28.62
N TRP E 209 -80.46 9.81 29.48
CA TRP E 209 -81.50 10.83 29.66
C TRP E 209 -81.33 11.95 28.65
N GLN E 210 -80.28 12.74 28.82
CA GLN E 210 -80.06 13.94 28.01
C GLN E 210 -79.84 13.62 26.52
N GLN E 211 -80.61 14.33 25.68
CA GLN E 211 -80.58 14.18 24.23
C GLN E 211 -79.47 15.02 23.60
N ARG E 212 -78.73 14.42 22.68
CA ARG E 212 -77.59 15.09 22.08
C ARG E 212 -77.59 15.00 20.57
N PHE E 213 -76.77 15.85 19.96
CA PHE E 213 -76.57 15.81 18.54
C PHE E 213 -75.07 15.95 18.30
N PRO E 214 -74.37 14.80 18.23
CA PRO E 214 -72.94 14.89 18.04
C PRO E 214 -72.71 15.69 16.78
N THR E 215 -71.65 16.50 16.75
CA THR E 215 -71.28 17.16 15.51
C THR E 215 -69.77 17.18 15.29
N HIS E 216 -69.38 16.71 14.11
CA HIS E 216 -67.97 16.64 13.72
C HIS E 216 -67.48 18.05 13.52
N VAL E 217 -66.31 18.34 14.07
CA VAL E 217 -65.72 19.65 13.89
C VAL E 217 -65.30 19.95 12.44
N LYS E 218 -64.92 18.93 11.65
CA LYS E 218 -64.55 19.19 10.25
C LYS E 218 -65.76 19.68 9.43
N ASP E 219 -66.96 19.24 9.82
CA ASP E 219 -68.21 19.74 9.25
C ASP E 219 -68.41 21.21 9.67
N VAL E 220 -68.29 21.46 10.97
CA VAL E 220 -68.38 22.83 11.52
C VAL E 220 -67.40 23.78 10.83
N ALA E 221 -66.18 23.31 10.59
CA ALA E 221 -65.16 24.10 9.89
C ALA E 221 -65.60 24.37 8.47
N THR E 222 -66.25 23.39 7.85
CA THR E 222 -66.82 23.58 6.52
C THR E 222 -67.87 24.72 6.52
N VAL E 223 -68.91 24.59 7.36
CA VAL E 223 -69.89 25.67 7.50
C VAL E 223 -69.19 27.01 7.75
N CYS E 224 -68.21 27.02 8.65
CA CYS E 224 -67.47 28.25 9.02
C CYS E 224 -66.82 28.93 7.80
N ARG E 225 -66.19 28.16 6.93
CA ARG E 225 -65.61 28.70 5.71
C ARG E 225 -66.70 29.11 4.74
N GLN E 226 -67.61 28.17 4.46
CA GLN E 226 -68.75 28.40 3.56
C GLN E 226 -69.45 29.70 3.84
N LEU E 227 -69.71 29.93 5.12
CA LEU E 227 -70.36 31.14 5.61
C LEU E 227 -69.51 32.35 5.29
N ALA E 228 -68.23 32.30 5.66
CA ALA E 228 -67.33 33.45 5.52
C ALA E 228 -67.22 33.95 4.09
N GLU E 229 -67.12 33.00 3.16
CA GLU E 229 -66.93 33.30 1.75
C GLU E 229 -68.12 34.08 1.17
N LYS E 230 -69.32 33.63 1.46
CA LYS E 230 -70.52 34.31 0.99
C LYS E 230 -70.54 35.73 1.47
N ARG E 231 -70.15 35.93 2.73
CA ARG E 231 -70.06 37.27 3.34
C ARG E 231 -69.04 38.17 2.64
N MET E 232 -68.07 37.57 1.96
CA MET E 232 -67.12 38.33 1.13
C MET E 232 -67.78 38.95 -0.09
N LEU E 233 -68.92 38.40 -0.51
CA LEU E 233 -69.71 39.00 -1.58
C LEU E 233 -70.90 39.77 -1.01
N ASP E 234 -71.58 39.16 -0.04
CA ASP E 234 -72.90 39.58 0.40
C ASP E 234 -72.84 40.13 1.83
N PRO E 235 -72.81 41.46 2.00
CA PRO E 235 -72.70 42.01 3.37
C PRO E 235 -73.97 41.85 4.24
N SER E 236 -75.01 41.19 3.72
CA SER E 236 -76.21 40.85 4.50
C SER E 236 -76.01 39.61 5.38
N ILE E 237 -74.95 38.85 5.12
CA ILE E 237 -74.60 37.68 5.91
C ILE E 237 -74.04 38.14 7.25
N LYS E 238 -74.86 38.03 8.29
CA LYS E 238 -74.49 38.44 9.64
C LYS E 238 -75.57 38.07 10.65
N GLY E 239 -75.32 38.36 11.93
CA GLY E 239 -76.22 37.95 13.00
C GLY E 239 -75.95 36.53 13.49
N THR E 240 -77.00 35.80 13.85
CA THR E 240 -76.84 34.53 14.55
C THR E 240 -77.32 33.35 13.70
N PHE E 241 -76.57 32.24 13.76
CA PHE E 241 -76.89 31.03 13.00
C PHE E 241 -76.71 29.76 13.84
N HIS E 242 -77.56 28.77 13.59
CA HIS E 242 -77.34 27.44 14.14
C HIS E 242 -76.83 26.49 13.07
N TRP E 243 -75.90 25.63 13.49
CA TRP E 243 -75.59 24.39 12.78
C TRP E 243 -75.52 23.20 13.73
N SER E 244 -75.77 22.01 13.20
CA SER E 244 -75.74 20.79 14.00
C SER E 244 -75.89 19.55 13.11
N GLY E 245 -75.22 18.48 13.51
CA GLY E 245 -75.42 17.18 12.89
C GLY E 245 -76.76 16.71 13.39
N ASN E 246 -77.45 15.93 12.57
CA ASN E 246 -78.84 15.63 12.83
C ASN E 246 -79.13 14.19 13.28
N GLU E 247 -78.10 13.46 13.68
CA GLU E 247 -78.26 12.15 14.29
C GLU E 247 -78.43 12.41 15.77
N GLN E 248 -79.58 12.01 16.33
CA GLN E 248 -79.92 12.30 17.71
C GLN E 248 -79.59 11.12 18.60
N MET E 249 -78.76 11.35 19.60
CA MET E 249 -78.28 10.26 20.44
C MET E 249 -78.15 10.73 21.87
N THR E 250 -78.20 9.78 22.79
CA THR E 250 -77.82 10.02 24.18
C THR E 250 -76.34 9.75 24.29
N LYS E 251 -75.77 10.03 25.46
CA LYS E 251 -74.38 9.65 25.70
C LYS E 251 -74.22 8.13 25.70
N TYR E 252 -75.29 7.41 25.99
CA TYR E 252 -75.27 5.94 25.91
C TYR E 252 -75.32 5.47 24.46
N GLU E 253 -76.23 6.03 23.67
CA GLU E 253 -76.42 5.58 22.30
C GLU E 253 -75.15 5.81 21.48
N MET E 254 -74.44 6.89 21.80
CA MET E 254 -73.12 7.15 21.23
C MET E 254 -72.21 5.98 21.47
N ALA E 255 -72.11 5.59 22.74
CA ALA E 255 -71.21 4.51 23.16
C ALA E 255 -71.44 3.19 22.42
N CYS E 256 -72.68 2.91 22.04
CA CYS E 256 -72.99 1.67 21.33
C CYS E 256 -72.76 1.78 19.82
N ALA E 257 -72.87 2.99 19.26
CA ALA E 257 -72.50 3.20 17.85
C ALA E 257 -70.99 3.16 17.72
N ILE E 258 -70.31 3.68 18.73
CA ILE E 258 -68.85 3.58 18.77
C ILE E 258 -68.43 2.11 18.88
N ALA E 259 -69.05 1.37 19.78
CA ALA E 259 -68.80 -0.07 19.86
C ALA E 259 -69.01 -0.71 18.51
N ASP E 260 -70.17 -0.46 17.91
CA ASP E 260 -70.54 -1.11 16.66
C ASP E 260 -69.68 -0.66 15.50
N ALA E 261 -69.38 0.63 15.45
CA ALA E 261 -68.49 1.17 14.43
C ALA E 261 -67.15 0.43 14.45
N PHE E 262 -66.68 0.04 15.62
CA PHE E 262 -65.41 -0.69 15.75
C PHE E 262 -65.56 -2.18 15.98
N ASN E 263 -66.72 -2.72 15.64
CA ASN E 263 -67.02 -4.13 15.84
C ASN E 263 -66.65 -4.59 17.23
N LEU E 264 -67.31 -3.96 18.20
CA LEU E 264 -67.14 -4.24 19.61
C LEU E 264 -68.49 -4.56 20.29
N PRO E 265 -68.47 -5.48 21.27
CA PRO E 265 -69.66 -5.64 22.11
C PRO E 265 -70.00 -4.39 22.95
N SER E 266 -71.26 -3.97 22.88
CA SER E 266 -71.85 -2.98 23.78
C SER E 266 -72.92 -3.70 24.59
N SER E 267 -72.51 -4.19 25.76
CA SER E 267 -73.39 -4.98 26.63
C SER E 267 -73.06 -4.65 28.06
N HIS E 268 -71.77 -4.72 28.39
CA HIS E 268 -71.27 -4.18 29.62
C HIS E 268 -71.75 -2.74 29.85
N LEU E 269 -72.30 -2.11 28.81
CA LEU E 269 -72.91 -0.79 28.96
C LEU E 269 -74.33 -0.84 29.52
N ARG E 270 -74.49 -0.46 30.79
CA ARG E 270 -75.82 -0.24 31.41
C ARG E 270 -76.30 1.16 31.06
N PRO E 271 -77.48 1.29 30.44
CA PRO E 271 -78.08 2.61 30.20
C PRO E 271 -78.90 3.17 31.37
N ILE E 272 -78.36 4.16 32.09
CA ILE E 272 -79.11 4.82 33.15
C ILE E 272 -80.02 5.87 32.50
N THR E 273 -81.30 5.84 32.87
CA THR E 273 -82.31 6.70 32.22
C THR E 273 -82.78 7.89 33.10
N ASP E 274 -82.29 7.96 34.33
CA ASP E 274 -82.61 9.07 35.23
C ASP E 274 -81.79 10.29 34.86
N SER E 275 -82.31 11.46 35.23
CA SER E 275 -81.56 12.69 35.11
C SER E 275 -80.41 12.64 36.11
N PRO E 276 -79.17 12.95 35.65
CA PRO E 276 -78.03 13.09 36.57
C PRO E 276 -78.36 14.02 37.74
N VAL E 277 -77.69 13.82 38.89
CA VAL E 277 -78.01 14.60 40.10
C VAL E 277 -77.61 16.10 40.00
N LEU E 278 -77.02 16.49 38.87
CA LEU E 278 -76.81 17.90 38.51
C LEU E 278 -77.72 18.29 37.31
N GLY E 279 -78.59 17.37 36.88
CA GLY E 279 -79.26 17.43 35.57
C GLY E 279 -80.59 18.16 35.47
N ALA E 280 -80.94 18.95 36.48
CA ALA E 280 -81.95 19.98 36.33
C ALA E 280 -81.25 21.27 35.89
N GLN E 281 -79.91 21.23 35.92
CA GLN E 281 -79.06 22.31 35.40
C GLN E 281 -78.20 21.83 34.23
N ARG E 282 -78.73 20.88 33.47
CA ARG E 282 -78.19 20.48 32.16
C ARG E 282 -79.39 20.29 31.23
N PRO E 283 -79.44 21.03 30.10
CA PRO E 283 -80.64 21.11 29.25
C PRO E 283 -80.92 19.83 28.50
N ARG E 284 -82.18 19.41 28.54
CA ARG E 284 -82.57 18.07 28.14
C ARG E 284 -82.37 17.85 26.65
N ASN E 285 -83.20 18.52 25.84
CA ASN E 285 -83.02 18.50 24.39
C ASN E 285 -82.95 19.93 23.86
N ALA E 286 -81.75 20.50 23.89
CA ALA E 286 -81.49 21.81 23.31
C ALA E 286 -81.16 21.68 21.83
N GLN E 287 -82.04 21.03 21.08
CA GLN E 287 -81.80 20.77 19.67
C GLN E 287 -81.89 22.07 18.91
N LEU E 288 -81.07 22.21 17.87
CA LEU E 288 -81.06 23.39 17.01
C LEU E 288 -81.76 23.15 15.68
N ASP E 289 -82.50 24.14 15.21
CA ASP E 289 -83.10 24.12 13.88
C ASP E 289 -82.16 24.86 12.91
N CYS E 290 -81.68 24.15 11.90
CA CYS E 290 -80.68 24.71 11.01
C CYS E 290 -81.27 25.12 9.68
N SER E 291 -82.54 25.52 9.69
CA SER E 291 -83.18 26.04 8.49
C SER E 291 -82.43 27.27 8.03
N LYS E 292 -82.23 28.22 8.94
CA LYS E 292 -81.64 29.49 8.56
C LYS E 292 -80.45 29.24 7.64
N LEU E 293 -79.54 28.36 8.06
CA LEU E 293 -78.37 28.03 7.21
C LEU E 293 -78.73 27.15 6.02
N GLU E 294 -79.33 25.99 6.27
CA GLU E 294 -79.76 25.11 5.20
C GLU E 294 -80.38 25.87 4.04
N THR E 295 -81.17 26.91 4.35
CA THR E 295 -81.73 27.88 3.38
C THR E 295 -80.70 28.44 2.38
N LEU E 296 -79.62 29.01 2.92
CA LEU E 296 -78.52 29.55 2.11
C LEU E 296 -77.67 28.45 1.49
N GLY E 297 -78.06 27.20 1.76
CA GLY E 297 -77.39 26.03 1.23
C GLY E 297 -76.03 25.82 1.84
N ILE E 298 -75.87 26.17 3.11
CA ILE E 298 -74.60 25.93 3.78
C ILE E 298 -74.73 24.59 4.47
N GLY E 299 -73.60 23.87 4.58
CA GLY E 299 -73.50 22.82 5.57
C GLY E 299 -73.08 21.45 5.12
N GLN E 300 -72.33 20.77 6.00
CA GLN E 300 -71.80 19.44 5.76
C GLN E 300 -72.27 18.53 6.90
N ARG E 301 -72.70 17.33 6.57
CA ARG E 301 -73.08 16.39 7.61
C ARG E 301 -72.48 15.01 7.40
N THR E 302 -71.23 14.85 7.85
CA THR E 302 -70.55 13.55 7.89
C THR E 302 -71.30 12.59 8.85
N PRO E 303 -71.65 11.38 8.38
CA PRO E 303 -72.32 10.39 9.26
C PRO E 303 -71.53 10.07 10.53
N PHE E 304 -72.19 10.11 11.68
CA PHE E 304 -71.52 9.77 12.92
C PHE E 304 -70.80 8.45 12.77
N ARG E 305 -71.53 7.44 12.31
CA ARG E 305 -70.98 6.09 12.16
C ARG E 305 -69.60 6.10 11.48
N ILE E 306 -69.41 6.98 10.50
CA ILE E 306 -68.10 7.14 9.83
C ILE E 306 -67.15 8.01 10.66
N GLY E 307 -67.50 9.29 10.82
CA GLY E 307 -66.62 10.26 11.50
C GLY E 307 -65.97 9.78 12.79
N ILE E 308 -66.72 9.02 13.57
CA ILE E 308 -66.24 8.57 14.86
C ILE E 308 -65.23 7.46 14.69
N LYS E 309 -65.40 6.65 13.65
CA LYS E 309 -64.42 5.63 13.31
C LYS E 309 -63.14 6.27 12.77
N GLU E 310 -63.28 7.32 11.96
CA GLU E 310 -62.11 8.11 11.53
C GLU E 310 -61.40 8.73 12.71
N SER E 311 -62.18 9.14 13.71
CA SER E 311 -61.65 9.92 14.84
C SER E 311 -61.01 9.11 16.00
N LEU E 312 -61.30 7.81 16.09
CA LEU E 312 -60.93 7.03 17.28
C LEU E 312 -59.96 5.87 17.09
N TRP E 313 -59.73 5.42 15.87
CA TRP E 313 -58.85 4.25 15.66
C TRP E 313 -57.44 4.40 16.21
N PRO E 314 -56.92 5.65 16.36
CA PRO E 314 -55.62 5.78 17.03
C PRO E 314 -55.64 5.48 18.54
N PHE E 315 -56.82 5.38 19.13
CA PHE E 315 -56.94 5.07 20.54
C PHE E 315 -57.43 3.66 20.79
N LEU E 316 -57.57 2.86 19.73
CA LEU E 316 -57.75 1.41 19.87
C LEU E 316 -56.56 0.86 20.66
N ILE E 317 -56.82 0.01 21.64
CA ILE E 317 -55.78 -0.41 22.61
C ILE E 317 -54.61 -1.07 21.89
N ASP E 318 -54.94 -1.92 20.95
CA ASP E 318 -53.96 -2.71 20.25
C ASP E 318 -53.03 -1.78 19.48
N LYS E 319 -53.60 -0.73 18.87
CA LYS E 319 -52.79 0.34 18.22
C LYS E 319 -52.02 1.11 19.29
N ARG E 320 -52.73 1.51 20.33
CA ARG E 320 -52.16 2.31 21.40
C ARG E 320 -50.90 1.63 21.97
N TRP E 321 -50.89 0.30 22.05
CA TRP E 321 -49.74 -0.44 22.59
C TRP E 321 -48.47 -0.22 21.77
N ARG E 322 -48.63 -0.23 20.45
CA ARG E 322 -47.51 -0.11 19.52
C ARG E 322 -47.05 1.33 19.30
N GLN E 323 -47.66 2.28 20.01
CA GLN E 323 -47.37 3.71 19.81
C GLN E 323 -46.20 4.19 20.64
N THR E 324 -45.05 3.55 20.46
CA THR E 324 -43.84 3.93 21.17
C THR E 324 -42.90 4.64 20.18
N VAL E 325 -41.72 5.00 20.65
CA VAL E 325 -40.76 5.73 19.82
C VAL E 325 -39.84 4.80 19.04
N PHE E 326 -39.55 3.63 19.61
CA PHE E 326 -38.71 2.64 18.95
C PHE E 326 -39.36 1.27 18.97
N HIS E 327 -39.00 0.44 18.00
CA HIS E 327 -39.29 -0.99 18.08
C HIS E 327 -38.41 -1.61 19.19
N ILE F 19 37.70 -35.16 -31.03
CA ILE F 19 37.14 -35.66 -32.33
C ILE F 19 38.22 -36.14 -33.35
N PRO F 20 39.50 -35.70 -33.21
CA PRO F 20 40.60 -36.38 -33.94
C PRO F 20 41.07 -37.70 -33.32
N ASN F 21 41.85 -38.48 -34.09
CA ASN F 21 42.12 -39.91 -33.79
C ASN F 21 43.54 -40.20 -33.27
N ARG F 22 44.54 -39.90 -34.10
CA ARG F 22 45.94 -40.20 -33.79
C ARG F 22 46.51 -39.11 -32.90
N ARG F 23 47.51 -39.45 -32.10
CA ARG F 23 47.78 -38.69 -30.89
C ARG F 23 49.22 -38.23 -30.71
N VAL F 24 49.38 -37.07 -30.06
CA VAL F 24 50.66 -36.44 -29.80
C VAL F 24 50.80 -36.02 -28.33
N LEU F 25 51.96 -36.30 -27.74
CA LEU F 25 52.28 -35.80 -26.40
C LEU F 25 53.50 -34.88 -26.47
N VAL F 26 53.39 -33.71 -25.86
CA VAL F 26 54.45 -32.69 -25.87
C VAL F 26 54.99 -32.46 -24.47
N THR F 27 56.24 -32.85 -24.22
CA THR F 27 56.87 -32.54 -22.93
C THR F 27 57.34 -31.09 -22.97
N GLY F 28 57.49 -30.50 -21.78
CA GLY F 28 57.86 -29.10 -21.65
C GLY F 28 56.91 -28.20 -22.39
N ALA F 29 55.63 -28.57 -22.42
CA ALA F 29 54.61 -27.81 -23.14
C ALA F 29 54.17 -26.60 -22.35
N THR F 30 54.67 -26.45 -21.14
CA THR F 30 54.48 -25.21 -20.39
C THR F 30 55.50 -24.17 -20.85
N GLY F 31 56.72 -24.61 -21.16
CA GLY F 31 57.78 -23.75 -21.68
C GLY F 31 57.54 -23.27 -23.10
N LEU F 32 58.39 -22.37 -23.59
CA LEU F 32 58.13 -21.63 -24.85
C LEU F 32 58.03 -22.50 -26.11
N LEU F 33 59.02 -23.36 -26.33
CA LEU F 33 59.01 -24.21 -27.50
C LEU F 33 57.75 -25.10 -27.53
N GLY F 34 57.46 -25.71 -26.39
CA GLY F 34 56.35 -26.67 -26.27
C GLY F 34 54.94 -26.11 -26.36
N ARG F 35 54.76 -24.83 -26.02
CA ARG F 35 53.44 -24.20 -26.15
CA ARG F 35 53.45 -24.18 -26.15
C ARG F 35 53.11 -24.05 -27.63
N ALA F 36 54.13 -23.82 -28.45
CA ALA F 36 53.94 -23.74 -29.89
C ALA F 36 53.79 -25.12 -30.49
N VAL F 37 54.66 -26.05 -30.11
CA VAL F 37 54.61 -27.42 -30.62
C VAL F 37 53.23 -28.01 -30.42
N HIS F 38 52.72 -27.96 -29.19
CA HIS F 38 51.39 -28.50 -28.86
C HIS F 38 50.24 -27.84 -29.65
N LYS F 39 50.27 -26.53 -29.77
CA LYS F 39 49.20 -25.82 -30.43
C LYS F 39 49.26 -26.01 -31.95
N GLU F 40 50.47 -26.21 -32.47
CA GLU F 40 50.67 -26.32 -33.93
C GLU F 40 50.15 -27.65 -34.47
N PHE F 41 50.28 -28.71 -33.66
CA PHE F 41 49.63 -29.97 -33.96
C PHE F 41 48.12 -29.77 -33.90
N GLN F 42 47.69 -29.16 -32.81
CA GLN F 42 46.27 -29.08 -32.48
C GLN F 42 45.51 -27.91 -33.16
N GLN F 43 45.96 -27.51 -34.34
CA GLN F 43 45.15 -26.64 -35.22
C GLN F 43 44.99 -27.24 -36.61
N ASN F 44 45.56 -28.43 -36.82
CA ASN F 44 45.49 -29.15 -38.09
C ASN F 44 44.97 -30.58 -37.87
N ASN F 45 43.92 -30.68 -37.05
CA ASN F 45 43.33 -31.98 -36.64
C ASN F 45 44.32 -32.99 -36.09
N TRP F 46 44.70 -32.77 -34.84
CA TRP F 46 45.32 -33.80 -34.02
C TRP F 46 44.64 -33.74 -32.65
N HIS F 47 44.65 -34.87 -31.96
CA HIS F 47 44.26 -34.94 -30.56
C HIS F 47 45.55 -34.66 -29.80
N ALA F 48 45.71 -33.43 -29.34
CA ALA F 48 46.98 -32.98 -28.76
C ALA F 48 46.87 -32.72 -27.26
N VAL F 49 47.86 -33.23 -26.52
CA VAL F 49 47.90 -33.11 -25.07
C VAL F 49 49.33 -32.85 -24.65
N GLY F 50 49.62 -31.61 -24.25
CA GLY F 50 50.93 -31.26 -23.72
C GLY F 50 50.99 -31.60 -22.24
N CYS F 51 52.21 -31.77 -21.73
CA CYS F 51 52.42 -31.89 -20.29
C CYS F 51 53.61 -31.05 -19.84
N GLY F 52 53.74 -30.92 -18.53
CA GLY F 52 54.81 -30.13 -17.96
C GLY F 52 54.93 -30.34 -16.48
N PHE F 53 56.10 -30.00 -15.94
CA PHE F 53 56.34 -30.08 -14.51
C PHE F 53 55.74 -28.85 -13.79
N ARG F 54 55.94 -27.67 -14.36
CA ARG F 54 55.54 -26.43 -13.72
C ARG F 54 54.64 -25.57 -14.60
N ARG F 55 53.59 -25.01 -14.00
CA ARG F 55 52.57 -24.20 -14.69
C ARG F 55 51.68 -25.07 -15.58
N ALA F 56 51.64 -26.37 -15.31
CA ALA F 56 50.91 -27.30 -16.16
C ALA F 56 49.42 -27.00 -16.11
N ARG F 57 48.80 -27.27 -14.96
CA ARG F 57 47.36 -27.05 -14.79
C ARG F 57 47.15 -25.54 -14.91
N PRO F 58 46.06 -25.12 -15.57
CA PRO F 58 44.96 -25.91 -16.10
C PRO F 58 45.11 -26.35 -17.56
N LYS F 59 46.06 -25.75 -18.28
CA LYS F 59 46.16 -25.91 -19.74
C LYS F 59 46.80 -27.23 -20.19
N PHE F 60 47.63 -27.83 -19.33
CA PHE F 60 48.36 -29.05 -19.66
C PHE F 60 48.39 -30.03 -18.48
N GLU F 61 48.77 -31.27 -18.73
CA GLU F 61 48.83 -32.28 -17.66
C GLU F 61 50.08 -32.13 -16.79
N GLN F 62 49.95 -32.54 -15.54
CA GLN F 62 51.04 -32.45 -14.56
C GLN F 62 51.84 -33.75 -14.58
N VAL F 63 53.07 -33.69 -15.08
CA VAL F 63 53.93 -34.86 -15.25
C VAL F 63 55.40 -34.48 -15.14
N ASN F 64 56.06 -34.92 -14.07
CA ASN F 64 57.51 -34.75 -13.95
C ASN F 64 58.23 -35.82 -14.78
N LEU F 65 59.23 -35.40 -15.54
CA LEU F 65 59.96 -36.30 -16.43
C LEU F 65 60.87 -37.22 -15.62
N LEU F 66 61.50 -36.69 -14.58
CA LEU F 66 62.39 -37.50 -13.74
C LEU F 66 61.62 -38.44 -12.78
N ASP F 67 60.29 -38.35 -12.75
CA ASP F 67 59.45 -39.35 -12.09
C ASP F 67 59.10 -40.43 -13.12
N SER F 68 59.85 -41.53 -13.11
CA SER F 68 59.78 -42.54 -14.18
C SER F 68 58.45 -43.31 -14.23
N ASN F 69 57.75 -43.38 -13.09
CA ASN F 69 56.46 -44.07 -13.03
C ASN F 69 55.36 -43.22 -13.67
N ALA F 70 55.20 -42.01 -13.16
CA ALA F 70 54.26 -41.01 -13.70
C ALA F 70 54.38 -40.81 -15.21
N VAL F 71 55.60 -40.87 -15.74
CA VAL F 71 55.82 -40.67 -17.18
C VAL F 71 55.12 -41.77 -17.97
N HIS F 72 55.42 -43.04 -17.67
CA HIS F 72 54.78 -44.16 -18.39
C HIS F 72 53.27 -44.19 -18.12
N HIS F 73 52.88 -43.70 -16.94
CA HIS F 73 51.48 -43.69 -16.56
C HIS F 73 50.61 -42.90 -17.56
N ILE F 74 51.15 -41.79 -18.08
CA ILE F 74 50.40 -40.97 -19.05
C ILE F 74 50.61 -41.43 -20.49
N ILE F 75 51.77 -42.01 -20.80
CA ILE F 75 52.01 -42.55 -22.14
C ILE F 75 51.14 -43.79 -22.35
N HIS F 76 51.08 -44.64 -21.34
CA HIS F 76 50.14 -45.76 -21.31
C HIS F 76 48.73 -45.24 -21.60
N ASP F 77 48.18 -44.46 -20.65
CA ASP F 77 46.78 -44.04 -20.71
C ASP F 77 46.40 -43.44 -22.06
N PHE F 78 47.13 -42.39 -22.46
CA PHE F 78 46.73 -41.59 -23.61
C PHE F 78 46.85 -42.34 -24.93
N GLN F 79 47.93 -43.12 -25.06
CA GLN F 79 48.21 -43.86 -26.29
C GLN F 79 48.65 -42.88 -27.41
N PRO F 80 49.84 -42.27 -27.25
CA PRO F 80 50.33 -41.30 -28.20
C PRO F 80 51.03 -41.98 -29.38
N HIS F 81 50.58 -41.69 -30.59
CA HIS F 81 51.21 -42.22 -31.80
C HIS F 81 52.56 -41.54 -32.08
N VAL F 82 52.61 -40.22 -31.85
CA VAL F 82 53.85 -39.45 -32.01
C VAL F 82 54.13 -38.58 -30.76
N ILE F 83 55.38 -38.56 -30.30
CA ILE F 83 55.77 -37.79 -29.12
C ILE F 83 56.83 -36.75 -29.50
N VAL F 84 56.91 -35.66 -28.73
CA VAL F 84 57.89 -34.61 -29.01
C VAL F 84 58.46 -33.96 -27.74
N HIS F 85 59.62 -34.46 -27.34
CA HIS F 85 60.35 -33.96 -26.19
C HIS F 85 60.95 -32.60 -26.54
N CYS F 86 60.82 -31.62 -25.65
CA CYS F 86 61.47 -30.32 -25.83
C CYS F 86 62.35 -30.00 -24.63
N ALA F 87 61.72 -30.00 -23.44
CA ALA F 87 62.34 -29.67 -22.14
C ALA F 87 63.75 -29.09 -22.21
N GLU F 89 62.99 -23.68 -21.00
CA GLU F 89 63.79 -23.23 -19.88
C GLU F 89 63.95 -21.71 -19.87
N ARG F 90 64.66 -21.17 -18.85
CA ARG F 90 65.06 -19.75 -18.80
C ARG F 90 66.43 -19.58 -19.45
N ARG F 91 66.42 -19.09 -20.69
CA ARG F 91 67.52 -19.34 -21.64
C ARG F 91 68.95 -19.13 -21.14
N PRO F 92 69.35 -17.88 -20.79
CA PRO F 92 70.73 -17.76 -20.31
C PRO F 92 70.86 -18.14 -18.82
N ASP F 93 71.79 -19.03 -18.40
CA ASP F 93 72.75 -19.80 -19.21
C ASP F 93 73.38 -18.99 -20.37
N VAL F 94 73.22 -19.41 -21.63
CA VAL F 94 74.02 -18.91 -22.77
C VAL F 94 75.37 -18.39 -22.26
N VAL F 95 75.99 -19.20 -21.40
CA VAL F 95 77.33 -18.96 -20.85
C VAL F 95 78.00 -20.35 -20.66
N GLU F 96 77.48 -21.17 -19.76
CA GLU F 96 78.17 -22.41 -19.35
C GLU F 96 78.06 -23.55 -20.35
N VAL F 107 71.17 -36.14 -18.60
CA VAL F 107 70.36 -35.18 -17.84
C VAL F 107 69.40 -35.84 -16.83
N ASP F 108 68.84 -37.05 -17.09
CA ASP F 108 69.08 -37.91 -18.28
C ASP F 108 67.82 -38.61 -18.84
N ALA F 109 66.72 -38.59 -18.06
CA ALA F 109 65.46 -39.22 -18.44
C ALA F 109 65.00 -38.81 -19.84
N SER F 110 65.68 -37.80 -20.40
CA SER F 110 65.71 -37.54 -21.83
C SER F 110 65.50 -38.82 -22.63
N GLY F 111 66.38 -39.80 -22.42
CA GLY F 111 66.35 -41.06 -23.17
C GLY F 111 65.45 -42.13 -22.59
N ASN F 112 65.41 -42.19 -21.26
CA ASN F 112 64.43 -43.01 -20.55
C ASN F 112 63.03 -42.81 -21.14
N LEU F 113 62.74 -41.59 -21.59
CA LEU F 113 61.51 -41.31 -22.32
C LEU F 113 61.44 -42.11 -23.62
N ALA F 114 62.54 -42.12 -24.39
CA ALA F 114 62.62 -42.87 -25.64
C ALA F 114 62.36 -44.36 -25.45
N LYS F 115 62.85 -44.91 -24.33
CA LYS F 115 62.59 -46.31 -23.96
C LYS F 115 61.07 -46.53 -23.88
N GLU F 116 60.42 -45.79 -22.99
CA GLU F 116 58.99 -45.89 -22.76
C GLU F 116 58.18 -45.56 -24.02
N ALA F 117 58.61 -44.54 -24.75
CA ALA F 117 57.88 -44.06 -25.93
C ALA F 117 57.94 -45.04 -27.09
N ALA F 118 59.09 -45.70 -27.22
CA ALA F 118 59.30 -46.68 -28.27
C ALA F 118 58.45 -47.92 -28.03
N ALA F 119 58.35 -48.36 -26.77
CA ALA F 119 57.53 -49.53 -26.42
C ALA F 119 56.11 -49.44 -27.02
N VAL F 120 55.40 -48.36 -26.74
CA VAL F 120 53.99 -48.21 -27.16
C VAL F 120 53.85 -47.83 -28.64
N GLY F 121 54.95 -47.85 -29.38
CA GLY F 121 54.94 -47.51 -30.80
C GLY F 121 54.68 -46.03 -31.02
N ALA F 122 55.48 -45.20 -30.37
CA ALA F 122 55.39 -43.74 -30.50
C ALA F 122 56.72 -43.16 -30.99
N PHE F 123 56.67 -42.47 -32.13
CA PHE F 123 57.88 -41.87 -32.74
C PHE F 123 58.36 -40.61 -31.96
N LEU F 124 59.45 -40.76 -31.20
CA LEU F 124 59.98 -39.68 -30.36
C LEU F 124 60.87 -38.72 -31.16
N ILE F 125 60.63 -37.42 -31.03
CA ILE F 125 61.47 -36.38 -31.67
C ILE F 125 62.24 -35.56 -30.63
N TYR F 126 63.48 -35.96 -30.36
CA TYR F 126 64.28 -35.38 -29.30
C TYR F 126 64.92 -34.08 -29.76
N ILE F 127 64.28 -32.96 -29.44
CA ILE F 127 64.78 -31.64 -29.86
C ILE F 127 66.13 -31.39 -29.21
N SER F 128 67.11 -30.97 -29.99
CA SER F 128 68.46 -30.77 -29.46
C SER F 128 69.13 -29.52 -30.02
N SER F 129 70.25 -29.17 -29.39
CA SER F 129 70.92 -27.91 -29.62
C SER F 129 72.07 -28.08 -30.61
N ASP F 130 72.35 -27.04 -31.38
CA ASP F 130 73.55 -27.03 -32.21
C ASP F 130 74.83 -27.06 -31.35
N TYR F 131 74.73 -26.53 -30.12
CA TYR F 131 75.87 -26.45 -29.19
C TYR F 131 76.63 -27.77 -28.95
N VAL F 132 76.14 -28.88 -29.51
CA VAL F 132 76.88 -30.15 -29.55
C VAL F 132 78.19 -30.09 -30.35
N PHE F 133 78.43 -29.01 -31.09
CA PHE F 133 79.57 -28.91 -32.00
C PHE F 133 80.77 -28.10 -31.48
N ASP F 134 81.79 -28.00 -32.33
CA ASP F 134 83.00 -27.24 -32.05
C ASP F 134 82.74 -25.76 -32.38
N GLY F 135 82.29 -25.51 -33.61
CA GLY F 135 82.02 -24.16 -34.10
C GLY F 135 83.22 -23.51 -34.79
N THR F 136 83.80 -24.22 -35.76
CA THR F 136 85.03 -23.79 -36.44
C THR F 136 84.90 -23.71 -37.96
N ASN F 137 84.07 -24.56 -38.55
CA ASN F 137 83.75 -24.46 -39.96
C ASN F 137 82.24 -24.49 -40.15
N PRO F 138 81.67 -23.49 -40.84
CA PRO F 138 80.27 -23.58 -41.23
C PRO F 138 80.14 -24.32 -42.56
N PRO F 139 79.12 -25.17 -42.71
CA PRO F 139 78.06 -25.53 -41.77
C PRO F 139 78.49 -26.68 -40.86
N TYR F 140 77.52 -27.34 -40.23
CA TYR F 140 77.71 -28.69 -39.70
C TYR F 140 76.57 -29.55 -40.27
N ARG F 141 76.88 -30.79 -40.66
CA ARG F 141 75.93 -31.65 -41.39
C ARG F 141 75.22 -32.65 -40.47
N GLU F 142 74.13 -33.25 -40.95
CA GLU F 142 73.46 -34.36 -40.25
C GLU F 142 74.46 -35.43 -39.79
N GLU F 143 75.65 -35.47 -40.40
CA GLU F 143 76.63 -36.52 -40.15
C GLU F 143 77.77 -36.07 -39.23
N ASP F 144 78.42 -34.95 -39.60
CA ASP F 144 79.65 -34.44 -38.96
C ASP F 144 79.99 -34.91 -37.53
N ILE F 145 81.28 -34.87 -37.23
CA ILE F 145 81.81 -35.27 -35.92
C ILE F 145 81.36 -34.27 -34.82
N PRO F 146 80.76 -34.78 -33.73
CA PRO F 146 80.41 -33.94 -32.57
C PRO F 146 81.56 -33.74 -31.59
N ALA F 147 81.80 -32.48 -31.18
CA ALA F 147 82.87 -32.16 -30.23
C ALA F 147 82.46 -30.93 -29.38
N PRO F 148 81.73 -31.17 -28.28
CA PRO F 148 81.18 -30.11 -27.42
C PRO F 148 82.21 -29.43 -26.53
N LEU F 149 82.15 -28.11 -26.44
CA LEU F 149 83.16 -27.33 -25.72
C LEU F 149 82.77 -26.96 -24.28
N ASN F 150 81.63 -27.44 -23.80
CA ASN F 150 81.06 -26.95 -22.54
C ASN F 150 80.26 -27.98 -21.74
N LEU F 151 79.74 -27.57 -20.59
CA LEU F 151 78.79 -28.37 -19.84
C LEU F 151 77.61 -28.74 -20.75
N TYR F 152 76.89 -27.71 -21.21
CA TYR F 152 75.63 -27.84 -21.97
C TYR F 152 75.81 -28.70 -23.22
N GLY F 153 76.61 -28.18 -24.17
CA GLY F 153 76.88 -28.90 -25.41
C GLY F 153 77.01 -30.39 -25.17
N LYS F 154 77.84 -30.76 -24.19
CA LYS F 154 78.16 -32.16 -23.93
C LYS F 154 76.90 -32.94 -23.62
N THR F 155 76.20 -32.53 -22.58
CA THR F 155 75.07 -33.31 -22.05
C THR F 155 73.83 -33.35 -23.00
N LYS F 156 73.83 -32.50 -24.03
CA LYS F 156 72.87 -32.64 -25.12
C LYS F 156 73.25 -33.83 -26.03
N LEU F 157 74.55 -34.11 -26.15
CA LEU F 157 75.05 -35.31 -26.85
C LEU F 157 74.63 -36.58 -26.10
N ASP F 158 74.96 -36.64 -24.81
CA ASP F 158 74.60 -37.76 -23.93
C ASP F 158 73.13 -38.15 -24.10
N GLY F 159 72.28 -37.13 -24.24
CA GLY F 159 70.85 -37.32 -24.45
C GLY F 159 70.52 -37.96 -25.80
N GLU F 160 71.30 -37.62 -26.82
CA GLU F 160 71.07 -38.17 -28.16
C GLU F 160 71.45 -39.65 -28.22
N LYS F 161 72.62 -39.97 -27.67
CA LYS F 161 73.03 -41.38 -27.51
C LYS F 161 71.92 -42.10 -26.75
N ALA F 162 71.76 -41.74 -25.48
CA ALA F 162 70.73 -42.33 -24.62
C ALA F 162 69.39 -42.54 -25.36
N VAL F 163 68.89 -41.48 -26.00
CA VAL F 163 67.64 -41.57 -26.75
C VAL F 163 67.74 -42.60 -27.86
N LEU F 164 68.80 -42.46 -28.67
CA LEU F 164 68.91 -43.22 -29.92
C LEU F 164 69.27 -44.70 -29.72
N GLU F 165 70.14 -45.01 -28.76
CA GLU F 165 70.55 -46.39 -28.52
C GLU F 165 69.49 -47.18 -27.74
N ASN F 166 68.71 -46.49 -26.89
CA ASN F 166 67.51 -47.11 -26.26
C ASN F 166 66.37 -47.32 -27.23
N ASN F 167 66.41 -46.59 -28.34
CA ASN F 167 65.49 -46.80 -29.43
C ASN F 167 66.03 -46.15 -30.70
N LEU F 168 66.54 -46.97 -31.62
CA LEU F 168 66.97 -46.47 -32.94
C LEU F 168 65.76 -46.43 -33.89
N GLY F 169 64.73 -45.68 -33.48
CA GLY F 169 63.58 -45.35 -34.31
C GLY F 169 63.11 -43.93 -34.02
N ALA F 170 64.07 -43.06 -33.71
CA ALA F 170 63.83 -41.72 -33.16
C ALA F 170 64.62 -40.63 -33.87
N ALA F 171 63.98 -39.48 -34.11
CA ALA F 171 64.64 -38.31 -34.73
C ALA F 171 65.25 -37.43 -33.64
N VAL F 172 66.41 -36.86 -33.93
CA VAL F 172 67.12 -36.00 -32.98
C VAL F 172 67.10 -34.54 -33.49
N LEU F 173 65.91 -34.06 -33.89
CA LEU F 173 65.75 -32.74 -34.55
C LEU F 173 66.45 -31.60 -33.82
N ARG F 174 67.46 -31.05 -34.46
CA ARG F 174 68.33 -30.08 -33.82
C ARG F 174 67.93 -28.69 -34.25
N ILE F 175 68.10 -27.75 -33.33
CA ILE F 175 67.66 -26.37 -33.50
C ILE F 175 68.71 -25.44 -32.94
N PRO F 176 68.73 -24.19 -33.43
CA PRO F 176 69.60 -23.16 -32.90
C PRO F 176 68.88 -22.37 -31.80
N ILE F 177 69.34 -21.15 -31.53
CA ILE F 177 68.72 -20.26 -30.55
C ILE F 177 67.27 -19.97 -30.94
N LEU F 178 66.38 -20.10 -29.96
CA LEU F 178 64.96 -19.91 -30.18
C LEU F 178 64.54 -18.59 -29.60
N TYR F 179 63.93 -17.76 -30.45
CA TYR F 179 63.02 -16.71 -30.02
C TYR F 179 61.62 -17.27 -30.25
N GLY F 180 60.62 -16.64 -29.64
CA GLY F 180 59.23 -17.03 -29.86
C GLY F 180 58.34 -16.00 -29.22
N GLU F 181 57.03 -16.25 -29.22
CA GLU F 181 56.09 -15.33 -28.59
C GLU F 181 56.00 -15.64 -27.09
N VAL F 182 56.73 -14.85 -26.31
CA VAL F 182 57.03 -15.18 -24.91
C VAL F 182 56.09 -14.49 -23.94
N GLU F 183 55.99 -15.08 -22.75
CA GLU F 183 55.17 -14.56 -21.66
C GLU F 183 55.99 -13.71 -20.72
N LYS F 184 57.24 -14.12 -20.44
CA LYS F 184 58.21 -13.29 -19.72
C LYS F 184 59.50 -13.22 -20.54
N LEU F 185 60.17 -12.07 -20.55
CA LEU F 185 61.36 -11.89 -21.39
C LEU F 185 62.40 -13.01 -21.23
N GLU F 186 62.77 -13.31 -19.98
CA GLU F 186 63.80 -14.35 -19.69
C GLU F 186 63.60 -15.72 -20.35
N GLU F 187 62.41 -15.95 -20.90
CA GLU F 187 62.08 -17.16 -21.67
C GLU F 187 62.87 -17.34 -22.97
N SER F 188 63.59 -16.32 -23.41
CA SER F 188 64.39 -16.43 -24.63
C SER F 188 65.61 -15.53 -24.54
N ALA F 189 66.75 -16.01 -25.05
CA ALA F 189 68.01 -15.25 -25.03
C ALA F 189 68.02 -14.12 -26.07
N VAL F 190 67.13 -14.24 -27.05
CA VAL F 190 66.88 -13.18 -28.00
C VAL F 190 66.12 -12.07 -27.30
N THR F 191 65.08 -12.45 -26.53
CA THR F 191 64.13 -11.47 -25.95
C THR F 191 64.65 -10.72 -24.71
N VAL F 192 65.43 -11.38 -23.85
CA VAL F 192 66.01 -10.75 -22.63
C VAL F 192 66.62 -9.38 -22.92
N MET F 193 67.15 -9.24 -24.14
CA MET F 193 67.78 -8.01 -24.62
C MET F 193 66.84 -6.82 -24.76
N PHE F 194 65.54 -7.08 -24.88
CA PHE F 194 64.62 -6.01 -25.20
C PHE F 194 64.65 -4.85 -24.21
N ASP F 195 64.80 -5.12 -22.92
CA ASP F 195 64.91 -4.01 -21.97
C ASP F 195 66.08 -3.12 -22.38
N LYS F 196 67.23 -3.75 -22.58
CA LYS F 196 68.43 -3.04 -22.98
C LYS F 196 68.19 -2.18 -24.22
N VAL F 197 67.45 -2.72 -25.18
CA VAL F 197 67.17 -2.03 -26.44
C VAL F 197 66.27 -0.80 -26.27
N GLN F 198 65.35 -0.85 -25.30
CA GLN F 198 64.40 0.23 -25.10
C GLN F 198 65.07 1.45 -24.46
N PHE F 199 65.63 1.23 -23.27
CA PHE F 199 66.19 2.33 -22.48
C PHE F 199 67.44 2.89 -23.15
N SER F 200 67.32 4.05 -23.78
CA SER F 200 68.47 4.78 -24.32
C SER F 200 69.33 5.35 -23.19
N ASN F 201 68.66 5.83 -22.14
CA ASN F 201 69.34 6.42 -20.97
C ASN F 201 70.41 5.50 -20.35
N LYS F 202 70.22 4.19 -20.50
CA LYS F 202 71.26 3.22 -20.16
C LYS F 202 71.97 2.84 -21.44
N SER F 203 73.29 2.73 -21.36
CA SER F 203 74.04 2.11 -22.44
C SER F 203 74.53 0.73 -21.94
N ALA F 204 74.45 -0.25 -22.83
CA ALA F 204 74.99 -1.55 -22.54
C ALA F 204 75.69 -2.05 -23.80
N ASN F 205 76.60 -3.01 -23.60
CA ASN F 205 77.32 -3.64 -24.70
C ASN F 205 76.49 -4.80 -25.23
N MET F 206 76.92 -5.36 -26.35
CA MET F 206 76.19 -6.43 -27.02
C MET F 206 77.19 -7.33 -27.77
N ASP F 207 77.04 -8.64 -27.62
CA ASP F 207 78.00 -9.62 -28.14
C ASP F 207 77.98 -9.75 -29.68
N HIS F 208 79.08 -9.36 -30.32
CA HIS F 208 79.28 -9.54 -31.76
C HIS F 208 80.37 -10.60 -32.10
N TRP F 209 81.23 -10.92 -31.11
CA TRP F 209 82.26 -11.96 -31.25
C TRP F 209 81.66 -13.30 -31.69
N GLN F 210 80.69 -13.79 -30.92
CA GLN F 210 80.02 -15.05 -31.20
C GLN F 210 78.90 -14.86 -32.23
N GLN F 211 78.99 -15.60 -33.34
CA GLN F 211 77.93 -15.62 -34.34
C GLN F 211 76.70 -16.38 -33.81
N ARG F 212 75.49 -16.02 -34.28
CA ARG F 212 74.22 -16.60 -33.77
C ARG F 212 73.18 -16.87 -34.87
N PHE F 213 72.12 -17.60 -34.53
CA PHE F 213 71.13 -18.04 -35.54
C PHE F 213 69.66 -18.11 -35.07
N PRO F 214 69.01 -16.95 -34.91
CA PRO F 214 67.62 -16.92 -34.43
C PRO F 214 66.67 -17.77 -35.25
N THR F 215 65.77 -18.49 -34.56
CA THR F 215 64.77 -19.36 -35.20
C THR F 215 63.45 -19.28 -34.41
N HIS F 216 62.33 -19.12 -35.11
CA HIS F 216 61.01 -19.06 -34.46
C HIS F 216 60.60 -20.46 -33.99
N VAL F 217 60.13 -20.56 -32.75
CA VAL F 217 59.57 -21.80 -32.24
C VAL F 217 58.28 -22.17 -32.98
N LYS F 218 57.63 -21.17 -33.57
CA LYS F 218 56.44 -21.39 -34.38
C LYS F 218 56.78 -22.14 -35.67
N ASP F 219 58.02 -21.95 -36.14
CA ASP F 219 58.56 -22.65 -37.32
C ASP F 219 59.04 -24.06 -36.97
N VAL F 220 59.84 -24.18 -35.92
CA VAL F 220 60.21 -25.51 -35.36
C VAL F 220 58.95 -26.32 -35.01
N ALA F 221 57.89 -25.65 -34.56
CA ALA F 221 56.59 -26.29 -34.31
C ALA F 221 56.05 -26.97 -35.56
N THR F 222 56.31 -26.37 -36.72
CA THR F 222 55.79 -26.86 -37.99
C THR F 222 56.69 -27.93 -38.60
N VAL F 223 57.99 -27.79 -38.39
CA VAL F 223 58.93 -28.81 -38.83
C VAL F 223 58.70 -30.11 -38.05
N CYS F 224 58.38 -29.97 -36.76
CA CYS F 224 58.03 -31.12 -35.91
C CYS F 224 56.70 -31.76 -36.32
N ARG F 225 55.80 -30.93 -36.85
CA ARG F 225 54.46 -31.38 -37.23
C ARG F 225 54.49 -32.14 -38.53
N GLN F 226 55.35 -31.70 -39.45
CA GLN F 226 55.40 -32.27 -40.78
C GLN F 226 56.33 -33.49 -40.84
N LEU F 227 57.32 -33.53 -39.96
CA LEU F 227 58.16 -34.72 -39.75
C LEU F 227 57.40 -35.84 -39.00
N ALA F 228 56.14 -35.60 -38.70
CA ALA F 228 55.24 -36.59 -38.10
C ALA F 228 54.16 -37.03 -39.09
N GLU F 229 53.56 -36.07 -39.80
CA GLU F 229 52.62 -36.40 -40.87
C GLU F 229 53.32 -37.17 -41.99
N LYS F 230 54.65 -37.06 -42.03
CA LYS F 230 55.48 -37.76 -43.00
C LYS F 230 56.11 -39.03 -42.38
N ARG F 231 55.54 -39.54 -41.30
CA ARG F 231 55.96 -40.84 -40.73
C ARG F 231 54.99 -41.97 -41.10
N MET F 232 54.22 -41.70 -42.15
CA MET F 232 53.26 -42.62 -42.75
C MET F 232 53.60 -42.72 -44.24
N LEU F 233 53.77 -41.56 -44.90
CA LEU F 233 54.32 -41.44 -46.27
C LEU F 233 55.76 -42.03 -46.38
N ASP F 234 56.43 -42.21 -45.24
CA ASP F 234 57.59 -43.10 -45.14
C ASP F 234 57.61 -43.74 -43.75
N PRO F 235 57.26 -45.04 -43.66
CA PRO F 235 57.31 -45.74 -42.36
C PRO F 235 58.71 -46.14 -41.78
N SER F 236 59.76 -45.35 -42.03
CA SER F 236 61.02 -45.51 -41.27
C SER F 236 61.94 -44.29 -41.45
N ILE F 237 61.88 -43.36 -40.48
CA ILE F 237 62.65 -42.11 -40.47
C ILE F 237 63.25 -41.89 -39.08
N LYS F 238 64.50 -41.45 -39.01
CA LYS F 238 65.23 -41.46 -37.74
C LYS F 238 66.64 -40.86 -37.88
N GLY F 239 67.60 -41.37 -37.13
CA GLY F 239 69.03 -41.16 -37.38
C GLY F 239 69.47 -39.71 -37.54
N THR F 240 68.97 -38.84 -36.65
CA THR F 240 69.35 -37.41 -36.62
C THR F 240 68.73 -36.58 -37.76
N PHE F 241 68.41 -35.34 -37.42
CA PHE F 241 67.82 -34.36 -38.33
C PHE F 241 68.28 -32.97 -37.90
N HIS F 242 68.46 -32.07 -38.87
CA HIS F 242 68.90 -30.71 -38.58
C HIS F 242 67.87 -29.71 -39.14
N TRP F 243 67.53 -28.70 -38.35
CA TRP F 243 66.68 -27.57 -38.82
C TRP F 243 66.99 -26.25 -38.12
N SER F 244 67.03 -25.18 -38.92
CA SER F 244 67.35 -23.83 -38.45
C SER F 244 66.68 -22.79 -39.34
N GLY F 245 66.85 -21.53 -38.99
CA GLY F 245 66.33 -20.42 -39.77
C GLY F 245 67.43 -19.80 -40.61
N ASN F 246 67.06 -19.31 -41.78
CA ASN F 246 68.01 -18.84 -42.80
C ASN F 246 68.49 -17.40 -42.61
N GLU F 247 68.67 -16.98 -41.36
CA GLU F 247 68.92 -15.57 -41.04
C GLU F 247 70.03 -15.45 -40.00
N GLN F 248 71.23 -15.15 -40.50
CA GLN F 248 72.45 -15.19 -39.71
C GLN F 248 72.62 -13.84 -39.01
N MET F 249 72.75 -13.84 -37.68
CA MET F 249 72.94 -12.61 -36.90
C MET F 249 73.82 -12.86 -35.69
N THR F 250 74.11 -11.79 -34.94
CA THR F 250 74.72 -11.90 -33.61
C THR F 250 73.88 -11.10 -32.62
N LYS F 251 74.05 -11.37 -31.32
CA LYS F 251 73.31 -10.64 -30.28
C LYS F 251 73.15 -9.17 -30.66
N TYR F 252 74.22 -8.56 -31.14
CA TYR F 252 74.20 -7.16 -31.55
C TYR F 252 73.32 -6.91 -32.77
N GLU F 253 73.48 -7.73 -33.80
CA GLU F 253 72.76 -7.52 -35.07
C GLU F 253 71.26 -7.75 -34.90
N MET F 254 70.93 -8.66 -33.98
CA MET F 254 69.54 -8.88 -33.59
C MET F 254 68.97 -7.62 -32.93
N ALA F 255 69.67 -7.14 -31.90
CA ALA F 255 69.28 -5.93 -31.15
C ALA F 255 68.88 -4.76 -32.05
N CYS F 256 69.66 -4.54 -33.11
CA CYS F 256 69.42 -3.41 -34.01
C CYS F 256 68.27 -3.65 -34.98
N ALA F 257 68.02 -4.91 -35.32
CA ALA F 257 66.81 -5.27 -36.04
C ALA F 257 65.59 -4.93 -35.17
N ILE F 258 65.66 -5.36 -33.91
CA ILE F 258 64.60 -5.18 -32.89
C ILE F 258 64.28 -3.70 -32.59
N ALA F 259 65.30 -2.86 -32.57
CA ALA F 259 65.09 -1.42 -32.51
C ALA F 259 64.34 -1.00 -33.75
N ASP F 260 64.82 -1.47 -34.91
CA ASP F 260 64.30 -1.03 -36.22
C ASP F 260 62.93 -1.60 -36.53
N ALA F 261 62.45 -2.56 -35.73
CA ALA F 261 61.07 -3.09 -35.86
C ALA F 261 60.06 -2.15 -35.18
N PHE F 262 60.42 -1.67 -33.98
CA PHE F 262 59.61 -0.68 -33.26
C PHE F 262 60.08 0.74 -33.53
N ASN F 263 61.17 0.87 -34.29
CA ASN F 263 61.72 2.14 -34.74
C ASN F 263 62.32 2.97 -33.61
N LEU F 264 63.22 2.32 -32.87
CA LEU F 264 63.85 2.92 -31.70
C LEU F 264 65.28 3.39 -31.96
N PRO F 265 65.82 4.25 -31.06
CA PRO F 265 67.25 4.53 -31.05
C PRO F 265 68.08 3.26 -30.95
N SER F 266 69.05 3.12 -31.84
CA SER F 266 69.88 1.93 -31.91
C SER F 266 71.26 2.12 -31.26
N SER F 267 71.66 3.37 -31.05
CA SER F 267 73.06 3.71 -30.76
C SER F 267 73.36 3.99 -29.30
N HIS F 268 72.99 3.07 -28.41
CA HIS F 268 73.47 3.08 -27.04
C HIS F 268 74.21 1.76 -26.79
N LEU F 269 74.48 1.06 -27.88
CA LEU F 269 74.77 -0.35 -27.83
C LEU F 269 76.17 -0.60 -28.37
N ARG F 270 77.11 -0.91 -27.47
CA ARG F 270 78.46 -1.25 -27.90
C ARG F 270 78.41 -2.64 -28.57
N PRO F 271 79.00 -2.78 -29.77
CA PRO F 271 79.43 -4.13 -30.13
C PRO F 271 80.66 -4.55 -29.32
N ILE F 272 81.03 -5.82 -29.43
CA ILE F 272 82.33 -6.30 -28.93
C ILE F 272 82.84 -7.40 -29.88
N THR F 273 84.16 -7.62 -29.91
CA THR F 273 84.70 -8.85 -30.48
C THR F 273 85.69 -9.51 -29.50
N ASP F 274 85.53 -9.20 -28.20
CA ASP F 274 86.21 -9.90 -27.11
C ASP F 274 85.43 -11.17 -26.73
N SER F 275 85.99 -11.98 -25.82
CA SER F 275 85.32 -13.18 -25.31
C SER F 275 85.08 -13.09 -23.80
N PRO F 276 84.10 -12.26 -23.36
CA PRO F 276 83.93 -11.91 -21.93
C PRO F 276 83.68 -13.10 -21.00
N ALA F 280 85.94 -17.59 -21.99
CA ALA F 280 86.29 -18.56 -23.03
C ALA F 280 85.65 -19.94 -22.76
N GLN F 281 84.51 -20.21 -23.41
CA GLN F 281 83.76 -21.46 -23.25
C GLN F 281 82.94 -21.82 -24.52
N ARG F 282 82.13 -20.86 -24.98
CA ARG F 282 81.18 -21.04 -26.07
C ARG F 282 81.84 -21.41 -27.41
N PRO F 283 81.06 -21.97 -28.36
CA PRO F 283 81.46 -21.98 -29.77
C PRO F 283 81.34 -20.60 -30.37
N ARG F 284 82.11 -20.34 -31.43
CA ARG F 284 82.02 -19.10 -32.18
C ARG F 284 81.40 -19.41 -33.56
N ASN F 285 80.12 -19.76 -33.53
CA ASN F 285 79.34 -20.27 -34.66
C ASN F 285 79.11 -21.77 -34.47
N ALA F 286 78.07 -22.26 -35.14
CA ALA F 286 77.87 -23.67 -35.40
C ALA F 286 77.17 -23.75 -36.75
N GLN F 287 75.95 -23.21 -36.82
CA GLN F 287 75.12 -23.24 -38.02
C GLN F 287 74.74 -24.67 -38.38
N LEU F 288 73.47 -24.87 -38.74
CA LEU F 288 72.96 -26.19 -39.08
C LEU F 288 72.82 -26.33 -40.60
N ASP F 289 72.50 -27.54 -41.03
CA ASP F 289 72.46 -27.88 -42.44
C ASP F 289 71.22 -28.74 -42.72
N CYS F 290 70.23 -28.14 -43.37
CA CYS F 290 68.89 -28.71 -43.44
C CYS F 290 68.59 -29.43 -44.75
N SER F 291 69.64 -29.97 -45.38
CA SER F 291 69.49 -30.68 -46.65
C SER F 291 68.36 -31.71 -46.58
N LYS F 292 68.59 -32.75 -45.80
CA LYS F 292 67.67 -33.88 -45.75
C LYS F 292 66.24 -33.41 -45.51
N LEU F 293 66.07 -32.48 -44.58
CA LEU F 293 64.74 -32.12 -44.07
C LEU F 293 63.93 -31.21 -45.01
N GLU F 294 64.62 -30.36 -45.78
CA GLU F 294 63.99 -29.51 -46.80
C GLU F 294 63.43 -30.34 -47.96
N THR F 295 64.05 -31.51 -48.18
CA THR F 295 63.83 -32.40 -49.33
C THR F 295 62.40 -32.94 -49.49
N LEU F 296 61.69 -33.03 -48.37
CA LEU F 296 60.42 -33.76 -48.32
C LEU F 296 59.24 -32.79 -48.17
N GLY F 297 59.47 -31.52 -48.51
CA GLY F 297 58.46 -30.47 -48.33
C GLY F 297 58.22 -30.12 -46.88
N ILE F 298 59.26 -30.23 -46.05
CA ILE F 298 59.17 -29.99 -44.59
C ILE F 298 60.02 -28.75 -44.25
N GLY F 299 59.34 -27.61 -44.09
CA GLY F 299 60.00 -26.38 -43.70
C GLY F 299 59.03 -25.23 -43.54
N GLN F 300 59.46 -24.22 -42.79
CA GLN F 300 58.73 -22.95 -42.68
C GLN F 300 59.65 -21.92 -42.04
N ARG F 301 59.66 -20.70 -42.58
CA ARG F 301 60.52 -19.65 -42.06
C ARG F 301 59.82 -18.30 -42.04
N THR F 302 59.37 -17.88 -40.85
CA THR F 302 58.82 -16.56 -40.65
C THR F 302 60.00 -15.59 -40.57
N PRO F 303 59.94 -14.49 -41.33
CA PRO F 303 61.02 -13.50 -41.26
C PRO F 303 61.21 -12.89 -39.87
N PHE F 304 62.46 -12.65 -39.49
CA PHE F 304 62.80 -12.11 -38.17
C PHE F 304 62.29 -10.70 -37.93
N ARG F 305 62.18 -9.89 -38.98
CA ARG F 305 61.49 -8.60 -38.92
C ARG F 305 60.20 -8.79 -38.14
N ILE F 306 59.35 -9.67 -38.69
CA ILE F 306 58.01 -9.88 -38.19
C ILE F 306 58.02 -10.77 -36.97
N GLY F 307 58.66 -11.95 -37.12
CA GLY F 307 58.78 -12.90 -36.03
C GLY F 307 58.92 -12.21 -34.69
N ILE F 308 59.98 -11.41 -34.55
CA ILE F 308 60.29 -10.72 -33.30
C ILE F 308 59.37 -9.54 -33.00
N LYS F 309 58.92 -8.82 -34.03
CA LYS F 309 58.04 -7.68 -33.82
C LYS F 309 56.73 -8.13 -33.19
N GLU F 310 56.19 -9.24 -33.71
CA GLU F 310 54.99 -9.88 -33.15
C GLU F 310 55.19 -10.45 -31.75
N SER F 311 56.42 -10.79 -31.37
CA SER F 311 56.70 -11.40 -30.07
C SER F 311 56.78 -10.41 -28.93
N LEU F 312 57.42 -9.27 -29.19
CA LEU F 312 57.86 -8.35 -28.13
C LEU F 312 57.05 -7.06 -27.96
N TRP F 313 55.96 -6.90 -28.70
CA TRP F 313 55.12 -5.70 -28.51
C TRP F 313 54.48 -5.58 -27.11
N PRO F 314 54.16 -6.71 -26.45
CA PRO F 314 53.60 -6.57 -25.10
C PRO F 314 54.59 -6.05 -24.06
N PHE F 315 55.89 -6.14 -24.35
CA PHE F 315 56.92 -5.72 -23.40
C PHE F 315 57.50 -4.37 -23.75
N LEU F 316 56.83 -3.63 -24.63
CA LEU F 316 57.08 -2.19 -24.72
C LEU F 316 56.79 -1.59 -23.34
N ILE F 317 57.66 -0.70 -22.89
CA ILE F 317 57.44 0.07 -21.66
C ILE F 317 55.96 0.52 -21.54
N ASP F 318 55.50 1.25 -22.54
CA ASP F 318 54.17 1.84 -22.50
C ASP F 318 53.05 0.85 -22.40
N LYS F 319 53.25 -0.36 -22.91
CA LYS F 319 52.26 -1.41 -22.72
C LYS F 319 52.42 -2.04 -21.34
N ARG F 320 53.65 -2.13 -20.83
CA ARG F 320 53.87 -2.62 -19.46
C ARG F 320 53.24 -1.71 -18.41
N TRP F 321 53.39 -0.39 -18.57
CA TRP F 321 52.73 0.57 -17.68
C TRP F 321 51.21 0.47 -17.65
N ARG F 322 50.63 -0.20 -18.63
CA ARG F 322 49.20 -0.17 -18.86
C ARG F 322 48.54 -1.49 -18.44
N GLN F 323 49.35 -2.46 -17.98
CA GLN F 323 48.94 -3.87 -17.75
C GLN F 323 48.68 -4.21 -16.27
N THR F 324 47.49 -3.91 -15.78
CA THR F 324 47.14 -4.08 -14.38
C THR F 324 45.77 -4.70 -14.20
N VAL F 325 45.52 -5.37 -13.07
CA VAL F 325 44.24 -6.06 -12.91
C VAL F 325 43.08 -5.07 -12.97
N PHE F 326 43.25 -3.93 -12.32
CA PHE F 326 42.23 -2.90 -12.42
C PHE F 326 42.77 -1.71 -13.17
N HIS F 327 41.85 -0.94 -13.71
CA HIS F 327 42.14 0.27 -14.47
C HIS F 327 42.46 1.44 -13.55
C1 EDO G . 50.12 -4.12 -9.80
O1 EDO G . 49.42 -2.90 -10.13
C2 EDO G . 49.53 -5.28 -10.60
O2 EDO G . 48.10 -5.16 -10.71
C1 EDO H . 7.70 14.69 15.13
O1 EDO H . 6.88 13.59 14.70
C2 EDO H . 7.44 15.93 14.29
O2 EDO H . 8.64 16.72 14.12
O5' ADN I . 15.09 10.58 -13.74
C5' ADN I . 15.06 10.16 -12.37
C4' ADN I . 16.05 10.94 -11.50
O4' ADN I . 16.55 12.10 -12.20
C3' ADN I . 15.44 11.47 -10.19
O3' ADN I . 15.87 10.69 -9.07
C2' ADN I . 15.87 12.92 -10.07
O2' ADN I . 16.95 13.13 -9.17
C1' ADN I . 16.31 13.32 -11.47
N9 ADN I . 15.26 14.12 -12.18
C8 ADN I . 13.91 14.12 -11.98
N7 ADN I . 13.29 14.99 -12.81
C5 ADN I . 14.27 15.55 -13.58
C6 ADN I . 14.32 16.53 -14.67
N6 ADN I . 13.19 17.13 -15.14
N1 ADN I . 15.54 16.83 -15.18
C2 ADN I . 16.69 16.25 -14.75
N3 ADN I . 16.70 15.35 -13.76
C4 ADN I . 15.55 14.96 -13.15
P PO4 J . 17.91 5.90 -10.67
O1 PO4 J . 18.44 7.18 -10.04
O2 PO4 J . 18.07 4.76 -9.68
O3 PO4 J . 16.45 6.12 -10.98
O4 PO4 J . 18.67 5.57 -11.94
C1 EDO K . 40.98 7.54 -24.84
O1 EDO K . 41.65 6.27 -24.85
C2 EDO K . 39.61 7.31 -24.22
O2 EDO K . 38.93 8.52 -23.88
C1 EDO L . -5.14 -4.04 -10.10
O1 EDO L . -4.23 -4.02 -11.20
C2 EDO L . -4.73 -3.02 -9.06
O2 EDO L . -3.34 -2.72 -9.21
C1 EDO M . -3.37 -7.30 -1.31
O1 EDO M . -4.30 -7.32 -0.22
C2 EDO M . -4.12 -7.06 -2.61
O2 EDO M . -3.65 -7.99 -3.58
C1 EDO N . 12.39 8.20 -14.89
O1 EDO N . 11.65 8.74 -15.99
C2 EDO N . 11.44 7.79 -13.76
O2 EDO N . 10.81 8.95 -13.20
C1 EDO O . -25.31 1.33 21.16
O1 EDO O . -26.22 1.31 22.24
C2 EDO O . -24.30 2.44 21.35
O2 EDO O . -24.90 3.48 22.13
C1 EDO P . -9.57 14.55 38.05
O1 EDO P . -10.21 13.97 36.90
C2 EDO P . -9.61 13.59 39.24
O2 EDO P . -10.65 14.00 40.15
O5' ADN Q . -19.49 -11.42 1.11
C5' ADN Q . -18.34 -11.18 1.95
C4' ADN Q . -18.41 -11.87 3.33
O4' ADN Q . -19.18 -13.09 3.31
C3' ADN Q . -17.04 -12.26 3.90
O3' ADN Q . -16.58 -11.43 4.96
C2' ADN Q . -17.18 -13.67 4.43
O2' ADN Q . -17.38 -13.62 5.84
C1' ADN Q . -18.40 -14.23 3.71
N9 ADN Q . -18.01 -15.00 2.49
C8 ADN Q . -16.86 -14.87 1.76
N7 ADN Q . -16.84 -15.73 0.71
C5 ADN Q . -17.99 -16.41 0.75
C6 ADN Q . -18.61 -17.45 -0.08
N6 ADN Q . -17.93 -17.92 -1.16
N1 ADN Q . -19.82 -17.91 0.28
C2 ADN Q . -20.48 -17.42 1.36
N3 ADN Q . -19.97 -16.46 2.16
C4 ADN Q . -18.76 -15.93 1.91
P1 POP R . -22.18 -7.13 6.20
O1 POP R . -23.45 -7.45 5.44
O2 POP R . -22.03 -7.99 7.42
O3 POP R . -21.95 -5.65 6.43
O POP R . -20.99 -7.54 5.18
P2 POP R . -19.39 -7.62 5.50
O4 POP R . -19.33 -8.27 6.85
O5 POP R . -18.89 -6.18 5.47
O6 POP R . -18.85 -8.49 4.40
C1 EDO S . -0.08 22.30 8.70
O1 EDO S . 1.06 21.54 8.28
C2 EDO S . -0.65 21.72 9.99
O2 EDO S . 0.31 20.79 10.55
C1 EDO T . -18.21 -9.40 -1.89
O1 EDO T . -17.48 -9.20 -0.67
C2 EDO T . -17.33 -9.12 -3.11
O2 EDO T . -16.13 -9.92 -3.06
C1 EDO U . -44.97 -8.42 9.27
O1 EDO U . -43.93 -8.71 10.21
C2 EDO U . -46.01 -7.52 9.89
O2 EDO U . -45.91 -7.68 11.30
MG MG V . -20.48 -3.47 6.26
C1 EDO W . -70.59 16.76 28.37
O1 EDO W . -70.57 18.07 27.79
C2 EDO W . -69.52 16.65 29.44
O2 EDO W . -69.71 17.69 30.41
#